data_2XAT
# 
_entry.id   2XAT 
# 
_audit_conform.dict_name       mmcif_pdbx.dic 
_audit_conform.dict_version    5.387 
_audit_conform.dict_location   http://mmcif.pdb.org/dictionaries/ascii/mmcif_pdbx.dic 
# 
loop_
_database_2.database_id 
_database_2.database_code 
_database_2.pdbx_database_accession 
_database_2.pdbx_DOI 
PDB   2XAT         pdb_00002xat 10.2210/pdb2xat/pdb 
WWPDB D_1000178753 ?            ?                   
# 
loop_
_pdbx_audit_revision_history.ordinal 
_pdbx_audit_revision_history.data_content_type 
_pdbx_audit_revision_history.major_revision 
_pdbx_audit_revision_history.minor_revision 
_pdbx_audit_revision_history.revision_date 
1 'Structure model' 1 0 1998-06-17 
2 'Structure model' 1 1 2008-03-25 
3 'Structure model' 1 2 2011-07-13 
4 'Structure model' 1 3 2024-02-21 
# 
_pdbx_audit_revision_details.ordinal             1 
_pdbx_audit_revision_details.revision_ordinal    1 
_pdbx_audit_revision_details.data_content_type   'Structure model' 
_pdbx_audit_revision_details.provider            repository 
_pdbx_audit_revision_details.type                'Initial release' 
_pdbx_audit_revision_details.description         ? 
_pdbx_audit_revision_details.details             ? 
# 
loop_
_pdbx_audit_revision_group.ordinal 
_pdbx_audit_revision_group.revision_ordinal 
_pdbx_audit_revision_group.data_content_type 
_pdbx_audit_revision_group.group 
1 2 'Structure model' 'Version format compliance' 
2 3 'Structure model' 'Derived calculations'      
3 3 'Structure model' 'Version format compliance' 
4 4 'Structure model' 'Data collection'           
5 4 'Structure model' 'Database references'       
6 4 'Structure model' 'Derived calculations'      
# 
loop_
_pdbx_audit_revision_category.ordinal 
_pdbx_audit_revision_category.revision_ordinal 
_pdbx_audit_revision_category.data_content_type 
_pdbx_audit_revision_category.category 
1 4 'Structure model' chem_comp_atom     
2 4 'Structure model' chem_comp_bond     
3 4 'Structure model' database_2         
4 4 'Structure model' struct_ref_seq_dif 
5 4 'Structure model' struct_site        
# 
loop_
_pdbx_audit_revision_item.ordinal 
_pdbx_audit_revision_item.revision_ordinal 
_pdbx_audit_revision_item.data_content_type 
_pdbx_audit_revision_item.item 
1 4 'Structure model' '_database_2.pdbx_DOI'                
2 4 'Structure model' '_database_2.pdbx_database_accession' 
3 4 'Structure model' '_struct_ref_seq_dif.details'         
4 4 'Structure model' '_struct_site.pdbx_auth_asym_id'      
5 4 'Structure model' '_struct_site.pdbx_auth_comp_id'      
6 4 'Structure model' '_struct_site.pdbx_auth_seq_id'       
# 
_pdbx_database_status.status_code                     REL 
_pdbx_database_status.entry_id                        2XAT 
_pdbx_database_status.recvd_initial_deposition_date   1998-03-11 
_pdbx_database_status.deposit_site                    ? 
_pdbx_database_status.process_site                    BNL 
_pdbx_database_status.SG_entry                        . 
_pdbx_database_status.pdb_format_compatible           Y 
_pdbx_database_status.status_code_mr                  ? 
_pdbx_database_status.status_code_sf                  ? 
_pdbx_database_status.status_code_cs                  ? 
_pdbx_database_status.status_code_nmr_data            ? 
_pdbx_database_status.methods_development_category    ? 
# 
loop_
_audit_author.name 
_audit_author.pdbx_ordinal 
'Beaman, T.W.'   1 
'Sugantino, M.'  2 
'Roderick, S.L.' 3 
# 
loop_
_citation.id 
_citation.title 
_citation.journal_abbrev 
_citation.journal_volume 
_citation.page_first 
_citation.page_last 
_citation.year 
_citation.journal_id_ASTM 
_citation.country 
_citation.journal_id_ISSN 
_citation.journal_id_CSD 
_citation.book_publisher 
_citation.pdbx_database_id_PubMed 
_citation.pdbx_database_id_DOI 
primary 'Structure of the hexapeptide xenobiotic acetyltransferase from Pseudomonas aeruginosa.'       Biochemistry 37 6689 6696 
1998 BICHAW US 0006-2960 0033 ? 9578552 10.1021/bi980106v 
1       'Purification and Crystallization of Pseudomonas Aeruginosa Chloramphenicol Acetyltransferase' Proteins     28 298  ?    
1997 PSFGEY US 0887-3585 0867 ? ?       ?                 
# 
loop_
_citation_author.citation_id 
_citation_author.name 
_citation_author.ordinal 
_citation_author.identifier_ORCID 
primary 'Beaman, T.W.'   1 ? 
primary 'Sugantino, M.'  2 ? 
primary 'Roderick, S.L.' 3 ? 
1       'Tian, Y.'       4 ? 
1       'Beaman, T.W.'   5 ? 
1       'Roderick, S.L.' 6 ? 
# 
loop_
_entity.id 
_entity.type 
_entity.src_method 
_entity.pdbx_description 
_entity.formula_weight 
_entity.pdbx_number_of_molecules 
_entity.pdbx_ec 
_entity.pdbx_mutation 
_entity.pdbx_fragment 
_entity.details 
1 polymer     man 'XENOBIOTIC ACETYLTRANSFERASE' 23506.443 1 ? ? ? ? 
2 non-polymer syn CHLORAMPHENICOL                323.129   1 ? ? ? ? 
3 non-polymer syn 'DESULFO-COENZYME A'           735.469   1 ? ? ? ? 
# 
_entity_poly.entity_id                      1 
_entity_poly.type                           'polypeptide(L)' 
_entity_poly.nstd_linkage                   no 
_entity_poly.nstd_monomer                   no 
_entity_poly.pdbx_seq_one_letter_code       
;MGNYFESPFRGKLLSEQVSNPNIRVGRYSYYSGYYHGHSFDDCARYLMPDRDDVDKLVIGSFCSIGSGAAFIMAGNQGHR
AEWASTFPFHFMHEEPAFAGAVNGYQPAGDTLIGHEVWIGTEAMFMPGVRVGHGAIIGSRALVTGDVEPYAIVGGNPART
IRKRFSDGDIQNLLEMAWWDWPLADIEAAMPLLCTGDIPALYQHWKQRQATA
;
_entity_poly.pdbx_seq_one_letter_code_can   
;MGNYFESPFRGKLLSEQVSNPNIRVGRYSYYSGYYHGHSFDDCARYLMPDRDDVDKLVIGSFCSIGSGAAFIMAGNQGHR
AEWASTFPFHFMHEEPAFAGAVNGYQPAGDTLIGHEVWIGTEAMFMPGVRVGHGAIIGSRALVTGDVEPYAIVGGNPART
IRKRFSDGDIQNLLEMAWWDWPLADIEAAMPLLCTGDIPALYQHWKQRQATA
;
_entity_poly.pdbx_strand_id                 A 
_entity_poly.pdbx_target_identifier         ? 
# 
loop_
_pdbx_entity_nonpoly.entity_id 
_pdbx_entity_nonpoly.name 
_pdbx_entity_nonpoly.comp_id 
2 CHLORAMPHENICOL      CLM 
3 'DESULFO-COENZYME A' DCA 
# 
loop_
_entity_poly_seq.entity_id 
_entity_poly_seq.num 
_entity_poly_seq.mon_id 
_entity_poly_seq.hetero 
1 1   MET n 
1 2   GLY n 
1 3   ASN n 
1 4   TYR n 
1 5   PHE n 
1 6   GLU n 
1 7   SER n 
1 8   PRO n 
1 9   PHE n 
1 10  ARG n 
1 11  GLY n 
1 12  LYS n 
1 13  LEU n 
1 14  LEU n 
1 15  SER n 
1 16  GLU n 
1 17  GLN n 
1 18  VAL n 
1 19  SER n 
1 20  ASN n 
1 21  PRO n 
1 22  ASN n 
1 23  ILE n 
1 24  ARG n 
1 25  VAL n 
1 26  GLY n 
1 27  ARG n 
1 28  TYR n 
1 29  SER n 
1 30  TYR n 
1 31  TYR n 
1 32  SER n 
1 33  GLY n 
1 34  TYR n 
1 35  TYR n 
1 36  HIS n 
1 37  GLY n 
1 38  HIS n 
1 39  SER n 
1 40  PHE n 
1 41  ASP n 
1 42  ASP n 
1 43  CYS n 
1 44  ALA n 
1 45  ARG n 
1 46  TYR n 
1 47  LEU n 
1 48  MET n 
1 49  PRO n 
1 50  ASP n 
1 51  ARG n 
1 52  ASP n 
1 53  ASP n 
1 54  VAL n 
1 55  ASP n 
1 56  LYS n 
1 57  LEU n 
1 58  VAL n 
1 59  ILE n 
1 60  GLY n 
1 61  SER n 
1 62  PHE n 
1 63  CYS n 
1 64  SER n 
1 65  ILE n 
1 66  GLY n 
1 67  SER n 
1 68  GLY n 
1 69  ALA n 
1 70  ALA n 
1 71  PHE n 
1 72  ILE n 
1 73  MET n 
1 74  ALA n 
1 75  GLY n 
1 76  ASN n 
1 77  GLN n 
1 78  GLY n 
1 79  HIS n 
1 80  ARG n 
1 81  ALA n 
1 82  GLU n 
1 83  TRP n 
1 84  ALA n 
1 85  SER n 
1 86  THR n 
1 87  PHE n 
1 88  PRO n 
1 89  PHE n 
1 90  HIS n 
1 91  PHE n 
1 92  MET n 
1 93  HIS n 
1 94  GLU n 
1 95  GLU n 
1 96  PRO n 
1 97  ALA n 
1 98  PHE n 
1 99  ALA n 
1 100 GLY n 
1 101 ALA n 
1 102 VAL n 
1 103 ASN n 
1 104 GLY n 
1 105 TYR n 
1 106 GLN n 
1 107 PRO n 
1 108 ALA n 
1 109 GLY n 
1 110 ASP n 
1 111 THR n 
1 112 LEU n 
1 113 ILE n 
1 114 GLY n 
1 115 HIS n 
1 116 GLU n 
1 117 VAL n 
1 118 TRP n 
1 119 ILE n 
1 120 GLY n 
1 121 THR n 
1 122 GLU n 
1 123 ALA n 
1 124 MET n 
1 125 PHE n 
1 126 MET n 
1 127 PRO n 
1 128 GLY n 
1 129 VAL n 
1 130 ARG n 
1 131 VAL n 
1 132 GLY n 
1 133 HIS n 
1 134 GLY n 
1 135 ALA n 
1 136 ILE n 
1 137 ILE n 
1 138 GLY n 
1 139 SER n 
1 140 ARG n 
1 141 ALA n 
1 142 LEU n 
1 143 VAL n 
1 144 THR n 
1 145 GLY n 
1 146 ASP n 
1 147 VAL n 
1 148 GLU n 
1 149 PRO n 
1 150 TYR n 
1 151 ALA n 
1 152 ILE n 
1 153 VAL n 
1 154 GLY n 
1 155 GLY n 
1 156 ASN n 
1 157 PRO n 
1 158 ALA n 
1 159 ARG n 
1 160 THR n 
1 161 ILE n 
1 162 ARG n 
1 163 LYS n 
1 164 ARG n 
1 165 PHE n 
1 166 SER n 
1 167 ASP n 
1 168 GLY n 
1 169 ASP n 
1 170 ILE n 
1 171 GLN n 
1 172 ASN n 
1 173 LEU n 
1 174 LEU n 
1 175 GLU n 
1 176 MET n 
1 177 ALA n 
1 178 TRP n 
1 179 TRP n 
1 180 ASP n 
1 181 TRP n 
1 182 PRO n 
1 183 LEU n 
1 184 ALA n 
1 185 ASP n 
1 186 ILE n 
1 187 GLU n 
1 188 ALA n 
1 189 ALA n 
1 190 MET n 
1 191 PRO n 
1 192 LEU n 
1 193 LEU n 
1 194 CYS n 
1 195 THR n 
1 196 GLY n 
1 197 ASP n 
1 198 ILE n 
1 199 PRO n 
1 200 ALA n 
1 201 LEU n 
1 202 TYR n 
1 203 GLN n 
1 204 HIS n 
1 205 TRP n 
1 206 LYS n 
1 207 GLN n 
1 208 ARG n 
1 209 GLN n 
1 210 ALA n 
1 211 THR n 
1 212 ALA n 
# 
_entity_src_gen.entity_id                          1 
_entity_src_gen.pdbx_src_id                        1 
_entity_src_gen.pdbx_alt_source_flag               sample 
_entity_src_gen.pdbx_seq_type                      ? 
_entity_src_gen.pdbx_beg_seq_num                   ? 
_entity_src_gen.pdbx_end_seq_num                   ? 
_entity_src_gen.gene_src_common_name               ? 
_entity_src_gen.gene_src_genus                     Pseudomonas 
_entity_src_gen.pdbx_gene_src_gene                 ? 
_entity_src_gen.gene_src_species                   ? 
_entity_src_gen.gene_src_strain                    PA103 
_entity_src_gen.gene_src_tissue                    ? 
_entity_src_gen.gene_src_tissue_fraction           ? 
_entity_src_gen.gene_src_details                   ? 
_entity_src_gen.pdbx_gene_src_fragment             ? 
_entity_src_gen.pdbx_gene_src_scientific_name      'Pseudomonas aeruginosa' 
_entity_src_gen.pdbx_gene_src_ncbi_taxonomy_id     287 
_entity_src_gen.pdbx_gene_src_variant              ? 
_entity_src_gen.pdbx_gene_src_cell_line            BL21 
_entity_src_gen.pdbx_gene_src_atcc                 'ATCC 29260' 
_entity_src_gen.pdbx_gene_src_organ                ? 
_entity_src_gen.pdbx_gene_src_organelle            ? 
_entity_src_gen.pdbx_gene_src_cell                 ? 
_entity_src_gen.pdbx_gene_src_cellular_location    ? 
_entity_src_gen.host_org_common_name               ? 
_entity_src_gen.pdbx_host_org_scientific_name      'Escherichia coli BL21(DE3)' 
_entity_src_gen.pdbx_host_org_ncbi_taxonomy_id     469008 
_entity_src_gen.host_org_genus                     Escherichia 
_entity_src_gen.pdbx_host_org_gene                 ? 
_entity_src_gen.pdbx_host_org_organ                ? 
_entity_src_gen.host_org_species                   'Escherichia coli' 
_entity_src_gen.pdbx_host_org_tissue               ? 
_entity_src_gen.pdbx_host_org_tissue_fraction      ? 
_entity_src_gen.pdbx_host_org_strain               'BL21 (DE3)' 
_entity_src_gen.pdbx_host_org_variant              ? 
_entity_src_gen.pdbx_host_org_cell_line            ? 
_entity_src_gen.pdbx_host_org_atcc                 ? 
_entity_src_gen.pdbx_host_org_culture_collection   ? 
_entity_src_gen.pdbx_host_org_cell                 ? 
_entity_src_gen.pdbx_host_org_organelle            ? 
_entity_src_gen.pdbx_host_org_cellular_location    ? 
_entity_src_gen.pdbx_host_org_vector_type          PLASMID 
_entity_src_gen.pdbx_host_org_vector               PET3A 
_entity_src_gen.host_org_details                   ? 
_entity_src_gen.expression_system_id               ? 
_entity_src_gen.plasmid_name                       PYT1 
_entity_src_gen.plasmid_details                    ? 
_entity_src_gen.pdbx_description                   ? 
# 
loop_
_chem_comp.id 
_chem_comp.type 
_chem_comp.mon_nstd_flag 
_chem_comp.name 
_chem_comp.pdbx_synonyms 
_chem_comp.formula 
_chem_comp.formula_weight 
ALA 'L-peptide linking' y ALANINE              ? 'C3 H7 N O2'        89.093  
ARG 'L-peptide linking' y ARGININE             ? 'C6 H15 N4 O2 1'    175.209 
ASN 'L-peptide linking' y ASPARAGINE           ? 'C4 H8 N2 O3'       132.118 
ASP 'L-peptide linking' y 'ASPARTIC ACID'      ? 'C4 H7 N O4'        133.103 
CLM non-polymer         . CHLORAMPHENICOL      ? 'C11 H12 Cl2 N2 O5' 323.129 
CYS 'L-peptide linking' y CYSTEINE             ? 'C3 H7 N O2 S'      121.158 
DCA non-polymer         . 'DESULFO-COENZYME A' ? 'C21 H36 N7 O16 P3' 735.469 
GLN 'L-peptide linking' y GLUTAMINE            ? 'C5 H10 N2 O3'      146.144 
GLU 'L-peptide linking' y 'GLUTAMIC ACID'      ? 'C5 H9 N O4'        147.129 
GLY 'peptide linking'   y GLYCINE              ? 'C2 H5 N O2'        75.067  
HIS 'L-peptide linking' y HISTIDINE            ? 'C6 H10 N3 O2 1'    156.162 
ILE 'L-peptide linking' y ISOLEUCINE           ? 'C6 H13 N O2'       131.173 
LEU 'L-peptide linking' y LEUCINE              ? 'C6 H13 N O2'       131.173 
LYS 'L-peptide linking' y LYSINE               ? 'C6 H15 N2 O2 1'    147.195 
MET 'L-peptide linking' y METHIONINE           ? 'C5 H11 N O2 S'     149.211 
PHE 'L-peptide linking' y PHENYLALANINE        ? 'C9 H11 N O2'       165.189 
PRO 'L-peptide linking' y PROLINE              ? 'C5 H9 N O2'        115.130 
SER 'L-peptide linking' y SERINE               ? 'C3 H7 N O3'        105.093 
THR 'L-peptide linking' y THREONINE            ? 'C4 H9 N O3'        119.119 
TRP 'L-peptide linking' y TRYPTOPHAN           ? 'C11 H12 N2 O2'     204.225 
TYR 'L-peptide linking' y TYROSINE             ? 'C9 H11 N O3'       181.189 
VAL 'L-peptide linking' y VALINE               ? 'C5 H11 N O2'       117.146 
# 
loop_
_pdbx_poly_seq_scheme.asym_id 
_pdbx_poly_seq_scheme.entity_id 
_pdbx_poly_seq_scheme.seq_id 
_pdbx_poly_seq_scheme.mon_id 
_pdbx_poly_seq_scheme.ndb_seq_num 
_pdbx_poly_seq_scheme.pdb_seq_num 
_pdbx_poly_seq_scheme.auth_seq_num 
_pdbx_poly_seq_scheme.pdb_mon_id 
_pdbx_poly_seq_scheme.auth_mon_id 
_pdbx_poly_seq_scheme.pdb_strand_id 
_pdbx_poly_seq_scheme.pdb_ins_code 
_pdbx_poly_seq_scheme.hetero 
A 1 1   MET 1   1   ?   ?   ?   A . n 
A 1 2   GLY 2   2   ?   ?   ?   A . n 
A 1 3   ASN 3   3   3   ASN ASN A . n 
A 1 4   TYR 4   4   4   TYR TYR A . n 
A 1 5   PHE 5   5   5   PHE PHE A . n 
A 1 6   GLU 6   6   6   GLU GLU A . n 
A 1 7   SER 7   7   7   SER SER A . n 
A 1 8   PRO 8   8   8   PRO PRO A . n 
A 1 9   PHE 9   9   9   PHE PHE A . n 
A 1 10  ARG 10  10  10  ARG ARG A . n 
A 1 11  GLY 11  11  11  GLY GLY A . n 
A 1 12  LYS 12  12  12  LYS LYS A . n 
A 1 13  LEU 13  13  13  LEU LEU A . n 
A 1 14  LEU 14  14  14  LEU LEU A . n 
A 1 15  SER 15  15  15  SER SER A . n 
A 1 16  GLU 16  16  16  GLU GLU A . n 
A 1 17  GLN 17  17  17  GLN GLN A . n 
A 1 18  VAL 18  18  18  VAL VAL A . n 
A 1 19  SER 19  19  19  SER SER A . n 
A 1 20  ASN 20  20  20  ASN ASN A . n 
A 1 21  PRO 21  21  21  PRO PRO A . n 
A 1 22  ASN 22  22  22  ASN ASN A . n 
A 1 23  ILE 23  23  23  ILE ILE A . n 
A 1 24  ARG 24  24  24  ARG ARG A . n 
A 1 25  VAL 25  25  25  VAL VAL A . n 
A 1 26  GLY 26  26  26  GLY GLY A . n 
A 1 27  ARG 27  27  27  ARG ARG A . n 
A 1 28  TYR 28  28  28  TYR TYR A . n 
A 1 29  SER 29  29  29  SER SER A . n 
A 1 30  TYR 30  30  30  TYR TYR A . n 
A 1 31  TYR 31  31  31  TYR TYR A . n 
A 1 32  SER 32  32  32  SER SER A . n 
A 1 33  GLY 33  33  33  GLY GLY A . n 
A 1 34  TYR 34  34  34  TYR TYR A . n 
A 1 35  TYR 35  35  35  TYR TYR A . n 
A 1 36  HIS 36  36  36  HIS HIS A . n 
A 1 37  GLY 37  37  37  GLY GLY A . n 
A 1 38  HIS 38  38  38  HIS HIS A . n 
A 1 39  SER 39  39  39  SER SER A . n 
A 1 40  PHE 40  40  40  PHE PHE A . n 
A 1 41  ASP 41  41  41  ASP ASP A . n 
A 1 42  ASP 42  42  42  ASP ASP A . n 
A 1 43  CYS 43  43  43  CYS CYS A . n 
A 1 44  ALA 44  44  44  ALA ALA A . n 
A 1 45  ARG 45  45  45  ARG ARG A . n 
A 1 46  TYR 46  46  46  TYR TYR A . n 
A 1 47  LEU 47  47  47  LEU LEU A . n 
A 1 48  MET 48  48  48  MET MET A . n 
A 1 49  PRO 49  49  49  PRO PRO A . n 
A 1 50  ASP 50  50  50  ASP ASP A . n 
A 1 51  ARG 51  51  51  ARG ARG A . n 
A 1 52  ASP 52  52  52  ASP ASP A . n 
A 1 53  ASP 53  53  53  ASP ASP A . n 
A 1 54  VAL 54  54  54  VAL VAL A . n 
A 1 55  ASP 55  55  55  ASP ASP A . n 
A 1 56  LYS 56  56  56  LYS LYS A . n 
A 1 57  LEU 57  57  57  LEU LEU A . n 
A 1 58  VAL 58  58  58  VAL VAL A . n 
A 1 59  ILE 59  59  59  ILE ILE A . n 
A 1 60  GLY 60  60  60  GLY GLY A . n 
A 1 61  SER 61  61  61  SER SER A . n 
A 1 62  PHE 62  62  62  PHE PHE A . n 
A 1 63  CYS 63  63  63  CYS CYS A . n 
A 1 64  SER 64  64  64  SER SER A . n 
A 1 65  ILE 65  65  65  ILE ILE A . n 
A 1 66  GLY 66  66  66  GLY GLY A . n 
A 1 67  SER 67  67  67  SER SER A . n 
A 1 68  GLY 68  68  68  GLY GLY A . n 
A 1 69  ALA 69  69  69  ALA ALA A . n 
A 1 70  ALA 70  70  70  ALA ALA A . n 
A 1 71  PHE 71  71  71  PHE PHE A . n 
A 1 72  ILE 72  72  72  ILE ILE A . n 
A 1 73  MET 73  73  73  MET MET A . n 
A 1 74  ALA 74  74  74  ALA ALA A . n 
A 1 75  GLY 75  75  75  GLY GLY A . n 
A 1 76  ASN 76  76  76  ASN ASN A . n 
A 1 77  GLN 77  77  77  GLN GLN A . n 
A 1 78  GLY 78  78  78  GLY GLY A . n 
A 1 79  HIS 79  79  79  HIS HIS A . n 
A 1 80  ARG 80  80  80  ARG ARG A . n 
A 1 81  ALA 81  81  81  ALA ALA A . n 
A 1 82  GLU 82  82  82  GLU GLU A . n 
A 1 83  TRP 83  83  83  TRP TRP A . n 
A 1 84  ALA 84  84  84  ALA ALA A . n 
A 1 85  SER 85  85  85  SER SER A . n 
A 1 86  THR 86  86  86  THR THR A . n 
A 1 87  PHE 87  87  87  PHE PHE A . n 
A 1 88  PRO 88  88  88  PRO PRO A . n 
A 1 89  PHE 89  89  89  PHE PHE A . n 
A 1 90  HIS 90  90  90  HIS HIS A . n 
A 1 91  PHE 91  91  91  PHE PHE A . n 
A 1 92  MET 92  92  92  MET MET A . n 
A 1 93  HIS 93  93  93  HIS HIS A . n 
A 1 94  GLU 94  94  94  GLU GLU A . n 
A 1 95  GLU 95  95  95  GLU GLU A . n 
A 1 96  PRO 96  96  96  PRO PRO A . n 
A 1 97  ALA 97  97  97  ALA ALA A . n 
A 1 98  PHE 98  98  98  PHE PHE A . n 
A 1 99  ALA 99  99  99  ALA ALA A . n 
A 1 100 GLY 100 100 100 GLY GLY A . n 
A 1 101 ALA 101 101 101 ALA ALA A . n 
A 1 102 VAL 102 102 102 VAL VAL A . n 
A 1 103 ASN 103 103 103 ASN ASN A . n 
A 1 104 GLY 104 104 104 GLY GLY A . n 
A 1 105 TYR 105 105 105 TYR TYR A . n 
A 1 106 GLN 106 106 106 GLN GLN A . n 
A 1 107 PRO 107 107 107 PRO PRO A . n 
A 1 108 ALA 108 108 108 ALA ALA A . n 
A 1 109 GLY 109 109 109 GLY GLY A . n 
A 1 110 ASP 110 110 110 ASP ASP A . n 
A 1 111 THR 111 111 111 THR THR A . n 
A 1 112 LEU 112 112 112 LEU LEU A . n 
A 1 113 ILE 113 113 113 ILE ILE A . n 
A 1 114 GLY 114 114 114 GLY GLY A . n 
A 1 115 HIS 115 115 115 HIS HIS A . n 
A 1 116 GLU 116 116 116 GLU GLU A . n 
A 1 117 VAL 117 117 117 VAL VAL A . n 
A 1 118 TRP 118 118 118 TRP TRP A . n 
A 1 119 ILE 119 119 119 ILE ILE A . n 
A 1 120 GLY 120 120 120 GLY GLY A . n 
A 1 121 THR 121 121 121 THR THR A . n 
A 1 122 GLU 122 122 122 GLU GLU A . n 
A 1 123 ALA 123 123 123 ALA ALA A . n 
A 1 124 MET 124 124 124 MET MET A . n 
A 1 125 PHE 125 125 125 PHE PHE A . n 
A 1 126 MET 126 126 126 MET MET A . n 
A 1 127 PRO 127 127 127 PRO PRO A . n 
A 1 128 GLY 128 128 128 GLY GLY A . n 
A 1 129 VAL 129 129 129 VAL VAL A . n 
A 1 130 ARG 130 130 130 ARG ARG A . n 
A 1 131 VAL 131 131 131 VAL VAL A . n 
A 1 132 GLY 132 132 132 GLY GLY A . n 
A 1 133 HIS 133 133 133 HIS HIS A . n 
A 1 134 GLY 134 134 134 GLY GLY A . n 
A 1 135 ALA 135 135 135 ALA ALA A . n 
A 1 136 ILE 136 136 136 ILE ILE A . n 
A 1 137 ILE 137 137 137 ILE ILE A . n 
A 1 138 GLY 138 138 138 GLY GLY A . n 
A 1 139 SER 139 139 139 SER SER A . n 
A 1 140 ARG 140 140 140 ARG ARG A . n 
A 1 141 ALA 141 141 141 ALA ALA A . n 
A 1 142 LEU 142 142 142 LEU LEU A . n 
A 1 143 VAL 143 143 143 VAL VAL A . n 
A 1 144 THR 144 144 144 THR THR A . n 
A 1 145 GLY 145 145 145 GLY GLY A . n 
A 1 146 ASP 146 146 146 ASP ASP A . n 
A 1 147 VAL 147 147 147 VAL VAL A . n 
A 1 148 GLU 148 148 148 GLU GLU A . n 
A 1 149 PRO 149 149 149 PRO PRO A . n 
A 1 150 TYR 150 150 150 TYR TYR A . n 
A 1 151 ALA 151 151 151 ALA ALA A . n 
A 1 152 ILE 152 152 152 ILE ILE A . n 
A 1 153 VAL 153 153 153 VAL VAL A . n 
A 1 154 GLY 154 154 154 GLY GLY A . n 
A 1 155 GLY 155 155 155 GLY GLY A . n 
A 1 156 ASN 156 156 156 ASN ASN A . n 
A 1 157 PRO 157 157 157 PRO PRO A . n 
A 1 158 ALA 158 158 158 ALA ALA A . n 
A 1 159 ARG 159 159 159 ARG ARG A . n 
A 1 160 THR 160 160 160 THR THR A . n 
A 1 161 ILE 161 161 161 ILE ILE A . n 
A 1 162 ARG 162 162 162 ARG ARG A . n 
A 1 163 LYS 163 163 163 LYS LYS A . n 
A 1 164 ARG 164 164 164 ARG ARG A . n 
A 1 165 PHE 165 165 165 PHE PHE A . n 
A 1 166 SER 166 166 166 SER SER A . n 
A 1 167 ASP 167 167 167 ASP ASP A . n 
A 1 168 GLY 168 168 168 GLY GLY A . n 
A 1 169 ASP 169 169 169 ASP ASP A . n 
A 1 170 ILE 170 170 170 ILE ILE A . n 
A 1 171 GLN 171 171 171 GLN GLN A . n 
A 1 172 ASN 172 172 172 ASN ASN A . n 
A 1 173 LEU 173 173 173 LEU LEU A . n 
A 1 174 LEU 174 174 174 LEU LEU A . n 
A 1 175 GLU 175 175 175 GLU GLU A . n 
A 1 176 MET 176 176 176 MET MET A . n 
A 1 177 ALA 177 177 177 ALA ALA A . n 
A 1 178 TRP 178 178 178 TRP TRP A . n 
A 1 179 TRP 179 179 179 TRP TRP A . n 
A 1 180 ASP 180 180 180 ASP ASP A . n 
A 1 181 TRP 181 181 181 TRP TRP A . n 
A 1 182 PRO 182 182 182 PRO PRO A . n 
A 1 183 LEU 183 183 183 LEU LEU A . n 
A 1 184 ALA 184 184 184 ALA ALA A . n 
A 1 185 ASP 185 185 185 ASP ASP A . n 
A 1 186 ILE 186 186 186 ILE ILE A . n 
A 1 187 GLU 187 187 187 GLU GLU A . n 
A 1 188 ALA 188 188 188 ALA ALA A . n 
A 1 189 ALA 189 189 189 ALA ALA A . n 
A 1 190 MET 190 190 190 MET MET A . n 
A 1 191 PRO 191 191 191 PRO PRO A . n 
A 1 192 LEU 192 192 192 LEU LEU A . n 
A 1 193 LEU 193 193 193 LEU LEU A . n 
A 1 194 CYS 194 194 194 CYS CYS A . n 
A 1 195 THR 195 195 195 THR THR A . n 
A 1 196 GLY 196 196 196 GLY GLY A . n 
A 1 197 ASP 197 197 197 ASP ASP A . n 
A 1 198 ILE 198 198 198 ILE ILE A . n 
A 1 199 PRO 199 199 199 PRO PRO A . n 
A 1 200 ALA 200 200 200 ALA ALA A . n 
A 1 201 LEU 201 201 201 LEU LEU A . n 
A 1 202 TYR 202 202 202 TYR TYR A . n 
A 1 203 GLN 203 203 203 GLN GLN A . n 
A 1 204 HIS 204 204 204 HIS HIS A . n 
A 1 205 TRP 205 205 205 TRP TRP A . n 
A 1 206 LYS 206 206 206 LYS LYS A . n 
A 1 207 GLN 207 207 207 GLN GLN A . n 
A 1 208 ARG 208 208 208 ARG ARG A . n 
A 1 209 GLN 209 209 209 GLN GLN A . n 
A 1 210 ALA 210 210 210 ALA ALA A . n 
A 1 211 THR 211 211 ?   ?   ?   A . n 
A 1 212 ALA 212 212 ?   ?   ?   A . n 
# 
loop_
_pdbx_nonpoly_scheme.asym_id 
_pdbx_nonpoly_scheme.entity_id 
_pdbx_nonpoly_scheme.mon_id 
_pdbx_nonpoly_scheme.ndb_seq_num 
_pdbx_nonpoly_scheme.pdb_seq_num 
_pdbx_nonpoly_scheme.auth_seq_num 
_pdbx_nonpoly_scheme.pdb_mon_id 
_pdbx_nonpoly_scheme.auth_mon_id 
_pdbx_nonpoly_scheme.pdb_strand_id 
_pdbx_nonpoly_scheme.pdb_ins_code 
B 2 CLM 1 301 301 CLM CLM A . 
C 3 DCA 1 302 302 DCA DCA A . 
# 
loop_
_pdbx_unobs_or_zero_occ_atoms.id 
_pdbx_unobs_or_zero_occ_atoms.PDB_model_num 
_pdbx_unobs_or_zero_occ_atoms.polymer_flag 
_pdbx_unobs_or_zero_occ_atoms.occupancy_flag 
_pdbx_unobs_or_zero_occ_atoms.auth_asym_id 
_pdbx_unobs_or_zero_occ_atoms.auth_comp_id 
_pdbx_unobs_or_zero_occ_atoms.auth_seq_id 
_pdbx_unobs_or_zero_occ_atoms.PDB_ins_code 
_pdbx_unobs_or_zero_occ_atoms.auth_atom_id 
_pdbx_unobs_or_zero_occ_atoms.label_alt_id 
_pdbx_unobs_or_zero_occ_atoms.label_asym_id 
_pdbx_unobs_or_zero_occ_atoms.label_comp_id 
_pdbx_unobs_or_zero_occ_atoms.label_seq_id 
_pdbx_unobs_or_zero_occ_atoms.label_atom_id 
1  1 Y 1 A ARG 10  ? CG  ? A ARG 10  CG  
2  1 Y 1 A ARG 10  ? CD  ? A ARG 10  CD  
3  1 Y 1 A ARG 10  ? NE  ? A ARG 10  NE  
4  1 Y 1 A ARG 10  ? CZ  ? A ARG 10  CZ  
5  1 Y 1 A ARG 10  ? NH1 ? A ARG 10  NH1 
6  1 Y 1 A ARG 10  ? NH2 ? A ARG 10  NH2 
7  1 Y 1 A SER 15  ? OG  ? A SER 15  OG  
8  1 Y 1 A GLU 16  ? CG  ? A GLU 16  CG  
9  1 Y 1 A GLU 16  ? CD  ? A GLU 16  CD  
10 1 Y 1 A GLU 16  ? OE1 ? A GLU 16  OE1 
11 1 Y 1 A GLU 16  ? OE2 ? A GLU 16  OE2 
12 1 Y 1 A ARG 24  ? CG  ? A ARG 24  CG  
13 1 Y 1 A ARG 24  ? CD  ? A ARG 24  CD  
14 1 Y 1 A ARG 24  ? NE  ? A ARG 24  NE  
15 1 Y 1 A ARG 24  ? CZ  ? A ARG 24  CZ  
16 1 Y 1 A ARG 24  ? NH1 ? A ARG 24  NH1 
17 1 Y 1 A ARG 24  ? NH2 ? A ARG 24  NH2 
18 1 Y 1 A ASP 50  ? CG  ? A ASP 50  CG  
19 1 Y 1 A ASP 50  ? OD1 ? A ASP 50  OD1 
20 1 Y 1 A ASP 50  ? OD2 ? A ASP 50  OD2 
21 1 Y 1 A ARG 51  ? CG  ? A ARG 51  CG  
22 1 Y 1 A ARG 51  ? CD  ? A ARG 51  CD  
23 1 Y 1 A ARG 51  ? NE  ? A ARG 51  NE  
24 1 Y 1 A ARG 51  ? CZ  ? A ARG 51  CZ  
25 1 Y 1 A ARG 51  ? NH1 ? A ARG 51  NH1 
26 1 Y 1 A ARG 51  ? NH2 ? A ARG 51  NH2 
27 1 Y 1 A ASP 52  ? CG  ? A ASP 52  CG  
28 1 Y 1 A ASP 52  ? OD1 ? A ASP 52  OD1 
29 1 Y 1 A ASP 52  ? OD2 ? A ASP 52  OD2 
30 1 Y 1 A ASP 53  ? CG  ? A ASP 53  CG  
31 1 Y 1 A ASP 53  ? OD1 ? A ASP 53  OD1 
32 1 Y 1 A ASP 53  ? OD2 ? A ASP 53  OD2 
33 1 Y 1 A SER 61  ? OG  ? A SER 61  OG  
34 1 Y 1 A HIS 93  ? CG  ? A HIS 93  CG  
35 1 Y 1 A HIS 93  ? ND1 ? A HIS 93  ND1 
36 1 Y 1 A HIS 93  ? CD2 ? A HIS 93  CD2 
37 1 Y 1 A HIS 93  ? CE1 ? A HIS 93  CE1 
38 1 Y 1 A HIS 93  ? NE2 ? A HIS 93  NE2 
39 1 Y 1 A GLU 94  ? CG  ? A GLU 94  CG  
40 1 Y 1 A GLU 94  ? CD  ? A GLU 94  CD  
41 1 Y 1 A GLU 94  ? OE1 ? A GLU 94  OE1 
42 1 Y 1 A GLU 94  ? OE2 ? A GLU 94  OE2 
43 1 Y 1 A GLU 95  ? CG  ? A GLU 95  CG  
44 1 Y 1 A GLU 95  ? CD  ? A GLU 95  CD  
45 1 Y 1 A GLU 95  ? OE1 ? A GLU 95  OE1 
46 1 Y 1 A GLU 95  ? OE2 ? A GLU 95  OE2 
47 1 Y 1 A ARG 130 ? CG  ? A ARG 130 CG  
48 1 Y 1 A ARG 130 ? CD  ? A ARG 130 CD  
49 1 Y 1 A ARG 130 ? NE  ? A ARG 130 NE  
50 1 Y 1 A ARG 130 ? CZ  ? A ARG 130 CZ  
51 1 Y 1 A ARG 130 ? NH1 ? A ARG 130 NH1 
52 1 Y 1 A ARG 130 ? NH2 ? A ARG 130 NH2 
53 1 Y 1 A GLN 171 ? CG  ? A GLN 171 CG  
54 1 Y 1 A GLN 171 ? CD  ? A GLN 171 CD  
55 1 Y 1 A GLN 171 ? OE1 ? A GLN 171 OE1 
56 1 Y 1 A GLN 171 ? NE2 ? A GLN 171 NE2 
57 1 Y 1 A GLU 175 ? CG  ? A GLU 175 CG  
58 1 Y 1 A GLU 175 ? CD  ? A GLU 175 CD  
59 1 Y 1 A GLU 175 ? OE1 ? A GLU 175 OE1 
60 1 Y 1 A GLU 175 ? OE2 ? A GLU 175 OE2 
61 1 Y 1 A LYS 206 ? CG  ? A LYS 206 CG  
62 1 Y 1 A LYS 206 ? CD  ? A LYS 206 CD  
63 1 Y 1 A LYS 206 ? CE  ? A LYS 206 CE  
64 1 Y 1 A LYS 206 ? NZ  ? A LYS 206 NZ  
65 1 Y 1 A GLN 209 ? CG  ? A GLN 209 CG  
66 1 Y 1 A GLN 209 ? CD  ? A GLN 209 CD  
67 1 Y 1 A GLN 209 ? OE1 ? A GLN 209 OE1 
68 1 Y 1 A GLN 209 ? NE2 ? A GLN 209 NE2 
# 
loop_
_software.name 
_software.classification 
_software.version 
_software.citation_id 
_software.pdbx_ordinal 
PHASES phasing          .     ? 1 
X-PLOR 'model building' 3.851 ? 2 
X-PLOR refinement       3.851 ? 3 
XENGEN 'data reduction' .     ? 4 
XENGEN 'data scaling'   .     ? 5 
X-PLOR phasing          3.851 ? 6 
# 
_cell.entry_id           2XAT 
_cell.length_a           154.800 
_cell.length_b           154.800 
_cell.length_c           154.800 
_cell.angle_alpha        90.00 
_cell.angle_beta         90.00 
_cell.angle_gamma        90.00 
_cell.Z_PDB              24 
_cell.pdbx_unique_axis   ? 
# 
_symmetry.entry_id                         2XAT 
_symmetry.space_group_name_H-M             'P 41 3 2' 
_symmetry.pdbx_full_space_group_name_H-M   ? 
_symmetry.cell_setting                     ? 
_symmetry.Int_Tables_number                213 
# 
_exptl.entry_id          2XAT 
_exptl.method            'X-RAY DIFFRACTION' 
_exptl.crystals_number   1 
# 
_exptl_crystal.id                    1 
_exptl_crystal.density_meas          ? 
_exptl_crystal.density_Matthews      6.6 
_exptl_crystal.density_percent_sol   79. 
_exptl_crystal.description           ? 
# 
_exptl_crystal_grow.crystal_id      1 
_exptl_crystal_grow.method          ? 
_exptl_crystal_grow.temp            ? 
_exptl_crystal_grow.temp_details    ? 
_exptl_crystal_grow.pH              8.5 
_exptl_crystal_grow.pdbx_pH_range   ? 
_exptl_crystal_grow.pdbx_details    
'10-20% POLYETHYLENEGLYCOL MONOMETHYL ETHER 2000, 100 MM TRIS, PH 8.5, 10 MM NICL2, 2 MM CHLORAMPHENICOL, 50 MM DESULFO-COA' 
# 
_diffrn.id                     1 
_diffrn.ambient_temp           295 
_diffrn.ambient_temp_details   ? 
_diffrn.crystal_id             1 
# 
_diffrn_detector.diffrn_id              1 
_diffrn_detector.detector               'AREA DETECTOR' 
_diffrn_detector.type                   SIEMENS 
_diffrn_detector.pdbx_collection_date   1997-08 
_diffrn_detector.details                ? 
# 
_diffrn_radiation.diffrn_id                        1 
_diffrn_radiation.wavelength_id                    1 
_diffrn_radiation.pdbx_monochromatic_or_laue_m_l   M 
_diffrn_radiation.monochromator                    'GRAPHITE(002)' 
_diffrn_radiation.pdbx_diffrn_protocol             ? 
_diffrn_radiation.pdbx_scattering_type             x-ray 
# 
_diffrn_radiation_wavelength.id           1 
_diffrn_radiation_wavelength.wavelength   1.5418 
_diffrn_radiation_wavelength.wt           1.0 
# 
_diffrn_source.diffrn_id                   1 
_diffrn_source.source                      'ROTATING ANODE' 
_diffrn_source.type                        'RIGAKU RUH2R' 
_diffrn_source.pdbx_synchrotron_site       ? 
_diffrn_source.pdbx_synchrotron_beamline   ? 
_diffrn_source.pdbx_wavelength             1.5418 
_diffrn_source.pdbx_wavelength_list        ? 
# 
_reflns.entry_id                     2XAT 
_reflns.observed_criterion_sigma_I   ? 
_reflns.observed_criterion_sigma_F   ? 
_reflns.d_resolution_low             99.0 
_reflns.d_resolution_high            3.2 
_reflns.number_obs                   10328 
_reflns.number_all                   ? 
_reflns.percent_possible_obs         94.0 
_reflns.pdbx_Rmerge_I_obs            0.0940000 
_reflns.pdbx_Rsym_value              0.0940000 
_reflns.pdbx_netI_over_sigmaI        10.9 
_reflns.B_iso_Wilson_estimate        22.7 
_reflns.pdbx_redundancy              3.8 
_reflns.pdbx_ordinal                 1 
_reflns.pdbx_diffrn_id               1 
# 
_reflns_shell.d_res_high             3.20 
_reflns_shell.d_res_low              3.30 
_reflns_shell.percent_possible_all   82. 
_reflns_shell.Rmerge_I_obs           0.2250000 
_reflns_shell.pdbx_Rsym_value        0.2250000 
_reflns_shell.meanI_over_sigI_obs    4.9 
_reflns_shell.pdbx_redundancy        2.7 
_reflns_shell.pdbx_ordinal           1 
_reflns_shell.pdbx_diffrn_id         1 
# 
_refine.entry_id                                 2XAT 
_refine.ls_number_reflns_obs                     9553 
_refine.ls_number_reflns_all                     ? 
_refine.pdbx_ls_sigma_I                          ? 
_refine.pdbx_ls_sigma_F                          0.0 
_refine.pdbx_data_cutoff_high_absF               10000000.00 
_refine.pdbx_data_cutoff_low_absF                0.00100 
_refine.pdbx_data_cutoff_high_rms_absF           ? 
_refine.ls_d_res_low                             8.00 
_refine.ls_d_res_high                            3.20 
_refine.ls_percent_reflns_obs                    93.8 
_refine.ls_R_factor_obs                          0.2130000 
_refine.ls_R_factor_all                          ? 
_refine.ls_R_factor_R_work                       0.2130000 
_refine.ls_R_factor_R_free                       0.2550000 
_refine.ls_R_factor_R_free_error                 0.011 
_refine.ls_R_factor_R_free_error_details         ? 
_refine.ls_percent_reflns_R_free                 5.3 
_refine.ls_number_reflns_R_free                  509 
_refine.ls_number_parameters                     ? 
_refine.ls_number_restraints                     ? 
_refine.occupancy_min                            ? 
_refine.occupancy_max                            ? 
_refine.B_iso_mean                               18.0 
_refine.aniso_B[1][1]                            ? 
_refine.aniso_B[2][2]                            ? 
_refine.aniso_B[3][3]                            ? 
_refine.aniso_B[1][2]                            ? 
_refine.aniso_B[1][3]                            ? 
_refine.aniso_B[2][3]                            ? 
_refine.solvent_model_details                    ? 
_refine.solvent_model_param_ksol                 ? 
_refine.solvent_model_param_bsol                 ? 
_refine.pdbx_ls_cross_valid_method               THROUGHOUT 
_refine.details                                  ? 
_refine.pdbx_starting_model                      ? 
_refine.pdbx_method_to_determine_struct          'MOLECULAR REPLACEMENT' 
_refine.pdbx_isotropic_thermal_model             GROUP 
_refine.pdbx_stereochemistry_target_values       ? 
_refine.pdbx_stereochem_target_val_spec_case     ? 
_refine.pdbx_R_Free_selection_details            RANDOM 
_refine.pdbx_overall_ESU_R                       ? 
_refine.pdbx_overall_ESU_R_Free                  ? 
_refine.overall_SU_ML                            ? 
_refine.overall_SU_B                             ? 
_refine.pdbx_refine_id                           'X-RAY DIFFRACTION' 
_refine.pdbx_diffrn_id                           1 
_refine.pdbx_TLS_residual_ADP_flag               ? 
_refine.correlation_coeff_Fo_to_Fc               ? 
_refine.correlation_coeff_Fo_to_Fc_free          ? 
_refine.pdbx_solvent_vdw_probe_radii             ? 
_refine.pdbx_solvent_ion_probe_radii             ? 
_refine.pdbx_solvent_shrinkage_radii             ? 
_refine.pdbx_overall_phase_error                 ? 
_refine.overall_SU_R_Cruickshank_DPI             ? 
_refine.pdbx_overall_SU_R_free_Cruickshank_DPI   ? 
_refine.pdbx_overall_SU_R_Blow_DPI               ? 
_refine.pdbx_overall_SU_R_free_Blow_DPI          ? 
# 
_refine_analyze.entry_id                        2XAT 
_refine_analyze.Luzzati_coordinate_error_obs    0.32 
_refine_analyze.Luzzati_sigma_a_obs             0.20 
_refine_analyze.Luzzati_d_res_low_obs           8.00 
_refine_analyze.Luzzati_coordinate_error_free   0.40 
_refine_analyze.Luzzati_sigma_a_free            ? 
_refine_analyze.Luzzati_d_res_low_free          ? 
_refine_analyze.number_disordered_residues      ? 
_refine_analyze.occupancy_sum_hydrogen          ? 
_refine_analyze.occupancy_sum_non_hydrogen      ? 
_refine_analyze.pdbx_refine_id                  'X-RAY DIFFRACTION' 
# 
_refine_hist.pdbx_refine_id                   'X-RAY DIFFRACTION' 
_refine_hist.cycle_id                         LAST 
_refine_hist.pdbx_number_atoms_protein        1564 
_refine_hist.pdbx_number_atoms_nucleic_acid   0 
_refine_hist.pdbx_number_atoms_ligand         67 
_refine_hist.number_atoms_solvent             0 
_refine_hist.number_atoms_total               1631 
_refine_hist.d_res_high                       3.20 
_refine_hist.d_res_low                        8.00 
# 
loop_
_refine_ls_restr.type 
_refine_ls_restr.dev_ideal 
_refine_ls_restr.dev_ideal_target 
_refine_ls_restr.weight 
_refine_ls_restr.number 
_refine_ls_restr.pdbx_refine_id 
_refine_ls_restr.pdbx_restraint_function 
x_bond_d                0.011 ? ? ? 'X-RAY DIFFRACTION' ? 
x_bond_d_na             ?     ? ? ? 'X-RAY DIFFRACTION' ? 
x_bond_d_prot           ?     ? ? ? 'X-RAY DIFFRACTION' ? 
x_angle_d               ?     ? ? ? 'X-RAY DIFFRACTION' ? 
x_angle_d_na            ?     ? ? ? 'X-RAY DIFFRACTION' ? 
x_angle_d_prot          ?     ? ? ? 'X-RAY DIFFRACTION' ? 
x_angle_deg             1.4   ? ? ? 'X-RAY DIFFRACTION' ? 
x_angle_deg_na          ?     ? ? ? 'X-RAY DIFFRACTION' ? 
x_angle_deg_prot        ?     ? ? ? 'X-RAY DIFFRACTION' ? 
x_dihedral_angle_d      26.9  ? ? ? 'X-RAY DIFFRACTION' ? 
x_dihedral_angle_d_na   ?     ? ? ? 'X-RAY DIFFRACTION' ? 
x_dihedral_angle_d_prot ?     ? ? ? 'X-RAY DIFFRACTION' ? 
x_improper_angle_d      0.70  ? ? ? 'X-RAY DIFFRACTION' ? 
x_improper_angle_d_na   ?     ? ? ? 'X-RAY DIFFRACTION' ? 
x_improper_angle_d_prot ?     ? ? ? 'X-RAY DIFFRACTION' ? 
x_mcbond_it             ?     ? ? ? 'X-RAY DIFFRACTION' ? 
x_mcangle_it            ?     ? ? ? 'X-RAY DIFFRACTION' ? 
x_scbond_it             ?     ? ? ? 'X-RAY DIFFRACTION' ? 
x_scangle_it            ?     ? ? ? 'X-RAY DIFFRACTION' ? 
# 
_refine_ls_shell.pdbx_total_number_of_bins_used   6 
_refine_ls_shell.d_res_high                       3.20 
_refine_ls_shell.d_res_low                        3.39 
_refine_ls_shell.number_reflns_R_work             1401 
_refine_ls_shell.R_factor_R_work                  0.2520000 
_refine_ls_shell.percent_reflns_obs               87.9 
_refine_ls_shell.R_factor_R_free                  0.2530000 
_refine_ls_shell.R_factor_R_free_error            0.030 
_refine_ls_shell.percent_reflns_R_free            4.7 
_refine_ls_shell.number_reflns_R_free             69 
_refine_ls_shell.pdbx_refine_id                   'X-RAY DIFFRACTION' 
_refine_ls_shell.number_reflns_all                ? 
_refine_ls_shell.R_factor_all                     ? 
# 
loop_
_pdbx_xplor_file.serial_no 
_pdbx_xplor_file.param_file 
_pdbx_xplor_file.topol_file 
_pdbx_xplor_file.pdbx_refine_id 
1 PARHCSDX.PRO        TOPHCSDX.PRO        'X-RAY DIFFRACTION' 
2 CLM.PAR             CLM.TOP             'X-RAY DIFFRACTION' 
3 COADESULPHO_CAT.PAR COADESULPHO_CAT.TOP 'X-RAY DIFFRACTION' 
# 
_struct.entry_id                  2XAT 
_struct.title                     
'COMPLEX OF THE HEXAPEPTIDE XENOBIOTIC ACETYLTRANSFERASE WITH CHLORAMPHENICOL AND DESULFO-COENZYME A' 
_struct.pdbx_model_details        ? 
_struct.pdbx_CASP_flag            ? 
_struct.pdbx_model_type_details   ? 
# 
_struct_keywords.entry_id        2XAT 
_struct_keywords.pdbx_keywords   ACETYLTRANSFERASE 
_struct_keywords.text            'ACETYLTRANSFERASE, XENOBIOTIC, CHLORAMPHENICOL, LEFT-HANDED BETA HELIX' 
# 
loop_
_struct_asym.id 
_struct_asym.pdbx_blank_PDB_chainid_flag 
_struct_asym.pdbx_modified 
_struct_asym.entity_id 
_struct_asym.details 
A N N 1 ? 
B N N 2 ? 
C N N 3 ? 
# 
_struct_ref.id                         1 
_struct_ref.db_name                    UNP 
_struct_ref.db_code                    CAT4_PSEAE 
_struct_ref.entity_id                  1 
_struct_ref.pdbx_db_accession          P26841 
_struct_ref.pdbx_align_begin           1 
_struct_ref.pdbx_seq_one_letter_code   
;MGNYFESPFRGKLLSEQVSNPNIRVGRYSYYSGYYHGHSFDDCARYLMPDRDDVDKLVIGSFCSIGSGAAFIMAGNQGHR
AEWASTFPFHFMHEEPVFAGAVNGYQPAGDTLIGHDVWIGTEAMFMPGVRVGHGAIIGSRALVTGDVEPYAIVGGNPART
IRKRFSDGDIQNLLEMAWWDWPLADIEAAMPLLCTGDIPALYRHWKQRQATA
;
_struct_ref.pdbx_db_isoform            ? 
# 
_struct_ref_seq.align_id                      1 
_struct_ref_seq.ref_id                        1 
_struct_ref_seq.pdbx_PDB_id_code              2XAT 
_struct_ref_seq.pdbx_strand_id                A 
_struct_ref_seq.seq_align_beg                 1 
_struct_ref_seq.pdbx_seq_align_beg_ins_code   ? 
_struct_ref_seq.seq_align_end                 212 
_struct_ref_seq.pdbx_seq_align_end_ins_code   ? 
_struct_ref_seq.pdbx_db_accession             P26841 
_struct_ref_seq.db_align_beg                  1 
_struct_ref_seq.pdbx_db_align_beg_ins_code    ? 
_struct_ref_seq.db_align_end                  212 
_struct_ref_seq.pdbx_db_align_end_ins_code    ? 
_struct_ref_seq.pdbx_auth_seq_align_beg       1 
_struct_ref_seq.pdbx_auth_seq_align_end       212 
# 
loop_
_struct_ref_seq_dif.align_id 
_struct_ref_seq_dif.pdbx_pdb_id_code 
_struct_ref_seq_dif.mon_id 
_struct_ref_seq_dif.pdbx_pdb_strand_id 
_struct_ref_seq_dif.seq_num 
_struct_ref_seq_dif.pdbx_pdb_ins_code 
_struct_ref_seq_dif.pdbx_seq_db_name 
_struct_ref_seq_dif.pdbx_seq_db_accession_code 
_struct_ref_seq_dif.db_mon_id 
_struct_ref_seq_dif.pdbx_seq_db_seq_num 
_struct_ref_seq_dif.details 
_struct_ref_seq_dif.pdbx_auth_seq_num 
_struct_ref_seq_dif.pdbx_ordinal 
1 2XAT ALA A 97  ? UNP P26841 VAL 97  conflict 97  1 
1 2XAT GLU A 116 ? UNP P26841 ASP 116 conflict 116 2 
1 2XAT GLN A 203 ? UNP P26841 ARG 203 conflict 203 3 
# 
_pdbx_struct_assembly.id                   1 
_pdbx_struct_assembly.details              author_and_software_defined_assembly 
_pdbx_struct_assembly.method_details       PISA,PQS 
_pdbx_struct_assembly.oligomeric_details   trimeric 
_pdbx_struct_assembly.oligomeric_count     3 
# 
loop_
_pdbx_struct_assembly_prop.biol_id 
_pdbx_struct_assembly_prop.type 
_pdbx_struct_assembly_prop.value 
_pdbx_struct_assembly_prop.details 
1 'ABSA (A^2)' 14460 ? 
1 MORE         -78   ? 
1 'SSA (A^2)'  22170 ? 
# 
_pdbx_struct_assembly_gen.assembly_id       1 
_pdbx_struct_assembly_gen.oper_expression   1,2,3 
_pdbx_struct_assembly_gen.asym_id_list      A,B,C 
# 
loop_
_pdbx_struct_oper_list.id 
_pdbx_struct_oper_list.type 
_pdbx_struct_oper_list.name 
_pdbx_struct_oper_list.symmetry_operation 
_pdbx_struct_oper_list.matrix[1][1] 
_pdbx_struct_oper_list.matrix[1][2] 
_pdbx_struct_oper_list.matrix[1][3] 
_pdbx_struct_oper_list.vector[1] 
_pdbx_struct_oper_list.matrix[2][1] 
_pdbx_struct_oper_list.matrix[2][2] 
_pdbx_struct_oper_list.matrix[2][3] 
_pdbx_struct_oper_list.vector[2] 
_pdbx_struct_oper_list.matrix[3][1] 
_pdbx_struct_oper_list.matrix[3][2] 
_pdbx_struct_oper_list.matrix[3][3] 
_pdbx_struct_oper_list.vector[3] 
1 'identity operation'         1_555 x,y,z 1.0000000000 0.0000000000  0.0000000000  0.0000000000  0.0000000000  1.0000000000  0.0000000000  0.0000000000  0.0000000000  0.0000000000  1.0000000000  0.0000000000   
2 'crystal symmetry operation' 5_555 z,x,y 0.4263701463 0.0939143538  -0.8996602650 1.0153362613  -0.8304533864 -0.3535980060 -0.4304830114 27.0482829155 -0.3585466096 0.9306710183  -0.0727721404 -14.3386291185 
3 'crystal symmetry operation' 9_555 y,z,x 0.4263701463 -0.8304533864 -0.3585466096 16.8883622173 0.0939143538  -0.3535980060 0.9306710183  22.8134108177 -0.8996602650 -0.4304830114 -0.0727721404 11.5138312425 
# 
_struct_biol.id   1 
# 
loop_
_struct_conf.conf_type_id 
_struct_conf.id 
_struct_conf.pdbx_PDB_helix_id 
_struct_conf.beg_label_comp_id 
_struct_conf.beg_label_asym_id 
_struct_conf.beg_label_seq_id 
_struct_conf.pdbx_beg_PDB_ins_code 
_struct_conf.end_label_comp_id 
_struct_conf.end_label_asym_id 
_struct_conf.end_label_seq_id 
_struct_conf.pdbx_end_PDB_ins_code 
_struct_conf.beg_auth_comp_id 
_struct_conf.beg_auth_asym_id 
_struct_conf.beg_auth_seq_id 
_struct_conf.end_auth_comp_id 
_struct_conf.end_auth_asym_id 
_struct_conf.end_auth_seq_id 
_struct_conf.pdbx_PDB_helix_class 
_struct_conf.details 
_struct_conf.pdbx_PDB_helix_length 
HELX_P HELX_P1 1 TYR A 34  ? HIS A 36  ? TYR A 34  HIS A 36  5 ? 3  
HELX_P HELX_P2 2 PHE A 40  ? CYS A 43  ? PHE A 40  CYS A 43  5 ? 4  
HELX_P HELX_P3 3 PHE A 89  ? PHE A 91  ? PHE A 89  PHE A 91  5 ? 3  
HELX_P HELX_P4 4 PRO A 96  ? PHE A 98  ? PRO A 96  PHE A 98  5 ? 3  
HELX_P HELX_P5 5 ASP A 167 ? MET A 176 ? ASP A 167 MET A 176 1 ? 10 
HELX_P HELX_P6 6 TRP A 178 ? ASP A 180 ? TRP A 178 ASP A 180 5 ? 3  
HELX_P HELX_P7 7 LEU A 183 ? LEU A 193 ? LEU A 183 LEU A 193 1 ? 11 
HELX_P HELX_P8 8 ILE A 198 ? ARG A 208 ? ILE A 198 ARG A 208 1 ? 11 
# 
_struct_conf_type.id          HELX_P 
_struct_conf_type.criteria    ? 
_struct_conf_type.reference   ? 
# 
_struct_mon_prot_cis.pdbx_id                1 
_struct_mon_prot_cis.label_comp_id          ASN 
_struct_mon_prot_cis.label_seq_id           156 
_struct_mon_prot_cis.label_asym_id          A 
_struct_mon_prot_cis.label_alt_id           . 
_struct_mon_prot_cis.pdbx_PDB_ins_code      ? 
_struct_mon_prot_cis.auth_comp_id           ASN 
_struct_mon_prot_cis.auth_seq_id            156 
_struct_mon_prot_cis.auth_asym_id           A 
_struct_mon_prot_cis.pdbx_label_comp_id_2   PRO 
_struct_mon_prot_cis.pdbx_label_seq_id_2    157 
_struct_mon_prot_cis.pdbx_label_asym_id_2   A 
_struct_mon_prot_cis.pdbx_PDB_ins_code_2    ? 
_struct_mon_prot_cis.pdbx_auth_comp_id_2    PRO 
_struct_mon_prot_cis.pdbx_auth_seq_id_2     157 
_struct_mon_prot_cis.pdbx_auth_asym_id_2    A 
_struct_mon_prot_cis.pdbx_PDB_model_num     1 
_struct_mon_prot_cis.pdbx_omega_angle       1.21 
# 
loop_
_struct_sheet.id 
_struct_sheet.type 
_struct_sheet.number_strands 
_struct_sheet.details 
A ? 3 ? 
B ? 2 ? 
C ? 2 ? 
# 
loop_
_struct_sheet_order.sheet_id 
_struct_sheet_order.range_id_1 
_struct_sheet_order.range_id_2 
_struct_sheet_order.offset 
_struct_sheet_order.sense 
A 1 2 ? parallel      
A 2 3 ? parallel      
B 1 2 ? parallel      
C 1 2 ? anti-parallel 
# 
loop_
_struct_sheet_range.sheet_id 
_struct_sheet_range.id 
_struct_sheet_range.beg_label_comp_id 
_struct_sheet_range.beg_label_asym_id 
_struct_sheet_range.beg_label_seq_id 
_struct_sheet_range.pdbx_beg_PDB_ins_code 
_struct_sheet_range.end_label_comp_id 
_struct_sheet_range.end_label_asym_id 
_struct_sheet_range.end_label_seq_id 
_struct_sheet_range.pdbx_end_PDB_ins_code 
_struct_sheet_range.beg_auth_comp_id 
_struct_sheet_range.beg_auth_asym_id 
_struct_sheet_range.beg_auth_seq_id 
_struct_sheet_range.end_auth_comp_id 
_struct_sheet_range.end_auth_asym_id 
_struct_sheet_range.end_auth_seq_id 
A 1 ILE A 23  ? VAL A 25  ? ILE A 23  VAL A 25  
A 2 LEU A 57  ? ILE A 59  ? LEU A 57  ILE A 59  
A 3 THR A 111 ? ILE A 113 ? THR A 111 ILE A 113 
B 1 TYR A 30  ? SER A 32  ? TYR A 30  SER A 32  
B 2 SER A 64  ? GLY A 66  ? SER A 64  GLY A 66  
C 1 ALA A 151 ? GLY A 154 ? ALA A 151 GLY A 154 
C 2 ARG A 159 ? LYS A 163 ? ARG A 159 LYS A 163 
# 
loop_
_pdbx_struct_sheet_hbond.sheet_id 
_pdbx_struct_sheet_hbond.range_id_1 
_pdbx_struct_sheet_hbond.range_id_2 
_pdbx_struct_sheet_hbond.range_1_label_atom_id 
_pdbx_struct_sheet_hbond.range_1_label_comp_id 
_pdbx_struct_sheet_hbond.range_1_label_asym_id 
_pdbx_struct_sheet_hbond.range_1_label_seq_id 
_pdbx_struct_sheet_hbond.range_1_PDB_ins_code 
_pdbx_struct_sheet_hbond.range_1_auth_atom_id 
_pdbx_struct_sheet_hbond.range_1_auth_comp_id 
_pdbx_struct_sheet_hbond.range_1_auth_asym_id 
_pdbx_struct_sheet_hbond.range_1_auth_seq_id 
_pdbx_struct_sheet_hbond.range_2_label_atom_id 
_pdbx_struct_sheet_hbond.range_2_label_comp_id 
_pdbx_struct_sheet_hbond.range_2_label_asym_id 
_pdbx_struct_sheet_hbond.range_2_label_seq_id 
_pdbx_struct_sheet_hbond.range_2_PDB_ins_code 
_pdbx_struct_sheet_hbond.range_2_auth_atom_id 
_pdbx_struct_sheet_hbond.range_2_auth_comp_id 
_pdbx_struct_sheet_hbond.range_2_auth_asym_id 
_pdbx_struct_sheet_hbond.range_2_auth_seq_id 
A 1 2 O ARG A 24  ? O ARG A 24  N LEU A 57  ? N LEU A 57  
A 2 3 O VAL A 58  ? O VAL A 58  N THR A 111 ? N THR A 111 
B 1 2 O TYR A 30  ? O TYR A 30  N ILE A 65  ? N ILE A 65  
C 1 2 O ILE A 152 ? O ILE A 152 N ARG A 162 ? N ARG A 162 
# 
loop_
_struct_site.id 
_struct_site.pdbx_evidence_code 
_struct_site.pdbx_auth_asym_id 
_struct_site.pdbx_auth_comp_id 
_struct_site.pdbx_auth_seq_id 
_struct_site.pdbx_auth_ins_code 
_struct_site.pdbx_num_residues 
_struct_site.details 
AC1 Software A CLM 301 ? 11 'BINDING SITE FOR RESIDUE CLM A 301' 
AC2 Software A DCA 302 ? 13 'BINDING SITE FOR RESIDUE DCA A 302' 
# 
loop_
_struct_site_gen.id 
_struct_site_gen.site_id 
_struct_site_gen.pdbx_num_res 
_struct_site_gen.label_comp_id 
_struct_site_gen.label_asym_id 
_struct_site_gen.label_seq_id 
_struct_site_gen.pdbx_auth_ins_code 
_struct_site_gen.auth_comp_id 
_struct_site_gen.auth_asym_id 
_struct_site_gen.auth_seq_id 
_struct_site_gen.label_atom_id 
_struct_site_gen.label_alt_id 
_struct_site_gen.symmetry 
_struct_site_gen.details 
1  AC1 11 PRO A 8   ? PRO A 8   . ? 1_555 ? 
2  AC1 11 PHE A 9   ? PHE A 9   . ? 1_555 ? 
3  AC1 11 ARG A 10  ? ARG A 10  . ? 1_555 ? 
4  AC1 11 GLY A 11  ? GLY A 11  . ? 1_555 ? 
5  AC1 11 TYR A 30  ? TYR A 30  . ? 1_555 ? 
6  AC1 11 SER A 32  ? SER A 32  . ? 1_555 ? 
7  AC1 11 MET A 48  ? MET A 48  . ? 5_555 ? 
8  AC1 11 ALA A 74  ? ALA A 74  . ? 5_555 ? 
9  AC1 11 GLN A 77  ? GLN A 77  . ? 5_555 ? 
10 AC1 11 HIS A 79  ? HIS A 79  . ? 5_555 ? 
11 AC1 11 TYR A 105 ? TYR A 105 . ? 5_555 ? 
12 AC2 13 GLN A 77  ? GLN A 77  . ? 5_555 ? 
13 AC2 13 GLY A 120 ? GLY A 120 . ? 1_555 ? 
14 AC2 13 THR A 121 ? THR A 121 . ? 1_555 ? 
15 AC2 13 GLY A 138 ? GLY A 138 . ? 1_555 ? 
16 AC2 13 SER A 139 ? SER A 139 . ? 1_555 ? 
17 AC2 13 LEU A 142 ? LEU A 142 . ? 5_555 ? 
18 AC2 13 THR A 144 ? THR A 144 . ? 5_555 ? 
19 AC2 13 GLY A 154 ? GLY A 154 . ? 1_555 ? 
20 AC2 13 GLY A 155 ? GLY A 155 . ? 1_555 ? 
21 AC2 13 PRO A 157 ? PRO A 157 . ? 5_555 ? 
22 AC2 13 ARG A 159 ? ARG A 159 . ? 5_555 ? 
23 AC2 13 ILE A 161 ? ILE A 161 . ? 1_555 ? 
24 AC2 13 ARG A 162 ? ARG A 162 . ? 1_555 ? 
# 
loop_
_pdbx_validate_torsion.id 
_pdbx_validate_torsion.PDB_model_num 
_pdbx_validate_torsion.auth_comp_id 
_pdbx_validate_torsion.auth_asym_id 
_pdbx_validate_torsion.auth_seq_id 
_pdbx_validate_torsion.PDB_ins_code 
_pdbx_validate_torsion.label_alt_id 
_pdbx_validate_torsion.phi 
_pdbx_validate_torsion.psi 
1 1 LEU A 13  ? ? -47.47  151.64  
2 1 SER A 19  ? ? -147.06 -26.53  
3 1 TYR A 28  ? ? 64.27   -18.42  
4 1 MET A 73  ? ? -110.47 -161.51 
5 1 PHE A 98  ? ? -87.65  37.89   
6 1 ALA A 135 ? ? -48.76  157.45  
7 1 ARG A 162 ? ? 170.02  172.90  
8 1 ALA A 177 ? ? 20.08   68.24   
9 1 TRP A 205 ? ? -64.17  -71.13  
# 
loop_
_pdbx_unobs_or_zero_occ_residues.id 
_pdbx_unobs_or_zero_occ_residues.PDB_model_num 
_pdbx_unobs_or_zero_occ_residues.polymer_flag 
_pdbx_unobs_or_zero_occ_residues.occupancy_flag 
_pdbx_unobs_or_zero_occ_residues.auth_asym_id 
_pdbx_unobs_or_zero_occ_residues.auth_comp_id 
_pdbx_unobs_or_zero_occ_residues.auth_seq_id 
_pdbx_unobs_or_zero_occ_residues.PDB_ins_code 
_pdbx_unobs_or_zero_occ_residues.label_asym_id 
_pdbx_unobs_or_zero_occ_residues.label_comp_id 
_pdbx_unobs_or_zero_occ_residues.label_seq_id 
1 1 Y 1 A MET 1   ? A MET 1   
2 1 Y 1 A GLY 2   ? A GLY 2   
3 1 Y 1 A THR 211 ? A THR 211 
4 1 Y 1 A ALA 212 ? A ALA 212 
# 
loop_
_chem_comp_atom.comp_id 
_chem_comp_atom.atom_id 
_chem_comp_atom.type_symbol 
_chem_comp_atom.pdbx_aromatic_flag 
_chem_comp_atom.pdbx_stereo_config 
_chem_comp_atom.pdbx_ordinal 
ALA N    N  N N 1   
ALA CA   C  N S 2   
ALA C    C  N N 3   
ALA O    O  N N 4   
ALA CB   C  N N 5   
ALA OXT  O  N N 6   
ALA H    H  N N 7   
ALA H2   H  N N 8   
ALA HA   H  N N 9   
ALA HB1  H  N N 10  
ALA HB2  H  N N 11  
ALA HB3  H  N N 12  
ALA HXT  H  N N 13  
ARG N    N  N N 14  
ARG CA   C  N S 15  
ARG C    C  N N 16  
ARG O    O  N N 17  
ARG CB   C  N N 18  
ARG CG   C  N N 19  
ARG CD   C  N N 20  
ARG NE   N  N N 21  
ARG CZ   C  N N 22  
ARG NH1  N  N N 23  
ARG NH2  N  N N 24  
ARG OXT  O  N N 25  
ARG H    H  N N 26  
ARG H2   H  N N 27  
ARG HA   H  N N 28  
ARG HB2  H  N N 29  
ARG HB3  H  N N 30  
ARG HG2  H  N N 31  
ARG HG3  H  N N 32  
ARG HD2  H  N N 33  
ARG HD3  H  N N 34  
ARG HE   H  N N 35  
ARG HH11 H  N N 36  
ARG HH12 H  N N 37  
ARG HH21 H  N N 38  
ARG HH22 H  N N 39  
ARG HXT  H  N N 40  
ASN N    N  N N 41  
ASN CA   C  N S 42  
ASN C    C  N N 43  
ASN O    O  N N 44  
ASN CB   C  N N 45  
ASN CG   C  N N 46  
ASN OD1  O  N N 47  
ASN ND2  N  N N 48  
ASN OXT  O  N N 49  
ASN H    H  N N 50  
ASN H2   H  N N 51  
ASN HA   H  N N 52  
ASN HB2  H  N N 53  
ASN HB3  H  N N 54  
ASN HD21 H  N N 55  
ASN HD22 H  N N 56  
ASN HXT  H  N N 57  
ASP N    N  N N 58  
ASP CA   C  N S 59  
ASP C    C  N N 60  
ASP O    O  N N 61  
ASP CB   C  N N 62  
ASP CG   C  N N 63  
ASP OD1  O  N N 64  
ASP OD2  O  N N 65  
ASP OXT  O  N N 66  
ASP H    H  N N 67  
ASP H2   H  N N 68  
ASP HA   H  N N 69  
ASP HB2  H  N N 70  
ASP HB3  H  N N 71  
ASP HD2  H  N N 72  
ASP HXT  H  N N 73  
CLM C1   C  N N 74  
CLM CL1  CL N N 75  
CLM CL2  CL N N 76  
CLM C2   C  N N 77  
CLM O2   O  N N 78  
CLM N2   N  N N 79  
CLM C3   C  N R 80  
CLM C4   C  N N 81  
CLM O4   O  N N 82  
CLM C5   C  N R 83  
CLM O5   O  N N 84  
CLM C6   C  Y N 85  
CLM C7   C  Y N 86  
CLM C8   C  Y N 87  
CLM C9   C  Y N 88  
CLM N9   N  N N 89  
CLM O9A  O  N N 90  
CLM O9B  O  N N 91  
CLM C10  C  Y N 92  
CLM C11  C  Y N 93  
CLM H1   H  N N 94  
CLM HN2  H  N N 95  
CLM H3   H  N N 96  
CLM H41  H  N N 97  
CLM H42  H  N N 98  
CLM HO4  H  N N 99  
CLM H5   H  N N 100 
CLM HO5  H  N N 101 
CLM H7   H  N N 102 
CLM H8   H  N N 103 
CLM H10  H  N N 104 
CLM H11  H  N N 105 
CYS N    N  N N 106 
CYS CA   C  N R 107 
CYS C    C  N N 108 
CYS O    O  N N 109 
CYS CB   C  N N 110 
CYS SG   S  N N 111 
CYS OXT  O  N N 112 
CYS H    H  N N 113 
CYS H2   H  N N 114 
CYS HA   H  N N 115 
CYS HB2  H  N N 116 
CYS HB3  H  N N 117 
CYS HG   H  N N 118 
CYS HXT  H  N N 119 
DCA N1A  N  Y N 120 
DCA C2A  C  Y N 121 
DCA N3A  N  Y N 122 
DCA C4A  C  Y N 123 
DCA C5A  C  Y N 124 
DCA C6A  C  Y N 125 
DCA N6A  N  N N 126 
DCA N7A  N  Y N 127 
DCA C8A  C  Y N 128 
DCA N9A  N  Y N 129 
DCA C1B  C  N R 130 
DCA C2B  C  N R 131 
DCA O2B  O  N N 132 
DCA C3B  C  N S 133 
DCA O3B  O  N N 134 
DCA P3B  P  N N 135 
DCA O7A  O  N N 136 
DCA O8A  O  N N 137 
DCA O9A  O  N N 138 
DCA C4B  C  N R 139 
DCA O4B  O  N N 140 
DCA C5B  C  N N 141 
DCA O5B  O  N N 142 
DCA P1A  P  N S 143 
DCA O1A  O  N N 144 
DCA O2A  O  N N 145 
DCA O3A  O  N N 146 
DCA P2A  P  N R 147 
DCA O4A  O  N N 148 
DCA O5A  O  N N 149 
DCA O6A  O  N N 150 
DCA CBP  C  N N 151 
DCA CCP  C  N N 152 
DCA CDP  C  N N 153 
DCA CEP  C  N N 154 
DCA CAP  C  N R 155 
DCA OAP  O  N N 156 
DCA C9P  C  N N 157 
DCA O9P  O  N N 158 
DCA N8P  N  N N 159 
DCA C7P  C  N N 160 
DCA C6P  C  N N 161 
DCA C5P  C  N N 162 
DCA O5P  O  N N 163 
DCA N4P  N  N N 164 
DCA C3P  C  N N 165 
DCA C2P  C  N N 166 
DCA H2A  H  N N 167 
DCA H61A H  N N 168 
DCA H62A H  N N 169 
DCA H8A  H  N N 170 
DCA H1B  H  N N 171 
DCA H2B  H  N N 172 
DCA HO2A H  N N 173 
DCA H3B  H  N N 174 
DCA HOA8 H  N N 175 
DCA HOA9 H  N N 176 
DCA H4B  H  N N 177 
DCA H51A H  N N 178 
DCA H52A H  N N 179 
DCA HOA2 H  N N 180 
DCA HOA5 H  N N 181 
DCA H121 H  N N 182 
DCA H122 H  N N 183 
DCA H131 H  N N 184 
DCA H132 H  N N 185 
DCA H133 H  N N 186 
DCA H141 H  N N 187 
DCA H142 H  N N 188 
DCA H143 H  N N 189 
DCA H10  H  N N 190 
DCA HO1  H  N N 191 
DCA HN8  H  N N 192 
DCA H71  H  N N 193 
DCA H72  H  N N 194 
DCA H61  H  N N 195 
DCA H62  H  N N 196 
DCA HN4  H  N N 197 
DCA H31  H  N N 198 
DCA H32  H  N N 199 
DCA H21  H  N N 200 
DCA H22  H  N N 201 
DCA H23  H  N N 202 
GLN N    N  N N 203 
GLN CA   C  N S 204 
GLN C    C  N N 205 
GLN O    O  N N 206 
GLN CB   C  N N 207 
GLN CG   C  N N 208 
GLN CD   C  N N 209 
GLN OE1  O  N N 210 
GLN NE2  N  N N 211 
GLN OXT  O  N N 212 
GLN H    H  N N 213 
GLN H2   H  N N 214 
GLN HA   H  N N 215 
GLN HB2  H  N N 216 
GLN HB3  H  N N 217 
GLN HG2  H  N N 218 
GLN HG3  H  N N 219 
GLN HE21 H  N N 220 
GLN HE22 H  N N 221 
GLN HXT  H  N N 222 
GLU N    N  N N 223 
GLU CA   C  N S 224 
GLU C    C  N N 225 
GLU O    O  N N 226 
GLU CB   C  N N 227 
GLU CG   C  N N 228 
GLU CD   C  N N 229 
GLU OE1  O  N N 230 
GLU OE2  O  N N 231 
GLU OXT  O  N N 232 
GLU H    H  N N 233 
GLU H2   H  N N 234 
GLU HA   H  N N 235 
GLU HB2  H  N N 236 
GLU HB3  H  N N 237 
GLU HG2  H  N N 238 
GLU HG3  H  N N 239 
GLU HE2  H  N N 240 
GLU HXT  H  N N 241 
GLY N    N  N N 242 
GLY CA   C  N N 243 
GLY C    C  N N 244 
GLY O    O  N N 245 
GLY OXT  O  N N 246 
GLY H    H  N N 247 
GLY H2   H  N N 248 
GLY HA2  H  N N 249 
GLY HA3  H  N N 250 
GLY HXT  H  N N 251 
HIS N    N  N N 252 
HIS CA   C  N S 253 
HIS C    C  N N 254 
HIS O    O  N N 255 
HIS CB   C  N N 256 
HIS CG   C  Y N 257 
HIS ND1  N  Y N 258 
HIS CD2  C  Y N 259 
HIS CE1  C  Y N 260 
HIS NE2  N  Y N 261 
HIS OXT  O  N N 262 
HIS H    H  N N 263 
HIS H2   H  N N 264 
HIS HA   H  N N 265 
HIS HB2  H  N N 266 
HIS HB3  H  N N 267 
HIS HD1  H  N N 268 
HIS HD2  H  N N 269 
HIS HE1  H  N N 270 
HIS HE2  H  N N 271 
HIS HXT  H  N N 272 
ILE N    N  N N 273 
ILE CA   C  N S 274 
ILE C    C  N N 275 
ILE O    O  N N 276 
ILE CB   C  N S 277 
ILE CG1  C  N N 278 
ILE CG2  C  N N 279 
ILE CD1  C  N N 280 
ILE OXT  O  N N 281 
ILE H    H  N N 282 
ILE H2   H  N N 283 
ILE HA   H  N N 284 
ILE HB   H  N N 285 
ILE HG12 H  N N 286 
ILE HG13 H  N N 287 
ILE HG21 H  N N 288 
ILE HG22 H  N N 289 
ILE HG23 H  N N 290 
ILE HD11 H  N N 291 
ILE HD12 H  N N 292 
ILE HD13 H  N N 293 
ILE HXT  H  N N 294 
LEU N    N  N N 295 
LEU CA   C  N S 296 
LEU C    C  N N 297 
LEU O    O  N N 298 
LEU CB   C  N N 299 
LEU CG   C  N N 300 
LEU CD1  C  N N 301 
LEU CD2  C  N N 302 
LEU OXT  O  N N 303 
LEU H    H  N N 304 
LEU H2   H  N N 305 
LEU HA   H  N N 306 
LEU HB2  H  N N 307 
LEU HB3  H  N N 308 
LEU HG   H  N N 309 
LEU HD11 H  N N 310 
LEU HD12 H  N N 311 
LEU HD13 H  N N 312 
LEU HD21 H  N N 313 
LEU HD22 H  N N 314 
LEU HD23 H  N N 315 
LEU HXT  H  N N 316 
LYS N    N  N N 317 
LYS CA   C  N S 318 
LYS C    C  N N 319 
LYS O    O  N N 320 
LYS CB   C  N N 321 
LYS CG   C  N N 322 
LYS CD   C  N N 323 
LYS CE   C  N N 324 
LYS NZ   N  N N 325 
LYS OXT  O  N N 326 
LYS H    H  N N 327 
LYS H2   H  N N 328 
LYS HA   H  N N 329 
LYS HB2  H  N N 330 
LYS HB3  H  N N 331 
LYS HG2  H  N N 332 
LYS HG3  H  N N 333 
LYS HD2  H  N N 334 
LYS HD3  H  N N 335 
LYS HE2  H  N N 336 
LYS HE3  H  N N 337 
LYS HZ1  H  N N 338 
LYS HZ2  H  N N 339 
LYS HZ3  H  N N 340 
LYS HXT  H  N N 341 
MET N    N  N N 342 
MET CA   C  N S 343 
MET C    C  N N 344 
MET O    O  N N 345 
MET CB   C  N N 346 
MET CG   C  N N 347 
MET SD   S  N N 348 
MET CE   C  N N 349 
MET OXT  O  N N 350 
MET H    H  N N 351 
MET H2   H  N N 352 
MET HA   H  N N 353 
MET HB2  H  N N 354 
MET HB3  H  N N 355 
MET HG2  H  N N 356 
MET HG3  H  N N 357 
MET HE1  H  N N 358 
MET HE2  H  N N 359 
MET HE3  H  N N 360 
MET HXT  H  N N 361 
PHE N    N  N N 362 
PHE CA   C  N S 363 
PHE C    C  N N 364 
PHE O    O  N N 365 
PHE CB   C  N N 366 
PHE CG   C  Y N 367 
PHE CD1  C  Y N 368 
PHE CD2  C  Y N 369 
PHE CE1  C  Y N 370 
PHE CE2  C  Y N 371 
PHE CZ   C  Y N 372 
PHE OXT  O  N N 373 
PHE H    H  N N 374 
PHE H2   H  N N 375 
PHE HA   H  N N 376 
PHE HB2  H  N N 377 
PHE HB3  H  N N 378 
PHE HD1  H  N N 379 
PHE HD2  H  N N 380 
PHE HE1  H  N N 381 
PHE HE2  H  N N 382 
PHE HZ   H  N N 383 
PHE HXT  H  N N 384 
PRO N    N  N N 385 
PRO CA   C  N S 386 
PRO C    C  N N 387 
PRO O    O  N N 388 
PRO CB   C  N N 389 
PRO CG   C  N N 390 
PRO CD   C  N N 391 
PRO OXT  O  N N 392 
PRO H    H  N N 393 
PRO HA   H  N N 394 
PRO HB2  H  N N 395 
PRO HB3  H  N N 396 
PRO HG2  H  N N 397 
PRO HG3  H  N N 398 
PRO HD2  H  N N 399 
PRO HD3  H  N N 400 
PRO HXT  H  N N 401 
SER N    N  N N 402 
SER CA   C  N S 403 
SER C    C  N N 404 
SER O    O  N N 405 
SER CB   C  N N 406 
SER OG   O  N N 407 
SER OXT  O  N N 408 
SER H    H  N N 409 
SER H2   H  N N 410 
SER HA   H  N N 411 
SER HB2  H  N N 412 
SER HB3  H  N N 413 
SER HG   H  N N 414 
SER HXT  H  N N 415 
THR N    N  N N 416 
THR CA   C  N S 417 
THR C    C  N N 418 
THR O    O  N N 419 
THR CB   C  N R 420 
THR OG1  O  N N 421 
THR CG2  C  N N 422 
THR OXT  O  N N 423 
THR H    H  N N 424 
THR H2   H  N N 425 
THR HA   H  N N 426 
THR HB   H  N N 427 
THR HG1  H  N N 428 
THR HG21 H  N N 429 
THR HG22 H  N N 430 
THR HG23 H  N N 431 
THR HXT  H  N N 432 
TRP N    N  N N 433 
TRP CA   C  N S 434 
TRP C    C  N N 435 
TRP O    O  N N 436 
TRP CB   C  N N 437 
TRP CG   C  Y N 438 
TRP CD1  C  Y N 439 
TRP CD2  C  Y N 440 
TRP NE1  N  Y N 441 
TRP CE2  C  Y N 442 
TRP CE3  C  Y N 443 
TRP CZ2  C  Y N 444 
TRP CZ3  C  Y N 445 
TRP CH2  C  Y N 446 
TRP OXT  O  N N 447 
TRP H    H  N N 448 
TRP H2   H  N N 449 
TRP HA   H  N N 450 
TRP HB2  H  N N 451 
TRP HB3  H  N N 452 
TRP HD1  H  N N 453 
TRP HE1  H  N N 454 
TRP HE3  H  N N 455 
TRP HZ2  H  N N 456 
TRP HZ3  H  N N 457 
TRP HH2  H  N N 458 
TRP HXT  H  N N 459 
TYR N    N  N N 460 
TYR CA   C  N S 461 
TYR C    C  N N 462 
TYR O    O  N N 463 
TYR CB   C  N N 464 
TYR CG   C  Y N 465 
TYR CD1  C  Y N 466 
TYR CD2  C  Y N 467 
TYR CE1  C  Y N 468 
TYR CE2  C  Y N 469 
TYR CZ   C  Y N 470 
TYR OH   O  N N 471 
TYR OXT  O  N N 472 
TYR H    H  N N 473 
TYR H2   H  N N 474 
TYR HA   H  N N 475 
TYR HB2  H  N N 476 
TYR HB3  H  N N 477 
TYR HD1  H  N N 478 
TYR HD2  H  N N 479 
TYR HE1  H  N N 480 
TYR HE2  H  N N 481 
TYR HH   H  N N 482 
TYR HXT  H  N N 483 
VAL N    N  N N 484 
VAL CA   C  N S 485 
VAL C    C  N N 486 
VAL O    O  N N 487 
VAL CB   C  N N 488 
VAL CG1  C  N N 489 
VAL CG2  C  N N 490 
VAL OXT  O  N N 491 
VAL H    H  N N 492 
VAL H2   H  N N 493 
VAL HA   H  N N 494 
VAL HB   H  N N 495 
VAL HG11 H  N N 496 
VAL HG12 H  N N 497 
VAL HG13 H  N N 498 
VAL HG21 H  N N 499 
VAL HG22 H  N N 500 
VAL HG23 H  N N 501 
VAL HXT  H  N N 502 
# 
loop_
_chem_comp_bond.comp_id 
_chem_comp_bond.atom_id_1 
_chem_comp_bond.atom_id_2 
_chem_comp_bond.value_order 
_chem_comp_bond.pdbx_aromatic_flag 
_chem_comp_bond.pdbx_stereo_config 
_chem_comp_bond.pdbx_ordinal 
ALA N   CA   sing N N 1   
ALA N   H    sing N N 2   
ALA N   H2   sing N N 3   
ALA CA  C    sing N N 4   
ALA CA  CB   sing N N 5   
ALA CA  HA   sing N N 6   
ALA C   O    doub N N 7   
ALA C   OXT  sing N N 8   
ALA CB  HB1  sing N N 9   
ALA CB  HB2  sing N N 10  
ALA CB  HB3  sing N N 11  
ALA OXT HXT  sing N N 12  
ARG N   CA   sing N N 13  
ARG N   H    sing N N 14  
ARG N   H2   sing N N 15  
ARG CA  C    sing N N 16  
ARG CA  CB   sing N N 17  
ARG CA  HA   sing N N 18  
ARG C   O    doub N N 19  
ARG C   OXT  sing N N 20  
ARG CB  CG   sing N N 21  
ARG CB  HB2  sing N N 22  
ARG CB  HB3  sing N N 23  
ARG CG  CD   sing N N 24  
ARG CG  HG2  sing N N 25  
ARG CG  HG3  sing N N 26  
ARG CD  NE   sing N N 27  
ARG CD  HD2  sing N N 28  
ARG CD  HD3  sing N N 29  
ARG NE  CZ   sing N N 30  
ARG NE  HE   sing N N 31  
ARG CZ  NH1  sing N N 32  
ARG CZ  NH2  doub N N 33  
ARG NH1 HH11 sing N N 34  
ARG NH1 HH12 sing N N 35  
ARG NH2 HH21 sing N N 36  
ARG NH2 HH22 sing N N 37  
ARG OXT HXT  sing N N 38  
ASN N   CA   sing N N 39  
ASN N   H    sing N N 40  
ASN N   H2   sing N N 41  
ASN CA  C    sing N N 42  
ASN CA  CB   sing N N 43  
ASN CA  HA   sing N N 44  
ASN C   O    doub N N 45  
ASN C   OXT  sing N N 46  
ASN CB  CG   sing N N 47  
ASN CB  HB2  sing N N 48  
ASN CB  HB3  sing N N 49  
ASN CG  OD1  doub N N 50  
ASN CG  ND2  sing N N 51  
ASN ND2 HD21 sing N N 52  
ASN ND2 HD22 sing N N 53  
ASN OXT HXT  sing N N 54  
ASP N   CA   sing N N 55  
ASP N   H    sing N N 56  
ASP N   H2   sing N N 57  
ASP CA  C    sing N N 58  
ASP CA  CB   sing N N 59  
ASP CA  HA   sing N N 60  
ASP C   O    doub N N 61  
ASP C   OXT  sing N N 62  
ASP CB  CG   sing N N 63  
ASP CB  HB2  sing N N 64  
ASP CB  HB3  sing N N 65  
ASP CG  OD1  doub N N 66  
ASP CG  OD2  sing N N 67  
ASP OD2 HD2  sing N N 68  
ASP OXT HXT  sing N N 69  
CLM C1  CL1  sing N N 70  
CLM C1  CL2  sing N N 71  
CLM C1  C2   sing N N 72  
CLM C1  H1   sing N N 73  
CLM C2  O2   doub N N 74  
CLM C2  N2   sing N N 75  
CLM N2  C3   sing N N 76  
CLM N2  HN2  sing N N 77  
CLM C3  C4   sing N N 78  
CLM C3  C5   sing N N 79  
CLM C3  H3   sing N N 80  
CLM C4  O4   sing N N 81  
CLM C4  H41  sing N N 82  
CLM C4  H42  sing N N 83  
CLM O4  HO4  sing N N 84  
CLM C5  O5   sing N N 85  
CLM C5  C6   sing N N 86  
CLM C5  H5   sing N N 87  
CLM O5  HO5  sing N N 88  
CLM C6  C7   doub Y N 89  
CLM C6  C11  sing Y N 90  
CLM C7  C8   sing Y N 91  
CLM C7  H7   sing N N 92  
CLM C8  C9   doub Y N 93  
CLM C8  H8   sing N N 94  
CLM C9  N9   sing N N 95  
CLM C9  C10  sing Y N 96  
CLM N9  O9A  sing N N 97  
CLM N9  O9B  doub N N 98  
CLM C10 C11  doub Y N 99  
CLM C10 H10  sing N N 100 
CLM C11 H11  sing N N 101 
CYS N   CA   sing N N 102 
CYS N   H    sing N N 103 
CYS N   H2   sing N N 104 
CYS CA  C    sing N N 105 
CYS CA  CB   sing N N 106 
CYS CA  HA   sing N N 107 
CYS C   O    doub N N 108 
CYS C   OXT  sing N N 109 
CYS CB  SG   sing N N 110 
CYS CB  HB2  sing N N 111 
CYS CB  HB3  sing N N 112 
CYS SG  HG   sing N N 113 
CYS OXT HXT  sing N N 114 
DCA N1A C2A  sing Y N 115 
DCA N1A C6A  doub Y N 116 
DCA C2A N3A  doub Y N 117 
DCA C2A H2A  sing N N 118 
DCA N3A C4A  sing Y N 119 
DCA C4A C5A  doub Y N 120 
DCA C4A N9A  sing Y N 121 
DCA C5A C6A  sing Y N 122 
DCA C5A N7A  sing Y N 123 
DCA C6A N6A  sing N N 124 
DCA N6A H61A sing N N 125 
DCA N6A H62A sing N N 126 
DCA N7A C8A  doub Y N 127 
DCA C8A N9A  sing Y N 128 
DCA C8A H8A  sing N N 129 
DCA N9A C1B  sing N N 130 
DCA C1B C2B  sing N N 131 
DCA C1B O4B  sing N N 132 
DCA C1B H1B  sing N N 133 
DCA C2B O2B  sing N N 134 
DCA C2B C3B  sing N N 135 
DCA C2B H2B  sing N N 136 
DCA O2B HO2A sing N N 137 
DCA C3B O3B  sing N N 138 
DCA C3B C4B  sing N N 139 
DCA C3B H3B  sing N N 140 
DCA O3B P3B  sing N N 141 
DCA P3B O7A  doub N N 142 
DCA P3B O8A  sing N N 143 
DCA P3B O9A  sing N N 144 
DCA O8A HOA8 sing N N 145 
DCA O9A HOA9 sing N N 146 
DCA C4B O4B  sing N N 147 
DCA C4B C5B  sing N N 148 
DCA C4B H4B  sing N N 149 
DCA C5B O5B  sing N N 150 
DCA C5B H51A sing N N 151 
DCA C5B H52A sing N N 152 
DCA O5B P1A  sing N N 153 
DCA P1A O1A  doub N N 154 
DCA P1A O2A  sing N N 155 
DCA P1A O3A  sing N N 156 
DCA O2A HOA2 sing N N 157 
DCA O3A P2A  sing N N 158 
DCA P2A O4A  doub N N 159 
DCA P2A O5A  sing N N 160 
DCA P2A O6A  sing N N 161 
DCA O5A HOA5 sing N N 162 
DCA O6A CCP  sing N N 163 
DCA CBP CCP  sing N N 164 
DCA CBP CDP  sing N N 165 
DCA CBP CEP  sing N N 166 
DCA CBP CAP  sing N N 167 
DCA CCP H121 sing N N 168 
DCA CCP H122 sing N N 169 
DCA CDP H131 sing N N 170 
DCA CDP H132 sing N N 171 
DCA CDP H133 sing N N 172 
DCA CEP H141 sing N N 173 
DCA CEP H142 sing N N 174 
DCA CEP H143 sing N N 175 
DCA CAP OAP  sing N N 176 
DCA CAP C9P  sing N N 177 
DCA CAP H10  sing N N 178 
DCA OAP HO1  sing N N 179 
DCA C9P O9P  doub N N 180 
DCA C9P N8P  sing N N 181 
DCA N8P C7P  sing N N 182 
DCA N8P HN8  sing N N 183 
DCA C7P C6P  sing N N 184 
DCA C7P H71  sing N N 185 
DCA C7P H72  sing N N 186 
DCA C6P C5P  sing N N 187 
DCA C6P H61  sing N N 188 
DCA C6P H62  sing N N 189 
DCA C5P O5P  doub N N 190 
DCA C5P N4P  sing N N 191 
DCA N4P C3P  sing N N 192 
DCA N4P HN4  sing N N 193 
DCA C3P C2P  sing N N 194 
DCA C3P H31  sing N N 195 
DCA C3P H32  sing N N 196 
DCA C2P H21  sing N N 197 
DCA C2P H22  sing N N 198 
DCA C2P H23  sing N N 199 
GLN N   CA   sing N N 200 
GLN N   H    sing N N 201 
GLN N   H2   sing N N 202 
GLN CA  C    sing N N 203 
GLN CA  CB   sing N N 204 
GLN CA  HA   sing N N 205 
GLN C   O    doub N N 206 
GLN C   OXT  sing N N 207 
GLN CB  CG   sing N N 208 
GLN CB  HB2  sing N N 209 
GLN CB  HB3  sing N N 210 
GLN CG  CD   sing N N 211 
GLN CG  HG2  sing N N 212 
GLN CG  HG3  sing N N 213 
GLN CD  OE1  doub N N 214 
GLN CD  NE2  sing N N 215 
GLN NE2 HE21 sing N N 216 
GLN NE2 HE22 sing N N 217 
GLN OXT HXT  sing N N 218 
GLU N   CA   sing N N 219 
GLU N   H    sing N N 220 
GLU N   H2   sing N N 221 
GLU CA  C    sing N N 222 
GLU CA  CB   sing N N 223 
GLU CA  HA   sing N N 224 
GLU C   O    doub N N 225 
GLU C   OXT  sing N N 226 
GLU CB  CG   sing N N 227 
GLU CB  HB2  sing N N 228 
GLU CB  HB3  sing N N 229 
GLU CG  CD   sing N N 230 
GLU CG  HG2  sing N N 231 
GLU CG  HG3  sing N N 232 
GLU CD  OE1  doub N N 233 
GLU CD  OE2  sing N N 234 
GLU OE2 HE2  sing N N 235 
GLU OXT HXT  sing N N 236 
GLY N   CA   sing N N 237 
GLY N   H    sing N N 238 
GLY N   H2   sing N N 239 
GLY CA  C    sing N N 240 
GLY CA  HA2  sing N N 241 
GLY CA  HA3  sing N N 242 
GLY C   O    doub N N 243 
GLY C   OXT  sing N N 244 
GLY OXT HXT  sing N N 245 
HIS N   CA   sing N N 246 
HIS N   H    sing N N 247 
HIS N   H2   sing N N 248 
HIS CA  C    sing N N 249 
HIS CA  CB   sing N N 250 
HIS CA  HA   sing N N 251 
HIS C   O    doub N N 252 
HIS C   OXT  sing N N 253 
HIS CB  CG   sing N N 254 
HIS CB  HB2  sing N N 255 
HIS CB  HB3  sing N N 256 
HIS CG  ND1  sing Y N 257 
HIS CG  CD2  doub Y N 258 
HIS ND1 CE1  doub Y N 259 
HIS ND1 HD1  sing N N 260 
HIS CD2 NE2  sing Y N 261 
HIS CD2 HD2  sing N N 262 
HIS CE1 NE2  sing Y N 263 
HIS CE1 HE1  sing N N 264 
HIS NE2 HE2  sing N N 265 
HIS OXT HXT  sing N N 266 
ILE N   CA   sing N N 267 
ILE N   H    sing N N 268 
ILE N   H2   sing N N 269 
ILE CA  C    sing N N 270 
ILE CA  CB   sing N N 271 
ILE CA  HA   sing N N 272 
ILE C   O    doub N N 273 
ILE C   OXT  sing N N 274 
ILE CB  CG1  sing N N 275 
ILE CB  CG2  sing N N 276 
ILE CB  HB   sing N N 277 
ILE CG1 CD1  sing N N 278 
ILE CG1 HG12 sing N N 279 
ILE CG1 HG13 sing N N 280 
ILE CG2 HG21 sing N N 281 
ILE CG2 HG22 sing N N 282 
ILE CG2 HG23 sing N N 283 
ILE CD1 HD11 sing N N 284 
ILE CD1 HD12 sing N N 285 
ILE CD1 HD13 sing N N 286 
ILE OXT HXT  sing N N 287 
LEU N   CA   sing N N 288 
LEU N   H    sing N N 289 
LEU N   H2   sing N N 290 
LEU CA  C    sing N N 291 
LEU CA  CB   sing N N 292 
LEU CA  HA   sing N N 293 
LEU C   O    doub N N 294 
LEU C   OXT  sing N N 295 
LEU CB  CG   sing N N 296 
LEU CB  HB2  sing N N 297 
LEU CB  HB3  sing N N 298 
LEU CG  CD1  sing N N 299 
LEU CG  CD2  sing N N 300 
LEU CG  HG   sing N N 301 
LEU CD1 HD11 sing N N 302 
LEU CD1 HD12 sing N N 303 
LEU CD1 HD13 sing N N 304 
LEU CD2 HD21 sing N N 305 
LEU CD2 HD22 sing N N 306 
LEU CD2 HD23 sing N N 307 
LEU OXT HXT  sing N N 308 
LYS N   CA   sing N N 309 
LYS N   H    sing N N 310 
LYS N   H2   sing N N 311 
LYS CA  C    sing N N 312 
LYS CA  CB   sing N N 313 
LYS CA  HA   sing N N 314 
LYS C   O    doub N N 315 
LYS C   OXT  sing N N 316 
LYS CB  CG   sing N N 317 
LYS CB  HB2  sing N N 318 
LYS CB  HB3  sing N N 319 
LYS CG  CD   sing N N 320 
LYS CG  HG2  sing N N 321 
LYS CG  HG3  sing N N 322 
LYS CD  CE   sing N N 323 
LYS CD  HD2  sing N N 324 
LYS CD  HD3  sing N N 325 
LYS CE  NZ   sing N N 326 
LYS CE  HE2  sing N N 327 
LYS CE  HE3  sing N N 328 
LYS NZ  HZ1  sing N N 329 
LYS NZ  HZ2  sing N N 330 
LYS NZ  HZ3  sing N N 331 
LYS OXT HXT  sing N N 332 
MET N   CA   sing N N 333 
MET N   H    sing N N 334 
MET N   H2   sing N N 335 
MET CA  C    sing N N 336 
MET CA  CB   sing N N 337 
MET CA  HA   sing N N 338 
MET C   O    doub N N 339 
MET C   OXT  sing N N 340 
MET CB  CG   sing N N 341 
MET CB  HB2  sing N N 342 
MET CB  HB3  sing N N 343 
MET CG  SD   sing N N 344 
MET CG  HG2  sing N N 345 
MET CG  HG3  sing N N 346 
MET SD  CE   sing N N 347 
MET CE  HE1  sing N N 348 
MET CE  HE2  sing N N 349 
MET CE  HE3  sing N N 350 
MET OXT HXT  sing N N 351 
PHE N   CA   sing N N 352 
PHE N   H    sing N N 353 
PHE N   H2   sing N N 354 
PHE CA  C    sing N N 355 
PHE CA  CB   sing N N 356 
PHE CA  HA   sing N N 357 
PHE C   O    doub N N 358 
PHE C   OXT  sing N N 359 
PHE CB  CG   sing N N 360 
PHE CB  HB2  sing N N 361 
PHE CB  HB3  sing N N 362 
PHE CG  CD1  doub Y N 363 
PHE CG  CD2  sing Y N 364 
PHE CD1 CE1  sing Y N 365 
PHE CD1 HD1  sing N N 366 
PHE CD2 CE2  doub Y N 367 
PHE CD2 HD2  sing N N 368 
PHE CE1 CZ   doub Y N 369 
PHE CE1 HE1  sing N N 370 
PHE CE2 CZ   sing Y N 371 
PHE CE2 HE2  sing N N 372 
PHE CZ  HZ   sing N N 373 
PHE OXT HXT  sing N N 374 
PRO N   CA   sing N N 375 
PRO N   CD   sing N N 376 
PRO N   H    sing N N 377 
PRO CA  C    sing N N 378 
PRO CA  CB   sing N N 379 
PRO CA  HA   sing N N 380 
PRO C   O    doub N N 381 
PRO C   OXT  sing N N 382 
PRO CB  CG   sing N N 383 
PRO CB  HB2  sing N N 384 
PRO CB  HB3  sing N N 385 
PRO CG  CD   sing N N 386 
PRO CG  HG2  sing N N 387 
PRO CG  HG3  sing N N 388 
PRO CD  HD2  sing N N 389 
PRO CD  HD3  sing N N 390 
PRO OXT HXT  sing N N 391 
SER N   CA   sing N N 392 
SER N   H    sing N N 393 
SER N   H2   sing N N 394 
SER CA  C    sing N N 395 
SER CA  CB   sing N N 396 
SER CA  HA   sing N N 397 
SER C   O    doub N N 398 
SER C   OXT  sing N N 399 
SER CB  OG   sing N N 400 
SER CB  HB2  sing N N 401 
SER CB  HB3  sing N N 402 
SER OG  HG   sing N N 403 
SER OXT HXT  sing N N 404 
THR N   CA   sing N N 405 
THR N   H    sing N N 406 
THR N   H2   sing N N 407 
THR CA  C    sing N N 408 
THR CA  CB   sing N N 409 
THR CA  HA   sing N N 410 
THR C   O    doub N N 411 
THR C   OXT  sing N N 412 
THR CB  OG1  sing N N 413 
THR CB  CG2  sing N N 414 
THR CB  HB   sing N N 415 
THR OG1 HG1  sing N N 416 
THR CG2 HG21 sing N N 417 
THR CG2 HG22 sing N N 418 
THR CG2 HG23 sing N N 419 
THR OXT HXT  sing N N 420 
TRP N   CA   sing N N 421 
TRP N   H    sing N N 422 
TRP N   H2   sing N N 423 
TRP CA  C    sing N N 424 
TRP CA  CB   sing N N 425 
TRP CA  HA   sing N N 426 
TRP C   O    doub N N 427 
TRP C   OXT  sing N N 428 
TRP CB  CG   sing N N 429 
TRP CB  HB2  sing N N 430 
TRP CB  HB3  sing N N 431 
TRP CG  CD1  doub Y N 432 
TRP CG  CD2  sing Y N 433 
TRP CD1 NE1  sing Y N 434 
TRP CD1 HD1  sing N N 435 
TRP CD2 CE2  doub Y N 436 
TRP CD2 CE3  sing Y N 437 
TRP NE1 CE2  sing Y N 438 
TRP NE1 HE1  sing N N 439 
TRP CE2 CZ2  sing Y N 440 
TRP CE3 CZ3  doub Y N 441 
TRP CE3 HE3  sing N N 442 
TRP CZ2 CH2  doub Y N 443 
TRP CZ2 HZ2  sing N N 444 
TRP CZ3 CH2  sing Y N 445 
TRP CZ3 HZ3  sing N N 446 
TRP CH2 HH2  sing N N 447 
TRP OXT HXT  sing N N 448 
TYR N   CA   sing N N 449 
TYR N   H    sing N N 450 
TYR N   H2   sing N N 451 
TYR CA  C    sing N N 452 
TYR CA  CB   sing N N 453 
TYR CA  HA   sing N N 454 
TYR C   O    doub N N 455 
TYR C   OXT  sing N N 456 
TYR CB  CG   sing N N 457 
TYR CB  HB2  sing N N 458 
TYR CB  HB3  sing N N 459 
TYR CG  CD1  doub Y N 460 
TYR CG  CD2  sing Y N 461 
TYR CD1 CE1  sing Y N 462 
TYR CD1 HD1  sing N N 463 
TYR CD2 CE2  doub Y N 464 
TYR CD2 HD2  sing N N 465 
TYR CE1 CZ   doub Y N 466 
TYR CE1 HE1  sing N N 467 
TYR CE2 CZ   sing Y N 468 
TYR CE2 HE2  sing N N 469 
TYR CZ  OH   sing N N 470 
TYR OH  HH   sing N N 471 
TYR OXT HXT  sing N N 472 
VAL N   CA   sing N N 473 
VAL N   H    sing N N 474 
VAL N   H2   sing N N 475 
VAL CA  C    sing N N 476 
VAL CA  CB   sing N N 477 
VAL CA  HA   sing N N 478 
VAL C   O    doub N N 479 
VAL C   OXT  sing N N 480 
VAL CB  CG1  sing N N 481 
VAL CB  CG2  sing N N 482 
VAL CB  HB   sing N N 483 
VAL CG1 HG11 sing N N 484 
VAL CG1 HG12 sing N N 485 
VAL CG1 HG13 sing N N 486 
VAL CG2 HG21 sing N N 487 
VAL CG2 HG22 sing N N 488 
VAL CG2 HG23 sing N N 489 
VAL OXT HXT  sing N N 490 
# 
_atom_sites.entry_id                    2XAT 
_atom_sites.fract_transf_matrix[1][1]   -0.00033028 
_atom_sites.fract_transf_matrix[1][2]   -0.00317889 
_atom_sites.fract_transf_matrix[1][3]   -0.00561402 
_atom_sites.fract_transf_matrix[2][1]   0.00461135 
_atom_sites.fract_transf_matrix[2][2]   0.00381507 
_atom_sites.fract_transf_matrix[2][3]   -0.00243153 
_atom_sites.fract_transf_matrix[3][1]   0.00451198 
_atom_sites.fract_transf_matrix[3][2]   -0.00413177 
_atom_sites.fract_transf_matrix[3][3]   0.00207414 
_atom_sites.fract_transf_vector[1]      0.346584 
_atom_sites.fract_transf_vector[2]      0.203846 
_atom_sites.fract_transf_vector[3]      0.340763 
# 
loop_
_atom_type.symbol 
C  
CL 
N  
O  
P  
S  
# 
loop_
_atom_site.group_PDB 
_atom_site.id 
_atom_site.type_symbol 
_atom_site.label_atom_id 
_atom_site.label_alt_id 
_atom_site.label_comp_id 
_atom_site.label_asym_id 
_atom_site.label_entity_id 
_atom_site.label_seq_id 
_atom_site.pdbx_PDB_ins_code 
_atom_site.Cartn_x 
_atom_site.Cartn_y 
_atom_site.Cartn_z 
_atom_site.occupancy 
_atom_site.B_iso_or_equiv 
_atom_site.pdbx_formal_charge 
_atom_site.auth_seq_id 
_atom_site.auth_comp_id 
_atom_site.auth_asym_id 
_atom_site.auth_atom_id 
_atom_site.pdbx_PDB_model_num 
ATOM   1    N  N   . ASN A 1 3   ? 17.118  5.343   -16.613 1.00 29.24 ? 3   ASN A N   1 
ATOM   2    C  CA  . ASN A 1 3   ? 15.756  5.207   -16.009 1.00 29.24 ? 3   ASN A CA  1 
ATOM   3    C  C   . ASN A 1 3   ? 15.194  3.793   -16.145 1.00 29.24 ? 3   ASN A C   1 
ATOM   4    O  O   . ASN A 1 3   ? 15.143  3.235   -17.243 1.00 29.24 ? 3   ASN A O   1 
ATOM   5    C  CB  . ASN A 1 3   ? 14.789  6.194   -16.660 1.00 29.24 ? 3   ASN A CB  1 
ATOM   6    C  CG  . ASN A 1 3   ? 13.440  6.188   -16.001 1.00 29.24 ? 3   ASN A CG  1 
ATOM   7    O  OD1 . ASN A 1 3   ? 13.342  6.030   -14.796 1.00 29.24 ? 3   ASN A OD1 1 
ATOM   8    N  ND2 . ASN A 1 3   ? 12.392  6.347   -16.785 1.00 29.24 ? 3   ASN A ND2 1 
ATOM   9    N  N   . TYR A 1 4   ? 14.765  3.225   -15.023 1.00 27.06 ? 4   TYR A N   1 
ATOM   10   C  CA  . TYR A 1 4   ? 14.211  1.882   -15.001 1.00 27.06 ? 4   TYR A CA  1 
ATOM   11   C  C   . TYR A 1 4   ? 13.018  1.758   -15.921 1.00 27.06 ? 4   TYR A C   1 
ATOM   12   O  O   . TYR A 1 4   ? 12.674  0.663   -16.356 1.00 27.06 ? 4   TYR A O   1 
ATOM   13   C  CB  . TYR A 1 4   ? 13.764  1.521   -13.597 1.00 27.06 ? 4   TYR A CB  1 
ATOM   14   C  CG  . TYR A 1 4   ? 13.342  0.086   -13.472 1.00 27.06 ? 4   TYR A CG  1 
ATOM   15   C  CD1 . TYR A 1 4   ? 14.166  -0.931  -13.928 1.00 27.06 ? 4   TYR A CD1 1 
ATOM   16   C  CD2 . TYR A 1 4   ? 12.128  -0.259  -12.885 1.00 27.06 ? 4   TYR A CD2 1 
ATOM   17   C  CE1 . TYR A 1 4   ? 13.801  -2.267  -13.803 1.00 27.06 ? 4   TYR A CE1 1 
ATOM   18   C  CE2 . TYR A 1 4   ? 11.749  -1.597  -12.754 1.00 27.06 ? 4   TYR A CE2 1 
ATOM   19   C  CZ  . TYR A 1 4   ? 12.592  -2.597  -13.215 1.00 27.06 ? 4   TYR A CZ  1 
ATOM   20   O  OH  . TYR A 1 4   ? 12.238  -3.924  -13.082 1.00 27.06 ? 4   TYR A OH  1 
ATOM   21   N  N   . PHE A 1 5   ? 12.378  2.887   -16.205 1.00 16.78 ? 5   PHE A N   1 
ATOM   22   C  CA  . PHE A 1 5   ? 11.197  2.897   -17.050 1.00 16.78 ? 5   PHE A CA  1 
ATOM   23   C  C   . PHE A 1 5   ? 11.459  3.580   -18.381 1.00 16.78 ? 5   PHE A C   1 
ATOM   24   O  O   . PHE A 1 5   ? 12.206  4.549   -18.460 1.00 16.78 ? 5   PHE A O   1 
ATOM   25   C  CB  . PHE A 1 5   ? 10.060  3.586   -16.315 1.00 16.78 ? 5   PHE A CB  1 
ATOM   26   C  CG  . PHE A 1 5   ? 9.677   2.903   -15.036 1.00 16.78 ? 5   PHE A CG  1 
ATOM   27   C  CD1 . PHE A 1 5   ? 8.710   1.910   -15.026 1.00 16.78 ? 5   PHE A CD1 1 
ATOM   28   C  CD2 . PHE A 1 5   ? 10.275  3.254   -13.841 1.00 16.78 ? 5   PHE A CD2 1 
ATOM   29   C  CE1 . PHE A 1 5   ? 8.349   1.278   -13.848 1.00 16.78 ? 5   PHE A CE1 1 
ATOM   30   C  CE2 . PHE A 1 5   ? 9.917   2.623   -12.662 1.00 16.78 ? 5   PHE A CE2 1 
ATOM   31   C  CZ  . PHE A 1 5   ? 8.953   1.637   -12.666 1.00 16.78 ? 5   PHE A CZ  1 
ATOM   32   N  N   . GLU A 1 6   ? 10.831  3.076   -19.434 1.00 43.76 ? 6   GLU A N   1 
ATOM   33   C  CA  . GLU A 1 6   ? 11.046  3.646   -20.751 1.00 43.76 ? 6   GLU A CA  1 
ATOM   34   C  C   . GLU A 1 6   ? 10.117  4.796   -21.091 1.00 43.76 ? 6   GLU A C   1 
ATOM   35   O  O   . GLU A 1 6   ? 10.420  5.601   -21.974 1.00 43.76 ? 6   GLU A O   1 
ATOM   36   C  CB  . GLU A 1 6   ? 10.901  2.562   -21.805 1.00 43.76 ? 6   GLU A CB  1 
ATOM   37   C  CG  . GLU A 1 6   ? 9.997   1.448   -21.384 1.00 43.76 ? 6   GLU A CG  1 
ATOM   38   C  CD  . GLU A 1 6   ? 10.738  0.148   -21.307 1.00 43.76 ? 6   GLU A CD  1 
ATOM   39   O  OE1 . GLU A 1 6   ? 11.029  -0.444  -22.370 1.00 43.76 ? 6   GLU A OE1 1 
ATOM   40   O  OE2 . GLU A 1 6   ? 11.040  -0.279  -20.179 1.00 43.76 ? 6   GLU A OE2 1 
ATOM   41   N  N   . SER A 1 7   ? 8.980   4.872   -20.409 1.00 20.89 ? 7   SER A N   1 
ATOM   42   C  CA  . SER A 1 7   ? 8.027   5.941   -20.685 1.00 20.89 ? 7   SER A CA  1 
ATOM   43   C  C   . SER A 1 7   ? 7.100   6.243   -19.517 1.00 20.89 ? 7   SER A C   1 
ATOM   44   O  O   . SER A 1 7   ? 6.788   5.379   -18.697 1.00 20.89 ? 7   SER A O   1 
ATOM   45   C  CB  . SER A 1 7   ? 7.191   5.600   -21.922 1.00 20.89 ? 7   SER A CB  1 
ATOM   46   O  OG  . SER A 1 7   ? 5.810   5.589   -21.608 1.00 20.89 ? 7   SER A OG  1 
ATOM   47   N  N   . PRO A 1 8   ? 6.638   7.487   -19.428 1.00 8.37  ? 8   PRO A N   1 
ATOM   48   C  CA  . PRO A 1 8   ? 5.751   7.830   -18.330 1.00 8.37  ? 8   PRO A CA  1 
ATOM   49   C  C   . PRO A 1 8   ? 4.398   7.159   -18.477 1.00 8.37  ? 8   PRO A C   1 
ATOM   50   O  O   . PRO A 1 8   ? 3.656   7.023   -17.510 1.00 8.37  ? 8   PRO A O   1 
ATOM   51   C  CB  . PRO A 1 8   ? 5.652   9.346   -18.409 1.00 8.37  ? 8   PRO A CB  1 
ATOM   52   C  CG  . PRO A 1 8   ? 5.943   9.669   -19.804 1.00 8.37  ? 8   PRO A CG  1 
ATOM   53   C  CD  . PRO A 1 8   ? 6.889   8.636   -20.315 1.00 8.37  ? 8   PRO A CD  1 
ATOM   54   N  N   . PHE A 1 9   ? 4.100   6.711   -19.691 1.00 15.98 ? 9   PHE A N   1 
ATOM   55   C  CA  . PHE A 1 9   ? 2.827   6.080   -19.975 1.00 15.98 ? 9   PHE A CA  1 
ATOM   56   C  C   . PHE A 1 9   ? 2.771   4.562   -19.938 1.00 15.98 ? 9   PHE A C   1 
ATOM   57   O  O   . PHE A 1 9   ? 1.828   3.969   -20.468 1.00 15.98 ? 9   PHE A O   1 
ATOM   58   C  CB  . PHE A 1 9   ? 2.345   6.564   -21.321 1.00 15.98 ? 9   PHE A CB  1 
ATOM   59   C  CG  . PHE A 1 9   ? 2.419   8.039   -21.466 1.00 15.98 ? 9   PHE A CG  1 
ATOM   60   C  CD1 . PHE A 1 9   ? 1.426   8.850   -20.922 1.00 15.98 ? 9   PHE A CD1 1 
ATOM   61   C  CD2 . PHE A 1 9   ? 3.479   8.629   -22.131 1.00 15.98 ? 9   PHE A CD2 1 
ATOM   62   C  CE1 . PHE A 1 9   ? 1.497   10.229  -21.038 1.00 15.98 ? 9   PHE A CE1 1 
ATOM   63   C  CE2 . PHE A 1 9   ? 3.560   10.003  -22.254 1.00 15.98 ? 9   PHE A CE2 1 
ATOM   64   C  CZ  . PHE A 1 9   ? 2.567   10.810  -21.707 1.00 15.98 ? 9   PHE A CZ  1 
ATOM   65   N  N   . ARG A 1 10  ? 3.758   3.922   -19.318 1.00 12.80 ? 10  ARG A N   1 
ATOM   66   C  CA  . ARG A 1 10  ? 3.767   2.458   -19.233 1.00 12.80 ? 10  ARG A CA  1 
ATOM   67   C  C   . ARG A 1 10  ? 4.620   1.970   -18.069 1.00 12.80 ? 10  ARG A C   1 
ATOM   68   O  O   . ARG A 1 10  ? 5.851   1.998   -18.128 1.00 12.80 ? 10  ARG A O   1 
ATOM   69   C  CB  . ARG A 1 10  ? 4.272   1.843   -20.551 1.00 12.80 ? 10  ARG A CB  1 
ATOM   70   N  N   . GLY A 1 11  ? 3.956   1.517   -17.013 1.00 14.01 ? 11  GLY A N   1 
ATOM   71   C  CA  . GLY A 1 11  ? 4.669   1.041   -15.843 1.00 14.01 ? 11  GLY A CA  1 
ATOM   72   C  C   . GLY A 1 11  ? 4.900   -0.445  -15.936 1.00 14.01 ? 11  GLY A C   1 
ATOM   73   O  O   . GLY A 1 11  ? 4.457   -1.067  -16.895 1.00 14.01 ? 11  GLY A O   1 
ATOM   74   N  N   . LYS A 1 12  ? 5.578   -1.023  -14.951 1.00 26.35 ? 12  LYS A N   1 
ATOM   75   C  CA  . LYS A 1 12  ? 5.840   -2.451  -14.980 1.00 26.35 ? 12  LYS A CA  1 
ATOM   76   C  C   . LYS A 1 12  ? 5.307   -3.153  -13.756 1.00 26.35 ? 12  LYS A C   1 
ATOM   77   O  O   . LYS A 1 12  ? 5.325   -2.601  -12.671 1.00 26.35 ? 12  LYS A O   1 
ATOM   78   C  CB  . LYS A 1 12  ? 7.332   -2.697  -15.105 1.00 26.35 ? 12  LYS A CB  1 
ATOM   79   C  CG  . LYS A 1 12  ? 7.903   -2.197  -16.404 1.00 26.35 ? 12  LYS A CG  1 
ATOM   80   C  CD  . LYS A 1 12  ? 9.266   -1.585  -16.178 1.00 26.35 ? 12  LYS A CD  1 
ATOM   81   C  CE  . LYS A 1 12  ? 9.828   -1.003  -17.465 1.00 26.35 ? 12  LYS A CE  1 
ATOM   82   N  NZ  . LYS A 1 12  ? 10.949  -1.844  -17.995 1.00 26.35 ? 12  LYS A NZ  1 
ATOM   83   N  N   . LEU A 1 13  ? 4.848   -4.385  -13.938 1.00 19.85 ? 13  LEU A N   1 
ATOM   84   C  CA  . LEU A 1 13  ? 4.282   -5.173  -12.844 1.00 19.85 ? 13  LEU A CA  1 
ATOM   85   C  C   . LEU A 1 13  ? 5.131   -5.165  -11.587 1.00 19.85 ? 13  LEU A C   1 
ATOM   86   O  O   . LEU A 1 13  ? 6.341   -5.013  -11.654 1.00 19.85 ? 13  LEU A O   1 
ATOM   87   C  CB  . LEU A 1 13  ? 4.067   -6.615  -13.289 1.00 19.85 ? 13  LEU A CB  1 
ATOM   88   C  CG  . LEU A 1 13  ? 2.989   -6.893  -14.336 1.00 19.85 ? 13  LEU A CG  1 
ATOM   89   C  CD1 . LEU A 1 13  ? 2.698   -8.377  -14.327 1.00 19.85 ? 13  LEU A CD1 1 
ATOM   90   C  CD2 . LEU A 1 13  ? 1.723   -6.102  -14.046 1.00 19.85 ? 13  LEU A CD2 1 
ATOM   91   N  N   . LEU A 1 14  ? 4.494   -5.323  -10.435 1.00 13.73 ? 14  LEU A N   1 
ATOM   92   C  CA  . LEU A 1 14  ? 5.225   -5.338  -9.182  1.00 13.73 ? 14  LEU A CA  1 
ATOM   93   C  C   . LEU A 1 14  ? 5.956   -6.665  -9.132  1.00 13.73 ? 14  LEU A C   1 
ATOM   94   O  O   . LEU A 1 14  ? 7.137   -6.734  -8.781  1.00 13.73 ? 14  LEU A O   1 
ATOM   95   C  CB  . LEU A 1 14  ? 4.270   -5.247  -7.992  1.00 13.73 ? 14  LEU A CB  1 
ATOM   96   C  CG  . LEU A 1 14  ? 3.602   -3.918  -7.666  1.00 13.73 ? 14  LEU A CG  1 
ATOM   97   C  CD1 . LEU A 1 14  ? 3.019   -3.990  -6.278  1.00 13.73 ? 14  LEU A CD1 1 
ATOM   98   C  CD2 . LEU A 1 14  ? 4.594   -2.802  -7.764  1.00 13.73 ? 14  LEU A CD2 1 
ATOM   99   N  N   . SER A 1 15  ? 5.238   -7.716  -9.505  1.00 30.82 ? 15  SER A N   1 
ATOM   100  C  CA  . SER A 1 15  ? 5.779   -9.068  -9.499  1.00 30.82 ? 15  SER A CA  1 
ATOM   101  C  C   . SER A 1 15  ? 7.073   -9.208  -10.305 1.00 30.82 ? 15  SER A C   1 
ATOM   102  O  O   . SER A 1 15  ? 7.842   -10.144 -10.092 1.00 30.82 ? 15  SER A O   1 
ATOM   103  C  CB  . SER A 1 15  ? 4.720   -10.047 -10.018 1.00 30.82 ? 15  SER A CB  1 
ATOM   104  N  N   . GLU A 1 16  ? 7.326   -8.274  -11.217 1.00 26.86 ? 16  GLU A N   1 
ATOM   105  C  CA  . GLU A 1 16  ? 8.528   -8.346  -12.039 1.00 26.86 ? 16  GLU A CA  1 
ATOM   106  C  C   . GLU A 1 16  ? 9.659   -7.389  -11.646 1.00 26.86 ? 16  GLU A C   1 
ATOM   107  O  O   . GLU A 1 16  ? 10.676  -7.337  -12.334 1.00 26.86 ? 16  GLU A O   1 
ATOM   108  C  CB  . GLU A 1 16  ? 8.167   -8.148  -13.518 1.00 26.86 ? 16  GLU A CB  1 
ATOM   109  N  N   . GLN A 1 17  ? 9.510   -6.632  -10.558 1.00 15.86 ? 17  GLN A N   1 
ATOM   110  C  CA  . GLN A 1 17  ? 10.576  -5.715  -10.165 1.00 15.86 ? 17  GLN A CA  1 
ATOM   111  C  C   . GLN A 1 17  ? 10.868  -5.749  -8.679  1.00 15.86 ? 17  GLN A C   1 
ATOM   112  O  O   . GLN A 1 17  ? 11.945  -5.328  -8.246  1.00 15.86 ? 17  GLN A O   1 
ATOM   113  C  CB  . GLN A 1 17  ? 10.245  -4.286  -10.589 1.00 15.86 ? 17  GLN A CB  1 
ATOM   114  C  CG  . GLN A 1 17  ? 8.989   -3.739  -9.963  1.00 15.86 ? 17  GLN A CG  1 
ATOM   115  C  CD  . GLN A 1 17  ? 8.670   -2.345  -10.450 1.00 15.86 ? 17  GLN A CD  1 
ATOM   116  O  OE1 . GLN A 1 17  ? 9.094   -1.351  -9.851  1.00 15.86 ? 17  GLN A OE1 1 
ATOM   117  N  NE2 . GLN A 1 17  ? 7.917   -2.259  -11.543 1.00 15.86 ? 17  GLN A NE2 1 
ATOM   118  N  N   . VAL A 1 18  ? 9.913   -6.229  -7.894  1.00 8.76  ? 18  VAL A N   1 
ATOM   119  C  CA  . VAL A 1 18  ? 10.127  -6.305  -6.458  1.00 8.76  ? 18  VAL A CA  1 
ATOM   120  C  C   . VAL A 1 18  ? 11.259  -7.282  -6.258  1.00 8.76  ? 18  VAL A C   1 
ATOM   121  O  O   . VAL A 1 18  ? 11.458  -8.181  -7.078  1.00 8.76  ? 18  VAL A O   1 
ATOM   122  C  CB  . VAL A 1 18  ? 8.894   -6.832  -5.716  1.00 8.76  ? 18  VAL A CB  1 
ATOM   123  C  CG1 . VAL A 1 18  ? 9.201   -6.942  -4.227  1.00 8.76  ? 18  VAL A CG1 1 
ATOM   124  C  CG2 . VAL A 1 18  ? 7.707   -5.902  -5.953  1.00 8.76  ? 18  VAL A CG2 1 
ATOM   125  N  N   . SER A 1 19  ? 12.008  -7.111  -5.177  1.00 26.41 ? 19  SER A N   1 
ATOM   126  C  CA  . SER A 1 19  ? 13.124  -7.995  -4.913  1.00 26.41 ? 19  SER A CA  1 
ATOM   127  C  C   . SER A 1 19  ? 13.346  -8.214  -3.427  1.00 26.41 ? 19  SER A C   1 
ATOM   128  O  O   . SER A 1 19  ? 13.887  -9.238  -3.016  1.00 26.41 ? 19  SER A O   1 
ATOM   129  C  CB  . SER A 1 19  ? 14.382  -7.433  -5.547  1.00 26.41 ? 19  SER A CB  1 
ATOM   130  O  OG  . SER A 1 19  ? 15.486  -8.241  -5.212  1.00 26.41 ? 19  SER A OG  1 
ATOM   131  N  N   . ASN A 1 20  ? 12.944  -7.253  -2.610  1.00 9.57  ? 20  ASN A N   1 
ATOM   132  C  CA  . ASN A 1 20  ? 13.108  -7.430  -1.182  1.00 9.57  ? 20  ASN A CA  1 
ATOM   133  C  C   . ASN A 1 20  ? 12.160  -8.536  -0.755  1.00 9.57  ? 20  ASN A C   1 
ATOM   134  O  O   . ASN A 1 20  ? 10.979  -8.523  -1.098  1.00 9.57  ? 20  ASN A O   1 
ATOM   135  C  CB  . ASN A 1 20  ? 12.762  -6.162  -0.433  1.00 9.57  ? 20  ASN A CB  1 
ATOM   136  C  CG  . ASN A 1 20  ? 12.930  -6.324  1.040   1.00 9.57  ? 20  ASN A CG  1 
ATOM   137  O  OD1 . ASN A 1 20  ? 12.775  -7.423  1.574   1.00 9.57  ? 20  ASN A OD1 1 
ATOM   138  N  ND2 . ASN A 1 20  ? 13.259  -5.235  1.720   1.00 9.57  ? 20  ASN A ND2 1 
ATOM   139  N  N   . PRO A 1 21  ? 12.662  -9.517  -0.002  1.00 35.05 ? 21  PRO A N   1 
ATOM   140  C  CA  . PRO A 1 21  ? 11.811  -10.618 0.445   1.00 35.05 ? 21  PRO A CA  1 
ATOM   141  C  C   . PRO A 1 21  ? 10.673  -10.188 1.355   1.00 35.05 ? 21  PRO A C   1 
ATOM   142  O  O   . PRO A 1 21  ? 9.723   -10.945 1.557   1.00 35.05 ? 21  PRO A O   1 
ATOM   143  C  CB  . PRO A 1 21  ? 12.773  -11.561 1.160   1.00 35.05 ? 21  PRO A CB  1 
ATOM   144  C  CG  . PRO A 1 21  ? 14.137  -11.122 0.761   1.00 35.05 ? 21  PRO A CG  1 
ATOM   145  C  CD  . PRO A 1 21  ? 14.046  -9.666  0.471   1.00 35.05 ? 21  PRO A CD  1 
ATOM   146  N  N   . ASN A 1 22  ? 10.751  -8.983  1.904   1.00 20.31 ? 22  ASN A N   1 
ATOM   147  C  CA  . ASN A 1 22  ? 9.694   -8.532  2.796   1.00 20.31 ? 22  ASN A CA  1 
ATOM   148  C  C   . ASN A 1 22  ? 8.592   -7.735  2.121   1.00 20.31 ? 22  ASN A C   1 
ATOM   149  O  O   . ASN A 1 22  ? 7.769   -7.111  2.788   1.00 20.31 ? 22  ASN A O   1 
ATOM   150  C  CB  . ASN A 1 22  ? 10.280  -7.730  3.947   1.00 20.31 ? 22  ASN A CB  1 
ATOM   151  C  CG  . ASN A 1 22  ? 10.918  -8.614  4.989   1.00 20.31 ? 22  ASN A CG  1 
ATOM   152  O  OD1 . ASN A 1 22  ? 10.230  -9.254  5.784   1.00 20.31 ? 22  ASN A OD1 1 
ATOM   153  N  ND2 . ASN A 1 22  ? 12.246  -8.661  4.987   1.00 20.31 ? 22  ASN A ND2 1 
ATOM   154  N  N   . ILE A 1 23  ? 8.574   -7.756  0.798   1.00 17.62 ? 23  ILE A N   1 
ATOM   155  C  CA  . ILE A 1 23  ? 7.544   -7.057  0.053   1.00 17.62 ? 23  ILE A CA  1 
ATOM   156  C  C   . ILE A 1 23  ? 6.741   -8.127  -0.671  1.00 17.62 ? 23  ILE A C   1 
ATOM   157  O  O   . ILE A 1 23  ? 7.246   -8.741  -1.612  1.00 17.62 ? 23  ILE A O   1 
ATOM   158  C  CB  . ILE A 1 23  ? 8.145   -6.138  -1.008  1.00 17.62 ? 23  ILE A CB  1 
ATOM   159  C  CG1 . ILE A 1 23  ? 8.810   -4.939  -0.352  1.00 17.62 ? 23  ILE A CG1 1 
ATOM   160  C  CG2 . ILE A 1 23  ? 7.067   -5.680  -1.965  1.00 17.62 ? 23  ILE A CG2 1 
ATOM   161  C  CD1 . ILE A 1 23  ? 9.641   -4.163  -1.321  1.00 17.62 ? 23  ILE A CD1 1 
ATOM   162  N  N   . ARG A 1 24  ? 5.503   -8.359  -0.240  1.00 13.47 ? 24  ARG A N   1 
ATOM   163  C  CA  . ARG A 1 24  ? 4.658   -9.366  -0.881  1.00 13.47 ? 24  ARG A CA  1 
ATOM   164  C  C   . ARG A 1 24  ? 3.605   -8.699  -1.779  1.00 13.47 ? 24  ARG A C   1 
ATOM   165  O  O   . ARG A 1 24  ? 2.647   -8.111  -1.293  1.00 13.47 ? 24  ARG A O   1 
ATOM   166  C  CB  . ARG A 1 24  ? 3.990   -10.242 0.193   1.00 13.47 ? 24  ARG A CB  1 
ATOM   167  N  N   . VAL A 1 25  ? 3.785   -8.779  -3.091  1.00 8.76  ? 25  VAL A N   1 
ATOM   168  C  CA  . VAL A 1 25  ? 2.832   -8.155  -4.000  1.00 8.76  ? 25  VAL A CA  1 
ATOM   169  C  C   . VAL A 1 25  ? 1.846   -9.128  -4.646  1.00 8.76  ? 25  VAL A C   1 
ATOM   170  O  O   . VAL A 1 25  ? 2.146   -10.309 -4.834  1.00 8.76  ? 25  VAL A O   1 
ATOM   171  C  CB  . VAL A 1 25  ? 3.562   -7.389  -5.106  1.00 8.76  ? 25  VAL A CB  1 
ATOM   172  C  CG1 . VAL A 1 25  ? 4.567   -6.462  -4.498  1.00 8.76  ? 25  VAL A CG1 1 
ATOM   173  C  CG2 . VAL A 1 25  ? 4.256   -8.340  -6.019  1.00 8.76  ? 25  VAL A CG2 1 
ATOM   174  N  N   . GLY A 1 26  ? 0.666   -8.614  -4.990  1.00 15.19 ? 26  GLY A N   1 
ATOM   175  C  CA  . GLY A 1 26  ? -0.362  -9.428  -5.616  1.00 15.19 ? 26  GLY A CA  1 
ATOM   176  C  C   . GLY A 1 26  ? -0.354  -9.325  -7.129  1.00 15.19 ? 26  GLY A C   1 
ATOM   177  O  O   . GLY A 1 26  ? 0.412   -8.550  -7.696  1.00 15.19 ? 26  GLY A O   1 
ATOM   178  N  N   . ARG A 1 27  ? -1.222  -10.082 -7.791  1.00 22.53 ? 27  ARG A N   1 
ATOM   179  C  CA  . ARG A 1 27  ? -1.270  -10.092 -9.253  1.00 22.53 ? 27  ARG A CA  1 
ATOM   180  C  C   . ARG A 1 27  ? -1.765  -8.821  -9.916  1.00 22.53 ? 27  ARG A C   1 
ATOM   181  O  O   . ARG A 1 27  ? -2.595  -8.097  -9.372  1.00 22.53 ? 27  ARG A O   1 
ATOM   182  C  CB  . ARG A 1 27  ? -2.133  -11.252 -9.733  1.00 22.53 ? 27  ARG A CB  1 
ATOM   183  C  CG  . ARG A 1 27  ? -3.578  -11.129 -9.308  1.00 22.53 ? 27  ARG A CG  1 
ATOM   184  C  CD  . ARG A 1 27  ? -4.440  -12.192 -9.952  1.00 22.53 ? 27  ARG A CD  1 
ATOM   185  N  NE  . ARG A 1 27  ? -5.756  -12.296 -9.321  1.00 22.53 ? 27  ARG A NE  1 
ATOM   186  C  CZ  . ARG A 1 27  ? -6.798  -12.897 -9.888  1.00 22.53 ? 27  ARG A CZ  1 
ATOM   187  N  NH1 . ARG A 1 27  ? -6.666  -13.447 -11.092 1.00 22.53 ? 27  ARG A NH1 1 
ATOM   188  N  NH2 . ARG A 1 27  ? -7.968  -12.946 -9.259  1.00 22.53 ? 27  ARG A NH2 1 
ATOM   189  N  N   . TYR A 1 28  ? -1.244  -8.564  -11.109 1.00 17.49 ? 28  TYR A N   1 
ATOM   190  C  CA  . TYR A 1 28  ? -1.630  -7.405  -11.889 1.00 17.49 ? 28  TYR A CA  1 
ATOM   191  C  C   . TYR A 1 28  ? -1.285  -6.064  -11.282 1.00 17.49 ? 28  TYR A C   1 
ATOM   192  O  O   . TYR A 1 28  ? -1.253  -5.062  -11.992 1.00 17.49 ? 28  TYR A O   1 
ATOM   193  C  CB  . TYR A 1 28  ? -3.106  -7.489  -12.187 1.00 17.49 ? 28  TYR A CB  1 
ATOM   194  C  CG  . TYR A 1 28  ? -3.386  -8.680  -13.043 1.00 17.49 ? 28  TYR A CG  1 
ATOM   195  C  CD1 . TYR A 1 28  ? -2.997  -8.688  -14.375 1.00 17.49 ? 28  TYR A CD1 1 
ATOM   196  C  CD2 . TYR A 1 28  ? -3.969  -9.829  -12.512 1.00 17.49 ? 28  TYR A CD2 1 
ATOM   197  C  CE1 . TYR A 1 28  ? -3.169  -9.802  -15.164 1.00 17.49 ? 28  TYR A CE1 1 
ATOM   198  C  CE2 . TYR A 1 28  ? -4.149  -10.955 -13.293 1.00 17.49 ? 28  TYR A CE2 1 
ATOM   199  C  CZ  . TYR A 1 28  ? -3.743  -10.933 -14.621 1.00 17.49 ? 28  TYR A CZ  1 
ATOM   200  O  OH  . TYR A 1 28  ? -3.900  -12.040 -15.424 1.00 17.49 ? 28  TYR A OH  1 
ATOM   201  N  N   . SER A 1 29  ? -1.025  -6.043  -9.977  1.00 8.16  ? 29  SER A N   1 
ATOM   202  C  CA  . SER A 1 29  ? -0.645  -4.815  -9.294  1.00 8.16  ? 29  SER A CA  1 
ATOM   203  C  C   . SER A 1 29  ? 0.579   -4.289  -10.008 1.00 8.16  ? 29  SER A C   1 
ATOM   204  O  O   . SER A 1 29  ? 1.423   -5.069  -10.420 1.00 8.16  ? 29  SER A O   1 
ATOM   205  C  CB  . SER A 1 29  ? -0.277  -5.107  -7.851  1.00 8.16  ? 29  SER A CB  1 
ATOM   206  O  OG  . SER A 1 29  ? -1.426  -5.398  -7.090  1.00 8.16  ? 29  SER A OG  1 
ATOM   207  N  N   . TYR A 1 30  ? 0.694   -2.976  -10.155 1.00 13.82 ? 30  TYR A N   1 
ATOM   208  C  CA  . TYR A 1 30  ? 1.845   -2.409  -10.845 1.00 13.82 ? 30  TYR A CA  1 
ATOM   209  C  C   . TYR A 1 30  ? 2.264   -1.035  -10.341 1.00 13.82 ? 30  TYR A C   1 
ATOM   210  O  O   . TYR A 1 30  ? 1.569   -0.403  -9.554  1.00 13.82 ? 30  TYR A O   1 
ATOM   211  C  CB  . TYR A 1 30  ? 1.562   -2.323  -12.335 1.00 13.82 ? 30  TYR A CB  1 
ATOM   212  C  CG  . TYR A 1 30  ? 0.615   -1.205  -12.698 1.00 13.82 ? 30  TYR A CG  1 
ATOM   213  C  CD1 . TYR A 1 30  ? -0.757  -1.343  -12.511 1.00 13.82 ? 30  TYR A CD1 1 
ATOM   214  C  CD2 . TYR A 1 30  ? 1.088   -0.014  -13.240 1.00 13.82 ? 30  TYR A CD2 1 
ATOM   215  C  CE1 . TYR A 1 30  ? -1.630  -0.329  -12.853 1.00 13.82 ? 30  TYR A CE1 1 
ATOM   216  C  CE2 . TYR A 1 30  ? 0.221   1.009   -13.588 1.00 13.82 ? 30  TYR A CE2 1 
ATOM   217  C  CZ  . TYR A 1 30  ? -1.133  0.838   -13.390 1.00 13.82 ? 30  TYR A CZ  1 
ATOM   218  O  OH  . TYR A 1 30  ? -2.004  1.833   -13.727 1.00 13.82 ? 30  TYR A OH  1 
ATOM   219  N  N   . TYR A 1 31  ? 3.411   -0.573  -10.814 1.00 10.66 ? 31  TYR A N   1 
ATOM   220  C  CA  . TYR A 1 31  ? 3.947   0.709   -10.398 1.00 10.66 ? 31  TYR A CA  1 
ATOM   221  C  C   . TYR A 1 31  ? 4.570   1.389   -11.588 1.00 10.66 ? 31  TYR A C   1 
ATOM   222  O  O   . TYR A 1 31  ? 5.395   0.810   -12.275 1.00 10.66 ? 31  TYR A O   1 
ATOM   223  C  CB  . TYR A 1 31  ? 4.994   0.492   -9.300  1.00 10.66 ? 31  TYR A CB  1 
ATOM   224  C  CG  . TYR A 1 31  ? 5.895   1.673   -9.006  1.00 10.66 ? 31  TYR A CG  1 
ATOM   225  C  CD1 . TYR A 1 31  ? 5.421   2.798   -8.333  1.00 10.66 ? 31  TYR A CD1 1 
ATOM   226  C  CD2 . TYR A 1 31  ? 7.226   1.659   -9.401  1.00 10.66 ? 31  TYR A CD2 1 
ATOM   227  C  CE1 . TYR A 1 31  ? 6.262   3.887   -8.061  1.00 10.66 ? 31  TYR A CE1 1 
ATOM   228  C  CE2 . TYR A 1 31  ? 8.075   2.735   -9.138  1.00 10.66 ? 31  TYR A CE2 1 
ATOM   229  C  CZ  . TYR A 1 31  ? 7.593   3.850   -8.473  1.00 10.66 ? 31  TYR A CZ  1 
ATOM   230  O  OH  . TYR A 1 31  ? 8.442   4.924   -8.256  1.00 10.66 ? 31  TYR A OH  1 
ATOM   231  N  N   . SER A 1 32  ? 4.157   2.618   -11.840 1.00 21.38 ? 32  SER A N   1 
ATOM   232  C  CA  . SER A 1 32  ? 4.690   3.376   -12.954 1.00 21.38 ? 32  SER A CA  1 
ATOM   233  C  C   . SER A 1 32  ? 5.464   4.578   -12.415 1.00 21.38 ? 32  SER A C   1 
ATOM   234  O  O   . SER A 1 32  ? 4.881   5.633   -12.166 1.00 21.38 ? 32  SER A O   1 
ATOM   235  C  CB  . SER A 1 32  ? 3.549   3.846   -13.849 1.00 21.38 ? 32  SER A CB  1 
ATOM   236  O  OG  . SER A 1 32  ? 3.995   4.866   -14.728 1.00 21.38 ? 32  SER A OG  1 
ATOM   237  N  N   . GLY A 1 33  ? 6.777   4.418   -12.244 1.00 8.61  ? 33  GLY A N   1 
ATOM   238  C  CA  . GLY A 1 33  ? 7.591   5.499   -11.707 1.00 8.61  ? 33  GLY A CA  1 
ATOM   239  C  C   . GLY A 1 33  ? 8.725   6.025   -12.576 1.00 8.61  ? 33  GLY A C   1 
ATOM   240  O  O   . GLY A 1 33  ? 9.874   6.100   -12.128 1.00 8.61  ? 33  GLY A O   1 
ATOM   241  N  N   . TYR A 1 34  ? 8.396   6.402   -13.809 1.00 15.90 ? 34  TYR A N   1 
ATOM   242  C  CA  . TYR A 1 34  ? 9.368   6.935   -14.751 1.00 15.90 ? 34  TYR A CA  1 
ATOM   243  C  C   . TYR A 1 34  ? 9.893   8.252   -14.217 1.00 15.90 ? 34  TYR A C   1 
ATOM   244  O  O   . TYR A 1 34  ? 11.062  8.586   -14.390 1.00 15.90 ? 34  TYR A O   1 
ATOM   245  C  CB  . TYR A 1 34  ? 8.706   7.154   -16.123 1.00 15.90 ? 34  TYR A CB  1 
ATOM   246  C  CG  . TYR A 1 34  ? 9.437   8.114   -17.045 1.00 15.90 ? 34  TYR A CG  1 
ATOM   247  C  CD1 . TYR A 1 34  ? 9.351   9.489   -16.861 1.00 15.90 ? 34  TYR A CD1 1 
ATOM   248  C  CD2 . TYR A 1 34  ? 10.231  7.645   -18.083 1.00 15.90 ? 34  TYR A CD2 1 
ATOM   249  C  CE1 . TYR A 1 34  ? 10.044  10.370  -17.679 1.00 15.90 ? 34  TYR A CE1 1 
ATOM   250  C  CE2 . TYR A 1 34  ? 10.929  8.515   -18.909 1.00 15.90 ? 34  TYR A CE2 1 
ATOM   251  C  CZ  . TYR A 1 34  ? 10.837  9.877   -18.702 1.00 15.90 ? 34  TYR A CZ  1 
ATOM   252  O  OH  . TYR A 1 34  ? 11.570  10.742  -19.491 1.00 15.90 ? 34  TYR A OH  1 
ATOM   253  N  N   . TYR A 1 35  ? 9.020   8.994   -13.554 1.00 8.31  ? 35  TYR A N   1 
ATOM   254  C  CA  . TYR A 1 35  ? 9.381   10.301  -13.031 1.00 8.31  ? 35  TYR A CA  1 
ATOM   255  C  C   . TYR A 1 35  ? 10.207  10.249  -11.770 1.00 8.31  ? 35  TYR A C   1 
ATOM   256  O  O   . TYR A 1 35  ? 10.466  11.285  -11.152 1.00 8.31  ? 35  TYR A O   1 
ATOM   257  C  CB  . TYR A 1 35  ? 8.126   11.146  -12.808 1.00 8.31  ? 35  TYR A CB  1 
ATOM   258  C  CG  . TYR A 1 35  ? 7.529   11.636  -14.104 1.00 8.31  ? 35  TYR A CG  1 
ATOM   259  C  CD1 . TYR A 1 35  ? 8.318   12.280  -15.045 1.00 8.31  ? 35  TYR A CD1 1 
ATOM   260  C  CD2 . TYR A 1 35  ? 6.197   11.395  -14.416 1.00 8.31  ? 35  TYR A CD2 1 
ATOM   261  C  CE1 . TYR A 1 35  ? 7.805   12.666  -16.271 1.00 8.31  ? 35  TYR A CE1 1 
ATOM   262  C  CE2 . TYR A 1 35  ? 5.668   11.781  -15.646 1.00 8.31  ? 35  TYR A CE2 1 
ATOM   263  C  CZ  . TYR A 1 35  ? 6.483   12.413  -16.567 1.00 8.31  ? 35  TYR A CZ  1 
ATOM   264  O  OH  . TYR A 1 35  ? 5.983   12.781  -17.793 1.00 8.31  ? 35  TYR A OH  1 
ATOM   265  N  N   . HIS A 1 36  ? 10.630  9.045   -11.396 1.00 17.53 ? 36  HIS A N   1 
ATOM   266  C  CA  . HIS A 1 36  ? 11.452  8.854   -10.207 1.00 17.53 ? 36  HIS A CA  1 
ATOM   267  C  C   . HIS A 1 36  ? 12.506  7.797   -10.464 1.00 17.53 ? 36  HIS A C   1 
ATOM   268  O  O   . HIS A 1 36  ? 13.236  7.401   -9.569  1.00 17.53 ? 36  HIS A O   1 
ATOM   269  C  CB  . HIS A 1 36  ? 10.587  8.467   -9.021  1.00 17.53 ? 36  HIS A CB  1 
ATOM   270  C  CG  . HIS A 1 36  ? 9.733   9.592   -8.516  1.00 17.53 ? 36  HIS A CG  1 
ATOM   271  N  ND1 . HIS A 1 36  ? 8.484   9.857   -9.028  1.00 17.53 ? 36  HIS A ND1 1 
ATOM   272  C  CD2 . HIS A 1 36  ? 9.961   10.521  -7.568  1.00 17.53 ? 36  HIS A CD2 1 
ATOM   273  C  CE1 . HIS A 1 36  ? 7.975   10.910  -8.412  1.00 17.53 ? 36  HIS A CE1 1 
ATOM   274  N  NE2 . HIS A 1 36  ? 8.854   11.334  -7.518  1.00 17.53 ? 36  HIS A NE2 1 
ATOM   275  N  N   . GLY A 1 37  ? 12.556  7.343   -11.708 1.00 13.60 ? 37  GLY A N   1 
ATOM   276  C  CA  . GLY A 1 37  ? 13.541  6.372   -12.154 1.00 13.60 ? 37  GLY A CA  1 
ATOM   277  C  C   . GLY A 1 37  ? 13.846  5.066   -11.457 1.00 13.60 ? 37  GLY A C   1 
ATOM   278  O  O   . GLY A 1 37  ? 14.346  4.148   -12.104 1.00 13.60 ? 37  GLY A O   1 
ATOM   279  N  N   . HIS A 1 38  ? 13.560  4.948   -10.169 1.00 24.63 ? 38  HIS A N   1 
ATOM   280  C  CA  . HIS A 1 38  ? 13.887  3.719   -9.465  1.00 24.63 ? 38  HIS A CA  1 
ATOM   281  C  C   . HIS A 1 38  ? 12.785  2.686   -9.456  1.00 24.63 ? 38  HIS A C   1 
ATOM   282  O  O   . HIS A 1 38  ? 11.608  3.038   -9.526  1.00 24.63 ? 38  HIS A O   1 
ATOM   283  C  CB  . HIS A 1 38  ? 14.271  4.037   -8.027  1.00 24.63 ? 38  HIS A CB  1 
ATOM   284  C  CG  . HIS A 1 38  ? 13.147  4.601   -7.210  1.00 24.63 ? 38  HIS A CG  1 
ATOM   285  N  ND1 . HIS A 1 38  ? 12.909  5.955   -7.121  1.00 24.63 ? 38  HIS A ND1 1 
ATOM   286  C  CD2 . HIS A 1 38  ? 12.237  4.003   -6.413  1.00 24.63 ? 38  HIS A CD2 1 
ATOM   287  C  CE1 . HIS A 1 38  ? 11.898  6.166   -6.300  1.00 24.63 ? 38  HIS A CE1 1 
ATOM   288  N  NE2 . HIS A 1 38  ? 11.468  4.998   -5.854  1.00 24.63 ? 38  HIS A NE2 1 
ATOM   289  N  N   . SER A 1 39  ? 13.189  1.416   -9.358  1.00 24.73 ? 39  SER A N   1 
ATOM   290  C  CA  . SER A 1 39  ? 12.277  0.274   -9.297  1.00 24.73 ? 39  SER A CA  1 
ATOM   291  C  C   . SER A 1 39  ? 11.463  0.301   -7.999  1.00 24.73 ? 39  SER A C   1 
ATOM   292  O  O   . SER A 1 39  ? 11.847  0.942   -7.016  1.00 24.73 ? 39  SER A O   1 
ATOM   293  C  CB  . SER A 1 39  ? 13.065  -1.033  -9.365  1.00 24.73 ? 39  SER A CB  1 
ATOM   294  O  OG  . SER A 1 39  ? 12.976  -1.743  -8.134  1.00 24.73 ? 39  SER A OG  1 
ATOM   295  N  N   . PHE A 1 40  ? 10.350  -0.420  -7.984  1.00 8.28  ? 40  PHE A N   1 
ATOM   296  C  CA  . PHE A 1 40  ? 9.497   -0.409  -6.817  1.00 8.28  ? 40  PHE A CA  1 
ATOM   297  C  C   . PHE A 1 40  ? 10.208  -0.678  -5.503  1.00 8.28  ? 40  PHE A C   1 
ATOM   298  O  O   . PHE A 1 40  ? 9.830   -0.145  -4.461  1.00 8.28  ? 40  PHE A O   1 
ATOM   299  C  CB  . PHE A 1 40  ? 8.350   -1.400  -6.967  1.00 8.28  ? 40  PHE A CB  1 
ATOM   300  C  CG  . PHE A 1 40  ? 7.276   -1.218  -5.932  1.00 8.28  ? 40  PHE A CG  1 
ATOM   301  C  CD1 . PHE A 1 40  ? 6.427   -0.115  -5.978  1.00 8.28  ? 40  PHE A CD1 1 
ATOM   302  C  CD2 . PHE A 1 40  ? 7.145   -2.119  -4.883  1.00 8.28  ? 40  PHE A CD2 1 
ATOM   303  C  CE1 . PHE A 1 40  ? 5.476   0.088   -4.996  1.00 8.28  ? 40  PHE A CE1 1 
ATOM   304  C  CE2 . PHE A 1 40  ? 6.196   -1.921  -3.898  1.00 8.28  ? 40  PHE A CE2 1 
ATOM   305  C  CZ  . PHE A 1 40  ? 5.358   -0.816  -3.955  1.00 8.28  ? 40  PHE A CZ  1 
ATOM   306  N  N   . ASP A 1 41  ? 11.240  -1.503  -5.549  1.00 29.84 ? 41  ASP A N   1 
ATOM   307  C  CA  . ASP A 1 41  ? 11.970  -1.854  -4.341  1.00 29.84 ? 41  ASP A CA  1 
ATOM   308  C  C   . ASP A 1 41  ? 12.316  -0.679  -3.457  1.00 29.84 ? 41  ASP A C   1 
ATOM   309  O  O   . ASP A 1 41  ? 12.085  -0.721  -2.258  1.00 29.84 ? 41  ASP A O   1 
ATOM   310  C  CB  . ASP A 1 41  ? 13.252  -2.591  -4.700  1.00 29.84 ? 41  ASP A CB  1 
ATOM   311  C  CG  . ASP A 1 41  ? 13.106  -4.085  -4.590  1.00 29.84 ? 41  ASP A CG  1 
ATOM   312  O  OD1 . ASP A 1 41  ? 12.536  -4.553  -3.583  1.00 29.84 ? 41  ASP A OD1 1 
ATOM   313  O  OD2 . ASP A 1 41  ? 13.561  -4.788  -5.515  1.00 29.84 ? 41  ASP A OD2 1 
ATOM   314  N  N   . ASP A 1 42  ? 12.871  0.368   -4.051  1.00 30.03 ? 42  ASP A N   1 
ATOM   315  C  CA  . ASP A 1 42  ? 13.273  1.535   -3.284  1.00 30.03 ? 42  ASP A CA  1 
ATOM   316  C  C   . ASP A 1 42  ? 12.108  2.368   -2.765  1.00 30.03 ? 42  ASP A C   1 
ATOM   317  O  O   . ASP A 1 42  ? 12.316  3.387   -2.107  1.00 30.03 ? 42  ASP A O   1 
ATOM   318  C  CB  . ASP A 1 42  ? 14.205  2.412   -4.115  1.00 30.03 ? 42  ASP A CB  1 
ATOM   319  C  CG  . ASP A 1 42  ? 15.610  1.833   -4.228  1.00 30.03 ? 42  ASP A CG  1 
ATOM   320  O  OD1 . ASP A 1 42  ? 16.242  1.599   -3.171  1.00 30.03 ? 42  ASP A OD1 1 
ATOM   321  O  OD2 . ASP A 1 42  ? 16.082  1.612   -5.373  1.00 30.03 ? 42  ASP A OD2 1 
ATOM   322  N  N   . CYS A 1 43  ? 10.883  1.940   -3.056  1.00 10.82 ? 43  CYS A N   1 
ATOM   323  C  CA  . CYS A 1 43  ? 9.708   2.664   -2.587  1.00 10.82 ? 43  CYS A CA  1 
ATOM   324  C  C   . CYS A 1 43  ? 9.449   2.273   -1.151  1.00 10.82 ? 43  CYS A C   1 
ATOM   325  O  O   . CYS A 1 43  ? 8.868   3.038   -0.388  1.00 10.82 ? 43  CYS A O   1 
ATOM   326  C  CB  . CYS A 1 43  ? 8.487   2.324   -3.430  1.00 10.82 ? 43  CYS A CB  1 
ATOM   327  S  SG  . CYS A 1 43  ? 8.500   3.121   -5.014  1.00 10.82 ? 43  CYS A SG  1 
ATOM   328  N  N   . ALA A 1 44  ? 9.862   1.066   -0.788  1.00 12.31 ? 44  ALA A N   1 
ATOM   329  C  CA  . ALA A 1 44  ? 9.703   0.587   0.578   1.00 12.31 ? 44  ALA A CA  1 
ATOM   330  C  C   . ALA A 1 44  ? 10.937  1.098   1.315   1.00 12.31 ? 44  ALA A C   1 
ATOM   331  O  O   . ALA A 1 44  ? 11.983  0.465   1.284   1.00 12.31 ? 44  ALA A O   1 
ATOM   332  C  CB  . ALA A 1 44  ? 9.664   -0.933  0.595   1.00 12.31 ? 44  ALA A CB  1 
ATOM   333  N  N   . ARG A 1 45  ? 10.822  2.245   1.966   1.00 9.08  ? 45  ARG A N   1 
ATOM   334  C  CA  . ARG A 1 45  ? 11.955  2.834   2.661   1.00 9.08  ? 45  ARG A CA  1 
ATOM   335  C  C   . ARG A 1 45  ? 12.302  2.173   3.976   1.00 9.08  ? 45  ARG A C   1 
ATOM   336  O  O   . ARG A 1 45  ? 11.424  1.877   4.773   1.00 9.08  ? 45  ARG A O   1 
ATOM   337  C  CB  . ARG A 1 45  ? 11.685  4.306   2.920   1.00 9.08  ? 45  ARG A CB  1 
ATOM   338  C  CG  . ARG A 1 45  ? 11.084  5.039   1.751   1.00 9.08  ? 45  ARG A CG  1 
ATOM   339  C  CD  . ARG A 1 45  ? 11.944  6.218   1.423   1.00 9.08  ? 45  ARG A CD  1 
ATOM   340  N  NE  . ARG A 1 45  ? 11.452  7.020   0.308   1.00 9.08  ? 45  ARG A NE  1 
ATOM   341  C  CZ  . ARG A 1 45  ? 11.290  8.340   0.374   1.00 9.08  ? 45  ARG A CZ  1 
ATOM   342  N  NH1 . ARG A 1 45  ? 11.595  8.983   1.496   1.00 9.08  ? 45  ARG A NH1 1 
ATOM   343  N  NH2 . ARG A 1 45  ? 10.893  9.024   -0.692  1.00 9.08  ? 45  ARG A NH2 1 
ATOM   344  N  N   . TYR A 1 46  ? 13.590  1.964   4.212   1.00 18.80 ? 46  TYR A N   1 
ATOM   345  C  CA  . TYR A 1 46  ? 14.071  1.349   5.448   1.00 18.80 ? 46  TYR A CA  1 
ATOM   346  C  C   . TYR A 1 46  ? 13.636  -0.092  5.666   1.00 18.80 ? 46  TYR A C   1 
ATOM   347  O  O   . TYR A 1 46  ? 13.600  -0.570  6.799   1.00 18.80 ? 46  TYR A O   1 
ATOM   348  C  CB  . TYR A 1 46  ? 13.649  2.195   6.650   1.00 18.80 ? 46  TYR A CB  1 
ATOM   349  C  CG  . TYR A 1 46  ? 13.866  3.668   6.428   1.00 18.80 ? 46  TYR A CG  1 
ATOM   350  C  CD1 . TYR A 1 46  ? 15.081  4.150   5.943   1.00 18.80 ? 46  TYR A CD1 1 
ATOM   351  C  CD2 . TYR A 1 46  ? 12.853  4.580   6.679   1.00 18.80 ? 46  TYR A CD2 1 
ATOM   352  C  CE1 . TYR A 1 46  ? 15.276  5.506   5.719   1.00 18.80 ? 46  TYR A CE1 1 
ATOM   353  C  CE2 . TYR A 1 46  ? 13.037  5.939   6.457   1.00 18.80 ? 46  TYR A CE2 1 
ATOM   354  C  CZ  . TYR A 1 46  ? 14.245  6.395   5.980   1.00 18.80 ? 46  TYR A CZ  1 
ATOM   355  O  OH  . TYR A 1 46  ? 14.424  7.746   5.789   1.00 18.80 ? 46  TYR A OH  1 
ATOM   356  N  N   . LEU A 1 47  ? 13.310  -0.791  4.588   1.00 10.59 ? 47  LEU A N   1 
ATOM   357  C  CA  . LEU A 1 47  ? 12.894  -2.179  4.705   1.00 10.59 ? 47  LEU A CA  1 
ATOM   358  C  C   . LEU A 1 47  ? 14.119  -3.084  4.563   1.00 10.59 ? 47  LEU A C   1 
ATOM   359  O  O   . LEU A 1 47  ? 14.819  -3.032  3.551   1.00 10.59 ? 47  LEU A O   1 
ATOM   360  C  CB  . LEU A 1 47  ? 11.853  -2.511  3.638   1.00 10.59 ? 47  LEU A CB  1 
ATOM   361  C  CG  . LEU A 1 47  ? 11.203  -3.897  3.725   1.00 10.59 ? 47  LEU A CG  1 
ATOM   362  C  CD1 . LEU A 1 47  ? 10.586  -4.095  5.088   1.00 10.59 ? 47  LEU A CD1 1 
ATOM   363  C  CD2 . LEU A 1 47  ? 10.143  -4.037  2.654   1.00 10.59 ? 47  LEU A CD2 1 
ATOM   364  N  N   . MET A 1 48  ? 14.376  -3.905  5.579   1.00 26.89 ? 48  MET A N   1 
ATOM   365  C  CA  . MET A 1 48  ? 15.524  -4.806  5.561   1.00 26.89 ? 48  MET A CA  1 
ATOM   366  C  C   . MET A 1 48  ? 15.211  -6.129  4.894   1.00 26.89 ? 48  MET A C   1 
ATOM   367  O  O   . MET A 1 48  ? 14.348  -6.875  5.348   1.00 26.89 ? 48  MET A O   1 
ATOM   368  C  CB  . MET A 1 48  ? 16.002  -5.069  6.982   1.00 26.89 ? 48  MET A CB  1 
ATOM   369  C  CG  . MET A 1 48  ? 16.191  -3.806  7.791   1.00 26.89 ? 48  MET A CG  1 
ATOM   370  S  SD  . MET A 1 48  ? 17.159  -4.049  9.290   1.00 26.89 ? 48  MET A SD  1 
ATOM   371  C  CE  . MET A 1 48  ? 16.256  -3.035  10.466  1.00 26.89 ? 48  MET A CE  1 
ATOM   372  N  N   . PRO A 1 49  ? 15.931  -6.459  3.822   1.00 18.78 ? 49  PRO A N   1 
ATOM   373  C  CA  . PRO A 1 49  ? 15.676  -7.725  3.133   1.00 18.78 ? 49  PRO A CA  1 
ATOM   374  C  C   . PRO A 1 49  ? 16.374  -8.854  3.872   1.00 18.78 ? 49  PRO A C   1 
ATOM   375  O  O   . PRO A 1 49  ? 16.136  -10.028 3.600   1.00 18.78 ? 49  PRO A O   1 
ATOM   376  C  CB  . PRO A 1 49  ? 16.256  -7.507  1.740   1.00 18.78 ? 49  PRO A CB  1 
ATOM   377  C  CG  . PRO A 1 49  ? 17.266  -6.421  1.908   1.00 18.78 ? 49  PRO A CG  1 
ATOM   378  C  CD  . PRO A 1 49  ? 17.039  -5.707  3.215   1.00 18.78 ? 49  PRO A CD  1 
ATOM   379  N  N   . ASP A 1 50  ? 17.220  -8.477  4.827   1.00 43.95 ? 50  ASP A N   1 
ATOM   380  C  CA  . ASP A 1 50  ? 17.984  -9.447  5.595   1.00 43.95 ? 50  ASP A CA  1 
ATOM   381  C  C   . ASP A 1 50  ? 17.322  -10.031 6.847   1.00 43.95 ? 50  ASP A C   1 
ATOM   382  O  O   . ASP A 1 50  ? 17.717  -11.109 7.272   1.00 43.95 ? 50  ASP A O   1 
ATOM   383  C  CB  . ASP A 1 50  ? 19.349  -8.853  5.954   1.00 43.95 ? 50  ASP A CB  1 
ATOM   384  N  N   . ARG A 1 51  ? 16.337  -9.367  7.448   1.00 29.82 ? 51  ARG A N   1 
ATOM   385  C  CA  . ARG A 1 51  ? 15.715  -9.950  8.642   1.00 29.82 ? 51  ARG A CA  1 
ATOM   386  C  C   . ARG A 1 51  ? 14.299  -10.459 8.344   1.00 29.82 ? 51  ARG A C   1 
ATOM   387  O  O   . ARG A 1 51  ? 13.757  -10.177 7.281   1.00 29.82 ? 51  ARG A O   1 
ATOM   388  C  CB  . ARG A 1 51  ? 15.703  -8.928  9.784   1.00 29.82 ? 51  ARG A CB  1 
ATOM   389  N  N   . ASP A 1 52  ? 13.711  -11.227 9.257   1.00 22.57 ? 52  ASP A N   1 
ATOM   390  C  CA  . ASP A 1 52  ? 12.361  -11.749 9.042   1.00 22.57 ? 52  ASP A CA  1 
ATOM   391  C  C   . ASP A 1 52  ? 11.515  -11.363 10.235  1.00 22.57 ? 52  ASP A C   1 
ATOM   392  O  O   . ASP A 1 52  ? 10.340  -11.709 10.326  1.00 22.57 ? 52  ASP A O   1 
ATOM   393  C  CB  . ASP A 1 52  ? 12.400  -13.276 8.893   1.00 22.57 ? 52  ASP A CB  1 
ATOM   394  N  N   . ASP A 1 53  ? 12.156  -10.639 11.143  1.00 28.02 ? 53  ASP A N   1 
ATOM   395  C  CA  . ASP A 1 53  ? 11.564  -10.180 12.383  1.00 28.02 ? 53  ASP A CA  1 
ATOM   396  C  C   . ASP A 1 53  ? 11.110  -8.745  12.211  1.00 28.02 ? 53  ASP A C   1 
ATOM   397  O  O   . ASP A 1 53  ? 11.037  -7.996  13.182  1.00 28.02 ? 53  ASP A O   1 
ATOM   398  C  CB  . ASP A 1 53  ? 12.614  -10.251 13.487  1.00 28.02 ? 53  ASP A CB  1 
ATOM   399  N  N   . VAL A 1 54  ? 10.799  -8.350  10.987  1.00 18.91 ? 54  VAL A N   1 
ATOM   400  C  CA  . VAL A 1 54  ? 10.417  -6.967  10.762  1.00 18.91 ? 54  VAL A CA  1 
ATOM   401  C  C   . VAL A 1 54  ? 9.072   -6.837  10.088  1.00 18.91 ? 54  VAL A C   1 
ATOM   402  O  O   . VAL A 1 54  ? 8.584   -7.796  9.495   1.00 18.91 ? 54  VAL A O   1 
ATOM   403  C  CB  . VAL A 1 54  ? 11.476  -6.260  9.898   1.00 18.91 ? 54  VAL A CB  1 
ATOM   404  C  CG1 . VAL A 1 54  ? 12.755  -6.075  10.699  1.00 18.91 ? 54  VAL A CG1 1 
ATOM   405  C  CG2 . VAL A 1 54  ? 11.759  -7.087  8.644   1.00 18.91 ? 54  VAL A CG2 1 
ATOM   406  N  N   . ASP A 1 55  ? 8.470   -5.655  10.192  1.00 25.60 ? 55  ASP A N   1 
ATOM   407  C  CA  . ASP A 1 55  ? 7.183   -5.382  9.568   1.00 25.60 ? 55  ASP A CA  1 
ATOM   408  C  C   . ASP A 1 55  ? 7.367   -5.523  8.067   1.00 25.60 ? 55  ASP A C   1 
ATOM   409  O  O   . ASP A 1 55  ? 8.398   -5.104  7.544   1.00 25.60 ? 55  ASP A O   1 
ATOM   410  C  CB  . ASP A 1 55  ? 6.765   -3.959  9.892   1.00 25.60 ? 55  ASP A CB  1 
ATOM   411  C  CG  . ASP A 1 55  ? 6.708   -3.710  11.367  1.00 25.60 ? 55  ASP A CG  1 
ATOM   412  O  OD1 . ASP A 1 55  ? 6.355   -4.662  12.087  1.00 25.60 ? 55  ASP A OD1 1 
ATOM   413  O  OD2 . ASP A 1 55  ? 7.012   -2.584  11.807  1.00 25.60 ? 55  ASP A OD2 1 
ATOM   414  N  N   . LYS A 1 56  ? 6.393   -6.106  7.370   1.00 21.01 ? 56  LYS A N   1 
ATOM   415  C  CA  . LYS A 1 56  ? 6.516   -6.270  5.924   1.00 21.01 ? 56  LYS A CA  1 
ATOM   416  C  C   . LYS A 1 56  ? 5.509   -5.410  5.181   1.00 21.01 ? 56  LYS A C   1 
ATOM   417  O  O   . LYS A 1 56  ? 4.474   -5.050  5.720   1.00 21.01 ? 56  LYS A O   1 
ATOM   418  C  CB  . LYS A 1 56  ? 6.322   -7.732  5.532   1.00 21.01 ? 56  LYS A CB  1 
ATOM   419  C  CG  . LYS A 1 56  ? 7.338   -8.680  6.132   1.00 21.01 ? 56  LYS A CG  1 
ATOM   420  C  CD  . LYS A 1 56  ? 6.667   -9.645  7.108   1.00 21.01 ? 56  LYS A CD  1 
ATOM   421  C  CE  . LYS A 1 56  ? 7.579   -10.831 7.476   1.00 21.01 ? 56  LYS A CE  1 
ATOM   422  N  NZ  . LYS A 1 56  ? 8.540   -10.527 8.592   1.00 21.01 ? 56  LYS A NZ  1 
ATOM   423  N  N   . LEU A 1 57  ? 5.820   -5.064  3.943   1.00 8.51  ? 57  LEU A N   1 
ATOM   424  C  CA  . LEU A 1 57  ? 4.908   -4.259  3.152   1.00 8.51  ? 57  LEU A CA  1 
ATOM   425  C  C   . LEU A 1 57  ? 4.112   -5.235  2.316   1.00 8.51  ? 57  LEU A C   1 
ATOM   426  O  O   . LEU A 1 57  ? 4.667   -5.912  1.448   1.00 8.51  ? 57  LEU A O   1 
ATOM   427  C  CB  . LEU A 1 57  ? 5.675   -3.308  2.232   1.00 8.51  ? 57  LEU A CB  1 
ATOM   428  C  CG  . LEU A 1 57  ? 4.896   -2.620  1.109   1.00 8.51  ? 57  LEU A CG  1 
ATOM   429  C  CD1 . LEU A 1 57  ? 3.835   -1.742  1.711   1.00 8.51  ? 57  LEU A CD1 1 
ATOM   430  C  CD2 . LEU A 1 57  ? 5.838   -1.797  0.245   1.00 8.51  ? 57  LEU A CD2 1 
ATOM   431  N  N   . VAL A 1 58  ? 2.816   -5.325  2.594   1.00 22.33 ? 58  VAL A N   1 
ATOM   432  C  CA  . VAL A 1 58  ? 1.940   -6.222  1.850   1.00 22.33 ? 58  VAL A CA  1 
ATOM   433  C  C   . VAL A 1 58  ? 1.007   -5.417  0.944   1.00 22.33 ? 58  VAL A C   1 
ATOM   434  O  O   . VAL A 1 58  ? 0.294   -4.526  1.406   1.00 22.33 ? 58  VAL A O   1 
ATOM   435  C  CB  . VAL A 1 58  ? 1.081   -7.067  2.790   1.00 22.33 ? 58  VAL A CB  1 
ATOM   436  C  CG1 . VAL A 1 58  ? 0.312   -8.077  1.992   1.00 22.33 ? 58  VAL A CG1 1 
ATOM   437  C  CG2 . VAL A 1 58  ? 1.946   -7.754  3.812   1.00 22.33 ? 58  VAL A CG2 1 
ATOM   438  N  N   . ILE A 1 59  ? 1.017   -5.735  -0.349  1.00 15.10 ? 59  ILE A N   1 
ATOM   439  C  CA  . ILE A 1 59  ? 0.179   -5.042  -1.317  1.00 15.10 ? 59  ILE A CA  1 
ATOM   440  C  C   . ILE A 1 59  ? -0.755  -6.020  -2.029  1.00 15.10 ? 59  ILE A C   1 
ATOM   441  O  O   . ILE A 1 59  ? -0.323  -7.028  -2.595  1.00 15.10 ? 59  ILE A O   1 
ATOM   442  C  CB  . ILE A 1 59  ? 1.059   -4.284  -2.332  1.00 15.10 ? 59  ILE A CB  1 
ATOM   443  C  CG1 . ILE A 1 59  ? 1.551   -2.992  -1.686  1.00 15.10 ? 59  ILE A CG1 1 
ATOM   444  C  CG2 . ILE A 1 59  ? 0.287   -3.967  -3.597  1.00 15.10 ? 59  ILE A CG2 1 
ATOM   445  C  CD1 . ILE A 1 59  ? 2.875   -2.533  -2.209  1.00 15.10 ? 59  ILE A CD1 1 
ATOM   446  N  N   . GLY A 1 60  ? -2.044  -5.714  -1.979  1.00 8.00  ? 60  GLY A N   1 
ATOM   447  C  CA  . GLY A 1 60  ? -3.033  -6.562  -2.605  1.00 8.00  ? 60  GLY A CA  1 
ATOM   448  C  C   . GLY A 1 60  ? -2.886  -6.659  -4.106  1.00 8.00  ? 60  GLY A C   1 
ATOM   449  O  O   . GLY A 1 60  ? -1.852  -6.287  -4.661  1.00 8.00  ? 60  GLY A O   1 
ATOM   450  N  N   . SER A 1 61  ? -3.936  -7.161  -4.758  1.00 19.51 ? 61  SER A N   1 
ATOM   451  C  CA  . SER A 1 61  ? -3.975  -7.346  -6.210  1.00 19.51 ? 61  SER A CA  1 
ATOM   452  C  C   . SER A 1 61  ? -4.683  -6.199  -6.929  1.00 19.51 ? 61  SER A C   1 
ATOM   453  O  O   . SER A 1 61  ? -5.484  -5.481  -6.333  1.00 19.51 ? 61  SER A O   1 
ATOM   454  C  CB  . SER A 1 61  ? -4.669  -8.670  -6.541  1.00 19.51 ? 61  SER A CB  1 
ATOM   455  N  N   . PHE A 1 62  ? -4.379  -6.034  -8.212  1.00 8.38  ? 62  PHE A N   1 
ATOM   456  C  CA  . PHE A 1 62  ? -4.979  -4.988  -9.036  1.00 8.38  ? 62  PHE A CA  1 
ATOM   457  C  C   . PHE A 1 62  ? -4.771  -3.555  -8.525  1.00 8.38  ? 62  PHE A C   1 
ATOM   458  O  O   . PHE A 1 62  ? -5.599  -2.680  -8.780  1.00 8.38  ? 62  PHE A O   1 
ATOM   459  C  CB  . PHE A 1 62  ? -6.482  -5.270  -9.234  1.00 8.38  ? 62  PHE A CB  1 
ATOM   460  C  CG  . PHE A 1 62  ? -6.764  -6.527  -10.008 1.00 8.38  ? 62  PHE A CG  1 
ATOM   461  C  CD1 . PHE A 1 62  ? -6.636  -6.549  -11.393 1.00 8.38  ? 62  PHE A CD1 1 
ATOM   462  C  CD2 . PHE A 1 62  ? -7.099  -7.709  -9.351  1.00 8.38  ? 62  PHE A CD2 1 
ATOM   463  C  CE1 . PHE A 1 62  ? -6.830  -7.734  -12.117 1.00 8.38  ? 62  PHE A CE1 1 
ATOM   464  C  CE2 . PHE A 1 62  ? -7.295  -8.897  -10.060 1.00 8.38  ? 62  PHE A CE2 1 
ATOM   465  C  CZ  . PHE A 1 62  ? -7.159  -8.907  -11.448 1.00 8.38  ? 62  PHE A CZ  1 
ATOM   466  N  N   . CYS A 1 63  ? -3.668  -3.314  -7.815  1.00 11.16 ? 63  CYS A N   1 
ATOM   467  C  CA  . CYS A 1 63  ? -3.362  -1.977  -7.315  1.00 11.16 ? 63  CYS A CA  1 
ATOM   468  C  C   . CYS A 1 63  ? -2.633  -1.198  -8.381  1.00 11.16 ? 63  CYS A C   1 
ATOM   469  O  O   . CYS A 1 63  ? -1.874  -1.765  -9.150  1.00 11.16 ? 63  CYS A O   1 
ATOM   470  C  CB  . CYS A 1 63  ? -2.472  -2.059  -6.105  1.00 11.16 ? 63  CYS A CB  1 
ATOM   471  S  SG  . CYS A 1 63  ? -3.316  -2.728  -4.727  1.00 11.16 ? 63  CYS A SG  1 
ATOM   472  N  N   . SER A 1 64  ? -2.864  0.104   -8.437  1.00 15.45 ? 64  SER A N   1 
ATOM   473  C  CA  . SER A 1 64  ? -2.182  0.933   -9.418  1.00 15.45 ? 64  SER A CA  1 
ATOM   474  C  C   . SER A 1 64  ? -1.407  1.987   -8.637  1.00 15.45 ? 64  SER A C   1 
ATOM   475  O  O   . SER A 1 64  ? -1.973  2.991   -8.201  1.00 15.45 ? 64  SER A O   1 
ATOM   476  C  CB  . SER A 1 64  ? -3.195  1.586   -10.361 1.00 15.45 ? 64  SER A CB  1 
ATOM   477  O  OG  . SER A 1 64  ? -4.205  0.666   -10.739 1.00 15.45 ? 64  SER A OG  1 
ATOM   478  N  N   . ILE A 1 65  ? -0.110  1.742   -8.461  1.00 8.04  ? 65  ILE A N   1 
ATOM   479  C  CA  . ILE A 1 65  ? 0.760   2.627   -7.705  1.00 8.04  ? 65  ILE A CA  1 
ATOM   480  C  C   . ILE A 1 65  ? 1.463   3.695   -8.534  1.00 8.04  ? 65  ILE A C   1 
ATOM   481  O  O   . ILE A 1 65  ? 2.256   3.392   -9.414  1.00 8.04  ? 65  ILE A O   1 
ATOM   482  C  CB  . ILE A 1 65  ? 1.773   1.795   -6.932  1.00 8.04  ? 65  ILE A CB  1 
ATOM   483  C  CG1 . ILE A 1 65  ? 1.013   0.719   -6.161  1.00 8.04  ? 65  ILE A CG1 1 
ATOM   484  C  CG2 . ILE A 1 65  ? 2.552   2.665   -5.972  1.00 8.04  ? 65  ILE A CG2 1 
ATOM   485  C  CD1 . ILE A 1 65  ? 1.857   -0.173  -5.333  1.00 8.04  ? 65  ILE A CD1 1 
ATOM   486  N  N   . GLY A 1 66  ? 1.153   4.953   -8.220  1.00 8.10  ? 66  GLY A N   1 
ATOM   487  C  CA  . GLY A 1 66  ? 1.718   6.092   -8.921  1.00 8.10  ? 66  GLY A CA  1 
ATOM   488  C  C   . GLY A 1 66  ? 3.160   6.413   -8.605  1.00 8.10  ? 66  GLY A C   1 
ATOM   489  O  O   . GLY A 1 66  ? 3.654   6.129   -7.528  1.00 8.10  ? 66  GLY A O   1 
ATOM   490  N  N   . SER A 1 67  ? 3.827   7.034   -9.565  1.00 8.31  ? 67  SER A N   1 
ATOM   491  C  CA  . SER A 1 67  ? 5.232   7.389   -9.435  1.00 8.31  ? 67  SER A CA  1 
ATOM   492  C  C   . SER A 1 67  ? 5.592   8.058   -8.127  1.00 8.31  ? 67  SER A C   1 
ATOM   493  O  O   . SER A 1 67  ? 4.838   8.878   -7.607  1.00 8.31  ? 67  SER A O   1 
ATOM   494  C  CB  . SER A 1 67  ? 5.640   8.308   -10.581 1.00 8.31  ? 67  SER A CB  1 
ATOM   495  O  OG  . SER A 1 67  ? 7.036   8.247   -10.805 1.00 8.31  ? 67  SER A OG  1 
ATOM   496  N  N   . GLY A 1 68  ? 6.756   7.705   -7.598  1.00 11.09 ? 68  GLY A N   1 
ATOM   497  C  CA  . GLY A 1 68  ? 7.215   8.308   -6.364  1.00 11.09 ? 68  GLY A CA  1 
ATOM   498  C  C   . GLY A 1 68  ? 6.525   7.924   -5.065  1.00 11.09 ? 68  GLY A C   1 
ATOM   499  O  O   . GLY A 1 68  ? 6.895   8.441   -4.012  1.00 11.09 ? 68  GLY A O   1 
ATOM   500  N  N   . ALA A 1 69  ? 5.533   7.037   -5.110  1.00 9.83  ? 69  ALA A N   1 
ATOM   501  C  CA  . ALA A 1 69  ? 4.848   6.633   -3.885  1.00 9.83  ? 69  ALA A CA  1 
ATOM   502  C  C   . ALA A 1 69  ? 5.919   6.190   -2.905  1.00 9.83  ? 69  ALA A C   1 
ATOM   503  O  O   . ALA A 1 69  ? 7.006   5.784   -3.319  1.00 9.83  ? 69  ALA A O   1 
ATOM   504  C  CB  . ALA A 1 69  ? 3.906   5.495   -4.169  1.00 9.83  ? 69  ALA A CB  1 
ATOM   505  N  N   . ALA A 1 70  ? 5.637   6.257   -1.613  1.00 12.33 ? 70  ALA A N   1 
ATOM   506  C  CA  . ALA A 1 70  ? 6.648   5.855   -0.647  1.00 12.33 ? 70  ALA A CA  1 
ATOM   507  C  C   . ALA A 1 70  ? 6.076   5.312   0.642   1.00 12.33 ? 70  ALA A C   1 
ATOM   508  O  O   . ALA A 1 70  ? 5.210   5.938   1.258   1.00 12.33 ? 70  ALA A O   1 
ATOM   509  C  CB  . ALA A 1 70  ? 7.552   7.016   -0.347  1.00 12.33 ? 70  ALA A CB  1 
ATOM   510  N  N   . PHE A 1 71  ? 6.585   4.156   1.055   1.00 8.00  ? 71  PHE A N   1 
ATOM   511  C  CA  . PHE A 1 71  ? 6.126   3.512   2.271   1.00 8.00  ? 71  PHE A CA  1 
ATOM   512  C  C   . PHE A 1 71  ? 7.204   3.540   3.357   1.00 8.00  ? 71  PHE A C   1 
ATOM   513  O  O   . PHE A 1 71  ? 8.165   2.777   3.291   1.00 8.00  ? 71  PHE A O   1 
ATOM   514  C  CB  . PHE A 1 71  ? 5.737   2.065   1.963   1.00 8.00  ? 71  PHE A CB  1 
ATOM   515  C  CG  . PHE A 1 71  ? 4.817   1.915   0.783   1.00 8.00  ? 71  PHE A CG  1 
ATOM   516  C  CD1 . PHE A 1 71  ? 3.442   2.040   0.930   1.00 8.00  ? 71  PHE A CD1 1 
ATOM   517  C  CD2 . PHE A 1 71  ? 5.322   1.635   -0.483  1.00 8.00  ? 71  PHE A CD2 1 
ATOM   518  C  CE1 . PHE A 1 71  ? 2.585   1.885   -0.170  1.00 8.00  ? 71  PHE A CE1 1 
ATOM   519  C  CE2 . PHE A 1 71  ? 4.473   1.479   -1.593  1.00 8.00  ? 71  PHE A CE2 1 
ATOM   520  C  CZ  . PHE A 1 71  ? 3.109   1.605   -1.435  1.00 8.00  ? 71  PHE A CZ  1 
ATOM   521  N  N   . ILE A 1 72  ? 7.044   4.414   4.353   1.00 12.40 ? 72  ILE A N   1 
ATOM   522  C  CA  . ILE A 1 72  ? 8.008   4.525   5.459   1.00 12.40 ? 72  ILE A CA  1 
ATOM   523  C  C   . ILE A 1 72  ? 7.927   3.303   6.370   1.00 12.40 ? 72  ILE A C   1 
ATOM   524  O  O   . ILE A 1 72  ? 6.896   3.064   7.007   1.00 12.40 ? 72  ILE A O   1 
ATOM   525  C  CB  . ILE A 1 72  ? 7.738   5.762   6.349   1.00 12.40 ? 72  ILE A CB  1 
ATOM   526  C  CG1 . ILE A 1 72  ? 7.817   7.044   5.528   1.00 12.40 ? 72  ILE A CG1 1 
ATOM   527  C  CG2 . ILE A 1 72  ? 8.754   5.814   7.461   1.00 12.40 ? 72  ILE A CG2 1 
ATOM   528  C  CD1 . ILE A 1 72  ? 9.026   7.115   4.648   1.00 12.40 ? 72  ILE A CD1 1 
ATOM   529  N  N   . MET A 1 73  ? 9.023   2.553   6.450   1.00 13.92 ? 73  MET A N   1 
ATOM   530  C  CA  . MET A 1 73  ? 9.075   1.352   7.274   1.00 13.92 ? 73  MET A CA  1 
ATOM   531  C  C   . MET A 1 73  ? 9.978   1.478   8.509   1.00 13.92 ? 73  MET A C   1 
ATOM   532  O  O   . MET A 1 73  ? 10.318  2.591   8.950   1.00 13.92 ? 73  MET A O   1 
ATOM   533  C  CB  . MET A 1 73  ? 9.542   0.174   6.422   1.00 13.92 ? 73  MET A CB  1 
ATOM   534  C  CG  . MET A 1 73  ? 8.775   0.010   5.139   1.00 13.92 ? 73  MET A CG  1 
ATOM   535  S  SD  . MET A 1 73  ? 7.129   -0.541  5.486   1.00 13.92 ? 73  MET A SD  1 
ATOM   536  C  CE  . MET A 1 73  ? 7.199   -2.180  4.888   1.00 13.92 ? 73  MET A CE  1 
ATOM   537  N  N   . ALA A 1 74  ? 10.351  0.319   9.056   1.00 8.57  ? 74  ALA A N   1 
ATOM   538  C  CA  . ALA A 1 74  ? 11.217  0.208   10.232  1.00 8.57  ? 74  ALA A CA  1 
ATOM   539  C  C   . ALA A 1 74  ? 10.614  0.852   11.469  1.00 8.57  ? 74  ALA A C   1 
ATOM   540  O  O   . ALA A 1 74  ? 11.332  1.389   12.304  1.00 8.57  ? 74  ALA A O   1 
ATOM   541  C  CB  . ALA A 1 74  ? 12.596  0.805   9.939   1.00 8.57  ? 74  ALA A CB  1 
ATOM   542  N  N   . GLY A 1 75  ? 9.291   0.788   11.583  1.00 15.00 ? 75  GLY A N   1 
ATOM   543  C  CA  . GLY A 1 75  ? 8.615   1.350   12.737  1.00 15.00 ? 75  GLY A CA  1 
ATOM   544  C  C   . GLY A 1 75  ? 9.164   2.698   13.129  1.00 15.00 ? 75  GLY A C   1 
ATOM   545  O  O   . GLY A 1 75  ? 9.236   3.600   12.294  1.00 15.00 ? 75  GLY A O   1 
ATOM   546  N  N   . ASN A 1 76  ? 9.572   2.827   14.390  1.00 16.87 ? 76  ASN A N   1 
ATOM   547  C  CA  . ASN A 1 76  ? 10.107  4.090   14.896  1.00 16.87 ? 76  ASN A CA  1 
ATOM   548  C  C   . ASN A 1 76  ? 11.575  4.348   14.606  1.00 16.87 ? 76  ASN A C   1 
ATOM   549  O  O   . ASN A 1 76  ? 12.105  5.398   14.950  1.00 16.87 ? 76  ASN A O   1 
ATOM   550  C  CB  . ASN A 1 76  ? 9.844   4.222   16.408  1.00 16.87 ? 76  ASN A CB  1 
ATOM   551  C  CG  . ASN A 1 76  ? 10.704  3.302   17.250  1.00 16.87 ? 76  ASN A CG  1 
ATOM   552  O  OD1 . ASN A 1 76  ? 11.496  2.521   16.738  1.00 16.87 ? 76  ASN A OD1 1 
ATOM   553  N  ND2 . ASN A 1 76  ? 10.541  3.393   18.558  1.00 16.87 ? 76  ASN A ND2 1 
ATOM   554  N  N   . GLN A 1 77  ? 12.237  3.390   13.981  1.00 26.08 ? 77  GLN A N   1 
ATOM   555  C  CA  . GLN A 1 77  ? 13.634  3.564   13.643  1.00 26.08 ? 77  GLN A CA  1 
ATOM   556  C  C   . GLN A 1 77  ? 14.546  3.814   14.842  1.00 26.08 ? 77  GLN A C   1 
ATOM   557  O  O   . GLN A 1 77  ? 15.618  4.397   14.705  1.00 26.08 ? 77  GLN A O   1 
ATOM   558  C  CB  . GLN A 1 77  ? 13.750  4.696   12.634  1.00 26.08 ? 77  GLN A CB  1 
ATOM   559  C  CG  . GLN A 1 77  ? 13.100  4.323   11.320  1.00 26.08 ? 77  GLN A CG  1 
ATOM   560  C  CD  . GLN A 1 77  ? 12.394  5.473   10.650  1.00 26.08 ? 77  GLN A CD  1 
ATOM   561  O  OE1 . GLN A 1 77  ? 13.013  6.252   9.921   1.00 26.08 ? 77  GLN A OE1 1 
ATOM   562  N  NE2 . GLN A 1 77  ? 11.085  5.584   10.879  1.00 26.08 ? 77  GLN A NE2 1 
ATOM   563  N  N   . GLY A 1 78  ? 14.121  3.367   16.015  1.00 17.84 ? 78  GLY A N   1 
ATOM   564  C  CA  . GLY A 1 78  ? 14.934  3.540   17.198  1.00 17.84 ? 78  GLY A CA  1 
ATOM   565  C  C   . GLY A 1 78  ? 14.745  4.846   17.934  1.00 17.84 ? 78  GLY A C   1 
ATOM   566  O  O   . GLY A 1 78  ? 15.341  5.029   18.991  1.00 17.84 ? 78  GLY A O   1 
ATOM   567  N  N   . HIS A 1 79  ? 13.935  5.753   17.394  1.00 13.18 ? 79  HIS A N   1 
ATOM   568  C  CA  . HIS A 1 79  ? 13.695  7.046   18.041  1.00 13.18 ? 79  HIS A CA  1 
ATOM   569  C  C   . HIS A 1 79  ? 12.477  6.918   18.943  1.00 13.18 ? 79  HIS A C   1 
ATOM   570  O  O   . HIS A 1 79  ? 11.485  6.322   18.535  1.00 13.18 ? 79  HIS A O   1 
ATOM   571  C  CB  . HIS A 1 79  ? 13.418  8.125   16.994  1.00 13.18 ? 79  HIS A CB  1 
ATOM   572  C  CG  . HIS A 1 79  ? 14.506  8.283   15.979  1.00 13.18 ? 79  HIS A CG  1 
ATOM   573  N  ND1 . HIS A 1 79  ? 15.567  9.144   16.159  1.00 13.18 ? 79  HIS A ND1 1 
ATOM   574  C  CD2 . HIS A 1 79  ? 14.694  7.696   14.778  1.00 13.18 ? 79  HIS A CD2 1 
ATOM   575  C  CE1 . HIS A 1 79  ? 16.363  9.079   15.108  1.00 13.18 ? 79  HIS A CE1 1 
ATOM   576  N  NE2 . HIS A 1 79  ? 15.859  8.207   14.253  1.00 13.18 ? 79  HIS A NE2 1 
ATOM   577  N  N   . ARG A 1 80  ? 12.537  7.467   20.156  1.00 11.79 ? 80  ARG A N   1 
ATOM   578  C  CA  . ARG A 1 80  ? 11.394  7.386   21.077  1.00 11.79 ? 80  ARG A CA  1 
ATOM   579  C  C   . ARG A 1 80  ? 10.990  8.754   21.567  1.00 11.79 ? 80  ARG A C   1 
ATOM   580  O  O   . ARG A 1 80  ? 11.635  9.311   22.445  1.00 11.79 ? 80  ARG A O   1 
ATOM   581  C  CB  . ARG A 1 80  ? 11.738  6.520   22.285  1.00 11.79 ? 80  ARG A CB  1 
ATOM   582  C  CG  . ARG A 1 80  ? 11.827  5.059   21.970  1.00 11.79 ? 80  ARG A CG  1 
ATOM   583  C  CD  . ARG A 1 80  ? 10.579  4.356   22.364  1.00 11.79 ? 80  ARG A CD  1 
ATOM   584  N  NE  . ARG A 1 80  ? 10.881  2.957   22.583  1.00 11.79 ? 80  ARG A NE  1 
ATOM   585  C  CZ  . ARG A 1 80  ? 10.357  2.234   23.562  1.00 11.79 ? 80  ARG A CZ  1 
ATOM   586  N  NH1 . ARG A 1 80  ? 9.507   2.802   24.410  1.00 11.79 ? 80  ARG A NH1 1 
ATOM   587  N  NH2 . ARG A 1 80  ? 10.693  0.953   23.701  1.00 11.79 ? 80  ARG A NH2 1 
ATOM   588  N  N   . ALA A 1 81  ? 9.913   9.299   21.027  1.00 8.00  ? 81  ALA A N   1 
ATOM   589  C  CA  . ALA A 1 81  ? 9.498   10.629  21.439  1.00 8.00  ? 81  ALA A CA  1 
ATOM   590  C  C   . ALA A 1 81  ? 9.241   10.750  22.937  1.00 8.00  ? 81  ALA A C   1 
ATOM   591  O  O   . ALA A 1 81  ? 9.388   11.835  23.497  1.00 8.00  ? 81  ALA A O   1 
ATOM   592  C  CB  . ALA A 1 81  ? 8.261   11.063  20.659  1.00 8.00  ? 81  ALA A CB  1 
ATOM   593  N  N   . GLU A 1 82  ? 8.890   9.640   23.589  1.00 19.83 ? 82  GLU A N   1 
ATOM   594  C  CA  . GLU A 1 82  ? 8.577   9.647   25.019  1.00 19.83 ? 82  GLU A CA  1 
ATOM   595  C  C   . GLU A 1 82  ? 9.728   9.485   25.999  1.00 19.83 ? 82  GLU A C   1 
ATOM   596  O  O   . GLU A 1 82  ? 9.512   9.406   27.198  1.00 19.83 ? 82  GLU A O   1 
ATOM   597  C  CB  . GLU A 1 82  ? 7.512   8.605   25.326  1.00 19.83 ? 82  GLU A CB  1 
ATOM   598  C  CG  . GLU A 1 82  ? 8.050   7.219   25.528  1.00 19.83 ? 82  GLU A CG  1 
ATOM   599  C  CD  . GLU A 1 82  ? 8.162   6.456   24.228  1.00 19.83 ? 82  GLU A CD  1 
ATOM   600  O  OE1 . GLU A 1 82  ? 8.302   7.115   23.174  1.00 19.83 ? 82  GLU A OE1 1 
ATOM   601  O  OE2 . GLU A 1 82  ? 8.112   5.204   24.251  1.00 19.83 ? 82  GLU A OE2 1 
ATOM   602  N  N   . TRP A 1 83  ? 10.948  9.426   25.499  1.00 9.07  ? 83  TRP A N   1 
ATOM   603  C  CA  . TRP A 1 83  ? 12.100  9.328   26.368  1.00 9.07  ? 83  TRP A CA  1 
ATOM   604  C  C   . TRP A 1 83  ? 12.652  10.739  26.444  1.00 9.07  ? 83  TRP A C   1 
ATOM   605  O  O   . TRP A 1 83  ? 12.258  11.596  25.665  1.00 9.07  ? 83  TRP A O   1 
ATOM   606  C  CB  . TRP A 1 83  ? 13.135  8.390   25.769  1.00 9.07  ? 83  TRP A CB  1 
ATOM   607  C  CG  . TRP A 1 83  ? 12.778  6.950   25.925  1.00 9.07  ? 83  TRP A CG  1 
ATOM   608  C  CD1 . TRP A 1 83  ? 11.653  6.449   26.490  1.00 9.07  ? 83  TRP A CD1 1 
ATOM   609  C  CD2 . TRP A 1 83  ? 13.541  5.825   25.488  1.00 9.07  ? 83  TRP A CD2 1 
ATOM   610  N  NE1 . TRP A 1 83  ? 11.660  5.080   26.432  1.00 9.07  ? 83  TRP A NE1 1 
ATOM   611  C  CE2 . TRP A 1 83  ? 12.814  4.672   25.820  1.00 9.07  ? 83  TRP A CE2 1 
ATOM   612  C  CE3 . TRP A 1 83  ? 14.771  5.682   24.845  1.00 9.07  ? 83  TRP A CE3 1 
ATOM   613  C  CZ2 . TRP A 1 83  ? 13.271  3.390   25.533  1.00 9.07  ? 83  TRP A CZ2 1 
ATOM   614  C  CZ3 . TRP A 1 83  ? 15.230  4.406   24.561  1.00 9.07  ? 83  TRP A CZ3 1 
ATOM   615  C  CH2 . TRP A 1 83  ? 14.479  3.276   24.903  1.00 9.07  ? 83  TRP A CH2 1 
ATOM   616  N  N   . ALA A 1 84  ? 13.566  10.994  27.368  1.00 8.11  ? 84  ALA A N   1 
ATOM   617  C  CA  . ALA A 1 84  ? 14.117  12.335  27.507  1.00 8.11  ? 84  ALA A CA  1 
ATOM   618  C  C   . ALA A 1 84  ? 14.874  12.820  26.267  1.00 8.11  ? 84  ALA A C   1 
ATOM   619  O  O   . ALA A 1 84  ? 15.075  14.021  26.083  1.00 8.11  ? 84  ALA A O   1 
ATOM   620  C  CB  . ALA A 1 84  ? 15.020  12.390  28.725  1.00 8.11  ? 84  ALA A CB  1 
ATOM   621  N  N   . SER A 1 85  ? 15.287  11.892  25.415  1.00 17.57 ? 85  SER A N   1 
ATOM   622  C  CA  . SER A 1 85  ? 16.029  12.253  24.219  1.00 17.57 ? 85  SER A CA  1 
ATOM   623  C  C   . SER A 1 85  ? 15.732  11.332  23.039  1.00 17.57 ? 85  SER A C   1 
ATOM   624  O  O   . SER A 1 85  ? 15.897  10.108  23.138  1.00 17.57 ? 85  SER A O   1 
ATOM   625  C  CB  . SER A 1 85  ? 17.522  12.220  24.508  1.00 17.57 ? 85  SER A CB  1 
ATOM   626  O  OG  . SER A 1 85  ? 18.252  12.458  23.323  1.00 17.57 ? 85  SER A OG  1 
ATOM   627  N  N   . THR A 1 86  ? 15.315  11.928  21.923  1.00 13.18 ? 86  THR A N   1 
ATOM   628  C  CA  . THR A 1 86  ? 14.981  11.193  20.711  1.00 13.18 ? 86  THR A CA  1 
ATOM   629  C  C   . THR A 1 86  ? 16.201  10.791  19.904  1.00 13.18 ? 86  THR A C   1 
ATOM   630  O  O   . THR A 1 86  ? 16.069  10.352  18.765  1.00 13.18 ? 86  THR A O   1 
ATOM   631  C  CB  . THR A 1 86  ? 14.105  12.028  19.793  1.00 13.18 ? 86  THR A CB  1 
ATOM   632  O  OG1 . THR A 1 86  ? 14.839  13.179  19.359  1.00 13.18 ? 86  THR A OG1 1 
ATOM   633  C  CG2 . THR A 1 86  ? 12.866  12.481  20.518  1.00 13.18 ? 86  THR A CG2 1 
ATOM   634  N  N   . PHE A 1 87  ? 17.389  10.950  20.477  1.00 20.55 ? 87  PHE A N   1 
ATOM   635  C  CA  . PHE A 1 87  ? 18.619  10.589  19.784  1.00 20.55 ? 87  PHE A CA  1 
ATOM   636  C  C   . PHE A 1 87  ? 18.883  9.095   19.893  1.00 20.55 ? 87  PHE A C   1 
ATOM   637  O  O   . PHE A 1 87  ? 18.836  8.533   20.979  1.00 20.55 ? 87  PHE A O   1 
ATOM   638  C  CB  . PHE A 1 87  ? 19.786  11.350  20.382  1.00 20.55 ? 87  PHE A CB  1 
ATOM   639  C  CG  . PHE A 1 87  ? 21.015  11.290  19.553  1.00 20.55 ? 87  PHE A CG  1 
ATOM   640  C  CD1 . PHE A 1 87  ? 21.215  12.197  18.524  1.00 20.55 ? 87  PHE A CD1 1 
ATOM   641  C  CD2 . PHE A 1 87  ? 21.975  10.316  19.785  1.00 20.55 ? 87  PHE A CD2 1 
ATOM   642  C  CE1 . PHE A 1 87  ? 22.358  12.124  17.731  1.00 20.55 ? 87  PHE A CE1 1 
ATOM   643  C  CE2 . PHE A 1 87  ? 23.126  10.233  18.997  1.00 20.55 ? 87  PHE A CE2 1 
ATOM   644  C  CZ  . PHE A 1 87  ? 23.319  11.137  17.972  1.00 20.55 ? 87  PHE A CZ  1 
ATOM   645  N  N   . PRO A 1 88  ? 19.161  8.423   18.767  1.00 9.51  ? 88  PRO A N   1 
ATOM   646  C  CA  . PRO A 1 88  ? 19.426  6.977   18.771  1.00 9.51  ? 88  PRO A CA  1 
ATOM   647  C  C   . PRO A 1 88  ? 20.798  6.552   19.300  1.00 9.51  ? 88  PRO A C   1 
ATOM   648  O  O   . PRO A 1 88  ? 21.563  5.874   18.608  1.00 9.51  ? 88  PRO A O   1 
ATOM   649  C  CB  . PRO A 1 88  ? 19.225  6.566   17.314  1.00 9.51  ? 88  PRO A CB  1 
ATOM   650  C  CG  . PRO A 1 88  ? 19.541  7.771   16.542  1.00 9.51  ? 88  PRO A CG  1 
ATOM   651  C  CD  . PRO A 1 88  ? 19.212  8.983   17.410  1.00 9.51  ? 88  PRO A CD  1 
ATOM   652  N  N   . PHE A 1 89  ? 21.081  6.934   20.541  1.00 12.87 ? 89  PHE A N   1 
ATOM   653  C  CA  . PHE A 1 89  ? 22.340  6.614   21.194  1.00 12.87 ? 89  PHE A CA  1 
ATOM   654  C  C   . PHE A 1 89  ? 22.772  5.187   20.938  1.00 12.87 ? 89  PHE A C   1 
ATOM   655  O  O   . PHE A 1 89  ? 23.890  4.938   20.520  1.00 12.87 ? 89  PHE A O   1 
ATOM   656  C  CB  . PHE A 1 89  ? 22.208  6.820   22.698  1.00 12.87 ? 89  PHE A CB  1 
ATOM   657  C  CG  . PHE A 1 89  ? 22.213  8.255   23.124  1.00 12.87 ? 89  PHE A CG  1 
ATOM   658  C  CD1 . PHE A 1 89  ? 23.298  9.076   22.842  1.00 12.87 ? 89  PHE A CD1 1 
ATOM   659  C  CD2 . PHE A 1 89  ? 21.154  8.778   23.848  1.00 12.87 ? 89  PHE A CD2 1 
ATOM   660  C  CE1 . PHE A 1 89  ? 23.323  10.392  23.278  1.00 12.87 ? 89  PHE A CE1 1 
ATOM   661  C  CE2 . PHE A 1 89  ? 21.172  10.092  24.288  1.00 12.87 ? 89  PHE A CE2 1 
ATOM   662  C  CZ  . PHE A 1 89  ? 22.254  10.900  24.006  1.00 12.87 ? 89  PHE A CZ  1 
ATOM   663  N  N   . HIS A 1 90  ? 21.879  4.243   21.187  1.00 16.43 ? 90  HIS A N   1 
ATOM   664  C  CA  . HIS A 1 90  ? 22.219  2.841   21.011  1.00 16.43 ? 90  HIS A CA  1 
ATOM   665  C  C   . HIS A 1 90  ? 22.746  2.535   19.639  1.00 16.43 ? 90  HIS A C   1 
ATOM   666  O  O   . HIS A 1 90  ? 23.501  1.587   19.463  1.00 16.43 ? 90  HIS A O   1 
ATOM   667  C  CB  . HIS A 1 90  ? 20.999  1.955   21.274  1.00 16.43 ? 90  HIS A CB  1 
ATOM   668  C  CG  . HIS A 1 90  ? 21.182  0.529   20.849  1.00 16.43 ? 90  HIS A CG  1 
ATOM   669  N  ND1 . HIS A 1 90  ? 21.720  -0.433  21.677  1.00 16.43 ? 90  HIS A ND1 1 
ATOM   670  C  CD2 . HIS A 1 90  ? 20.886  -0.103  19.687  1.00 16.43 ? 90  HIS A CD2 1 
ATOM   671  C  CE1 . HIS A 1 90  ? 21.748  -1.592  21.045  1.00 16.43 ? 90  HIS A CE1 1 
ATOM   672  N  NE2 . HIS A 1 90  ? 21.248  -1.421  19.836  1.00 16.43 ? 90  HIS A NE2 1 
ATOM   673  N  N   . PHE A 1 91  ? 22.356  3.330   18.659  1.00 8.48  ? 91  PHE A N   1 
ATOM   674  C  CA  . PHE A 1 91  ? 22.796  3.045   17.319  1.00 8.48  ? 91  PHE A CA  1 
ATOM   675  C  C   . PHE A 1 91  ? 24.117  3.672   16.930  1.00 8.48  ? 91  PHE A C   1 
ATOM   676  O  O   . PHE A 1 91  ? 24.726  3.234   15.973  1.00 8.48  ? 91  PHE A O   1 
ATOM   677  C  CB  . PHE A 1 91  ? 21.695  3.402   16.331  1.00 8.48  ? 91  PHE A CB  1 
ATOM   678  C  CG  . PHE A 1 91  ? 20.524  2.475   16.393  1.00 8.48  ? 91  PHE A CG  1 
ATOM   679  C  CD1 . PHE A 1 91  ? 19.523  2.672   17.320  1.00 8.48  ? 91  PHE A CD1 1 
ATOM   680  C  CD2 . PHE A 1 91  ? 20.434  1.378   15.552  1.00 8.48  ? 91  PHE A CD2 1 
ATOM   681  C  CE1 . PHE A 1 91  ? 18.450  1.792   17.408  1.00 8.48  ? 91  PHE A CE1 1 
ATOM   682  C  CE2 . PHE A 1 91  ? 19.360  0.493   15.635  1.00 8.48  ? 91  PHE A CE2 1 
ATOM   683  C  CZ  . PHE A 1 91  ? 18.372  0.701   16.562  1.00 8.48  ? 91  PHE A CZ  1 
ATOM   684  N  N   . MET A 1 92  ? 24.575  4.686   17.651  1.00 31.69 ? 92  MET A N   1 
ATOM   685  C  CA  . MET A 1 92  ? 25.866  5.278   17.311  1.00 31.69 ? 92  MET A CA  1 
ATOM   686  C  C   . MET A 1 92  ? 26.925  4.430   18.002  1.00 31.69 ? 92  MET A C   1 
ATOM   687  O  O   . MET A 1 92  ? 27.594  4.883   18.931  1.00 31.69 ? 92  MET A O   1 
ATOM   688  C  CB  . MET A 1 92  ? 25.941  6.726   17.786  1.00 31.69 ? 92  MET A CB  1 
ATOM   689  C  CG  . MET A 1 92  ? 25.054  7.664   16.984  1.00 31.69 ? 92  MET A CG  1 
ATOM   690  S  SD  . MET A 1 92  ? 25.932  9.050   16.238  1.00 31.69 ? 92  MET A SD  1 
ATOM   691  C  CE  . MET A 1 92  ? 27.158  9.370   17.489  1.00 31.69 ? 92  MET A CE  1 
ATOM   692  N  N   . HIS A 1 93  ? 27.062  3.198   17.529  1.00 41.60 ? 93  HIS A N   1 
ATOM   693  C  CA  . HIS A 1 93  ? 28.001  2.232   18.088  1.00 41.60 ? 93  HIS A CA  1 
ATOM   694  C  C   . HIS A 1 93  ? 29.472  2.648   18.030  1.00 41.60 ? 93  HIS A C   1 
ATOM   695  O  O   . HIS A 1 93  ? 30.315  2.015   18.668  1.00 41.60 ? 93  HIS A O   1 
ATOM   696  C  CB  . HIS A 1 93  ? 27.797  0.864   17.409  1.00 41.60 ? 93  HIS A CB  1 
ATOM   697  N  N   . GLU A 1 94  ? 29.793  3.708   17.295  1.00 43.34 ? 94  GLU A N   1 
ATOM   698  C  CA  . GLU A 1 94  ? 31.179  4.153   17.206  1.00 43.34 ? 94  GLU A CA  1 
ATOM   699  C  C   . GLU A 1 94  ? 31.642  5.056   18.364  1.00 43.34 ? 94  GLU A C   1 
ATOM   700  O  O   . GLU A 1 94  ? 32.845  5.282   18.506  1.00 43.34 ? 94  GLU A O   1 
ATOM   701  C  CB  . GLU A 1 94  ? 31.432  4.841   15.866  1.00 43.34 ? 94  GLU A CB  1 
ATOM   702  N  N   . GLU A 1 95  ? 30.719  5.576   19.178  1.00 40.54 ? 95  GLU A N   1 
ATOM   703  C  CA  . GLU A 1 95  ? 31.099  6.416   20.329  1.00 40.54 ? 95  GLU A CA  1 
ATOM   704  C  C   . GLU A 1 95  ? 30.885  5.605   21.604  1.00 40.54 ? 95  GLU A C   1 
ATOM   705  O  O   . GLU A 1 95  ? 29.767  5.193   21.899  1.00 40.54 ? 95  GLU A O   1 
ATOM   706  C  CB  . GLU A 1 95  ? 30.263  7.704   20.381  1.00 40.54 ? 95  GLU A CB  1 
ATOM   707  N  N   . PRO A 1 96  ? 31.955  5.327   22.354  1.00 32.34 ? 96  PRO A N   1 
ATOM   708  C  CA  . PRO A 1 96  ? 31.838  4.554   23.595  1.00 32.34 ? 96  PRO A CA  1 
ATOM   709  C  C   . PRO A 1 96  ? 30.877  5.121   24.647  1.00 32.34 ? 96  PRO A C   1 
ATOM   710  O  O   . PRO A 1 96  ? 30.090  4.380   25.232  1.00 32.34 ? 96  PRO A O   1 
ATOM   711  C  CB  . PRO A 1 96  ? 33.260  4.457   24.132  1.00 32.34 ? 96  PRO A CB  1 
ATOM   712  C  CG  . PRO A 1 96  ? 34.127  5.157   23.182  1.00 32.34 ? 96  PRO A CG  1 
ATOM   713  C  CD  . PRO A 1 96  ? 33.351  5.685   22.035  1.00 32.34 ? 96  PRO A CD  1 
ATOM   714  N  N   . ALA A 1 97  ? 30.940  6.424   24.896  1.00 9.26  ? 97  ALA A N   1 
ATOM   715  C  CA  . ALA A 1 97  ? 30.064  7.023   25.895  1.00 9.26  ? 97  ALA A CA  1 
ATOM   716  C  C   . ALA A 1 97  ? 28.657  6.459   25.761  1.00 9.26  ? 97  ALA A C   1 
ATOM   717  O  O   . ALA A 1 97  ? 27.990  6.188   26.759  1.00 9.26  ? 97  ALA A O   1 
ATOM   718  C  CB  . ALA A 1 97  ? 30.035  8.541   25.747  1.00 9.26  ? 97  ALA A CB  1 
ATOM   719  N  N   . PHE A 1 98  ? 28.226  6.252   24.520  1.00 16.13 ? 98  PHE A N   1 
ATOM   720  C  CA  . PHE A 1 98  ? 26.886  5.741   24.230  1.00 16.13 ? 98  PHE A CA  1 
ATOM   721  C  C   . PHE A 1 98  ? 26.783  4.221   24.210  1.00 16.13 ? 98  PHE A C   1 
ATOM   722  O  O   . PHE A 1 98  ? 26.044  3.659   23.396  1.00 16.13 ? 98  PHE A O   1 
ATOM   723  C  CB  . PHE A 1 98  ? 26.392  6.259   22.872  1.00 16.13 ? 98  PHE A CB  1 
ATOM   724  C  CG  . PHE A 1 98  ? 26.592  7.725   22.661  1.00 16.13 ? 98  PHE A CG  1 
ATOM   725  C  CD1 . PHE A 1 98  ? 26.808  8.580   23.732  1.00 16.13 ? 98  PHE A CD1 1 
ATOM   726  C  CD2 . PHE A 1 98  ? 26.571  8.249   21.373  1.00 16.13 ? 98  PHE A CD2 1 
ATOM   727  C  CE1 . PHE A 1 98  ? 27.000  9.930   23.523  1.00 16.13 ? 98  PHE A CE1 1 
ATOM   728  C  CE2 . PHE A 1 98  ? 26.763  9.601   21.153  1.00 16.13 ? 98  PHE A CE2 1 
ATOM   729  C  CZ  . PHE A 1 98  ? 26.978  10.445  22.230  1.00 16.13 ? 98  PHE A CZ  1 
ATOM   730  N  N   . ALA A 1 99  ? 27.492  3.549   25.102  1.00 32.81 ? 99  ALA A N   1 
ATOM   731  C  CA  . ALA A 1 99  ? 27.461  2.091   25.103  1.00 32.81 ? 99  ALA A CA  1 
ATOM   732  C  C   . ALA A 1 99  ? 26.234  1.480   25.765  1.00 32.81 ? 99  ALA A C   1 
ATOM   733  O  O   . ALA A 1 99  ? 25.464  0.763   25.124  1.00 32.81 ? 99  ALA A O   1 
ATOM   734  C  CB  . ALA A 1 99  ? 28.718  1.557   25.758  1.00 32.81 ? 99  ALA A CB  1 
ATOM   735  N  N   . GLY A 1 100 ? 26.062  1.768   27.049  1.00 30.32 ? 100 GLY A N   1 
ATOM   736  C  CA  . GLY A 1 100 ? 24.942  1.219   27.790  1.00 30.32 ? 100 GLY A CA  1 
ATOM   737  C  C   . GLY A 1 100 ? 23.596  1.595   27.221  1.00 30.32 ? 100 GLY A C   1 
ATOM   738  O  O   . GLY A 1 100 ? 22.557  1.133   27.692  1.00 30.32 ? 100 GLY A O   1 
ATOM   739  N  N   . ALA A 1 101 ? 23.625  2.445   26.203  1.00 17.43 ? 101 ALA A N   1 
ATOM   740  C  CA  . ALA A 1 101 ? 22.420  2.907   25.542  1.00 17.43 ? 101 ALA A CA  1 
ATOM   741  C  C   . ALA A 1 101 ? 21.479  1.735   25.229  1.00 17.43 ? 101 ALA A C   1 
ATOM   742  O  O   . ALA A 1 101 ? 21.897  0.735   24.646  1.00 17.43 ? 101 ALA A O   1 
ATOM   743  C  CB  . ALA A 1 101 ? 22.820  3.619   24.279  1.00 17.43 ? 101 ALA A CB  1 
ATOM   744  N  N   . VAL A 1 102 ? 20.217  1.842   25.623  1.00 22.13 ? 102 VAL A N   1 
ATOM   745  C  CA  . VAL A 1 102 ? 19.281  0.766   25.339  1.00 22.13 ? 102 VAL A CA  1 
ATOM   746  C  C   . VAL A 1 102 ? 18.664  0.983   23.963  1.00 22.13 ? 102 VAL A C   1 
ATOM   747  O  O   . VAL A 1 102 ? 18.552  2.114   23.502  1.00 22.13 ? 102 VAL A O   1 
ATOM   748  C  CB  . VAL A 1 102 ? 18.144  0.716   26.354  1.00 22.13 ? 102 VAL A CB  1 
ATOM   749  C  CG1 . VAL A 1 102 ? 17.327  -0.528  26.124  1.00 22.13 ? 102 VAL A CG1 1 
ATOM   750  C  CG2 . VAL A 1 102 ? 18.687  0.724   27.769  1.00 22.13 ? 102 VAL A CG2 1 
ATOM   751  N  N   . ASN A 1 103 ? 18.254  -0.097  23.312  1.00 20.07 ? 103 ASN A N   1 
ATOM   752  C  CA  . ASN A 1 103 ? 17.659  -0.016  21.984  1.00 20.07 ? 103 ASN A CA  1 
ATOM   753  C  C   . ASN A 1 103 ? 16.201  0.412   22.032  1.00 20.07 ? 103 ASN A C   1 
ATOM   754  O  O   . ASN A 1 103 ? 15.331  -0.355  22.438  1.00 20.07 ? 103 ASN A O   1 
ATOM   755  C  CB  . ASN A 1 103 ? 17.771  -1.373  21.300  1.00 20.07 ? 103 ASN A CB  1 
ATOM   756  C  CG  . ASN A 1 103 ? 17.339  -1.339  19.852  1.00 20.07 ? 103 ASN A CG  1 
ATOM   757  O  OD1 . ASN A 1 103 ? 16.463  -0.562  19.471  1.00 20.07 ? 103 ASN A OD1 1 
ATOM   758  N  ND2 . ASN A 1 103 ? 17.951  -2.190  19.032  1.00 20.07 ? 103 ASN A ND2 1 
ATOM   759  N  N   . GLY A 1 104 ? 15.929  1.630   21.588  1.00 15.81 ? 104 GLY A N   1 
ATOM   760  C  CA  . GLY A 1 104 ? 14.563  2.127   21.619  1.00 15.81 ? 104 GLY A CA  1 
ATOM   761  C  C   . GLY A 1 104 ? 13.707  1.769   20.422  1.00 15.81 ? 104 GLY A C   1 
ATOM   762  O  O   . GLY A 1 104 ? 12.597  2.273   20.284  1.00 15.81 ? 104 GLY A O   1 
ATOM   763  N  N   . TYR A 1 105 ? 14.216  0.896   19.562  1.00 24.63 ? 105 TYR A N   1 
ATOM   764  C  CA  . TYR A 1 105 ? 13.496  0.483   18.366  1.00 24.63 ? 105 TYR A CA  1 
ATOM   765  C  C   . TYR A 1 105 ? 12.273  -0.314  18.704  1.00 24.63 ? 105 TYR A C   1 
ATOM   766  O  O   . TYR A 1 105 ? 12.300  -1.126  19.616  1.00 24.63 ? 105 TYR A O   1 
ATOM   767  C  CB  . TYR A 1 105 ? 14.356  -0.417  17.488  1.00 24.63 ? 105 TYR A CB  1 
ATOM   768  C  CG  . TYR A 1 105 ? 13.538  -1.144  16.436  1.00 24.63 ? 105 TYR A CG  1 
ATOM   769  C  CD1 . TYR A 1 105 ? 13.071  -0.461  15.322  1.00 24.63 ? 105 TYR A CD1 1 
ATOM   770  C  CD2 . TYR A 1 105 ? 13.194  -2.493  16.574  1.00 24.63 ? 105 TYR A CD2 1 
ATOM   771  C  CE1 . TYR A 1 105 ? 12.277  -1.089  14.364  1.00 24.63 ? 105 TYR A CE1 1 
ATOM   772  C  CE2 . TYR A 1 105 ? 12.392  -3.136  15.614  1.00 24.63 ? 105 TYR A CE2 1 
ATOM   773  C  CZ  . TYR A 1 105 ? 11.935  -2.423  14.513  1.00 24.63 ? 105 TYR A CZ  1 
ATOM   774  O  OH  . TYR A 1 105 ? 11.112  -3.020  13.567  1.00 24.63 ? 105 TYR A OH  1 
ATOM   775  N  N   . GLN A 1 106 ? 11.199  -0.103  17.972  1.00 37.89 ? 106 GLN A N   1 
ATOM   776  C  CA  . GLN A 1 106 ? 10.035  -0.919  18.213  1.00 37.89 ? 106 GLN A CA  1 
ATOM   777  C  C   . GLN A 1 106 ? 9.137   -0.938  16.999  1.00 37.89 ? 106 GLN A C   1 
ATOM   778  O  O   . GLN A 1 106 ? 8.772   0.091   16.454  1.00 37.89 ? 106 GLN A O   1 
ATOM   779  C  CB  . GLN A 1 106 ? 9.351   -0.533  19.548  1.00 37.89 ? 106 GLN A CB  1 
ATOM   780  C  CG  . GLN A 1 106 ? 8.278   0.543   19.607  1.00 37.89 ? 106 GLN A CG  1 
ATOM   781  C  CD  . GLN A 1 106 ? 7.784   0.768   21.062  1.00 37.89 ? 106 GLN A CD  1 
ATOM   782  O  OE1 . GLN A 1 106 ? 8.077   -0.024  21.969  1.00 37.89 ? 106 GLN A OE1 1 
ATOM   783  N  NE2 . GLN A 1 106 ? 7.035   1.849   21.278  1.00 37.89 ? 106 GLN A NE2 1 
ATOM   784  N  N   . PRO A 1 107 ? 8.815   -2.142  16.531  1.00 12.06 ? 107 PRO A N   1 
ATOM   785  C  CA  . PRO A 1 107 ? 7.975   -2.414  15.368  1.00 12.06 ? 107 PRO A CA  1 
ATOM   786  C  C   . PRO A 1 107 ? 6.610   -1.789  15.436  1.00 12.06 ? 107 PRO A C   1 
ATOM   787  O  O   . PRO A 1 107 ? 6.094   -1.515  16.512  1.00 12.06 ? 107 PRO A O   1 
ATOM   788  C  CB  . PRO A 1 107 ? 7.895   -3.930  15.291  1.00 12.06 ? 107 PRO A CB  1 
ATOM   789  C  CG  . PRO A 1 107 ? 8.616   -4.455  16.447  1.00 12.06 ? 107 PRO A CG  1 
ATOM   790  C  CD  . PRO A 1 107 ? 9.265   -3.367  17.210  1.00 12.06 ? 107 PRO A CD  1 
ATOM   791  N  N   . ALA A 1 108 ? 6.011   -1.579  14.277  1.00 8.22  ? 108 ALA A N   1 
ATOM   792  C  CA  . ALA A 1 108 ? 4.698   -0.960  14.236  1.00 8.22  ? 108 ALA A CA  1 
ATOM   793  C  C   . ALA A 1 108 ? 3.680   -1.842  13.538  1.00 8.22  ? 108 ALA A C   1 
ATOM   794  O  O   . ALA A 1 108 ? 2.496   -1.521  13.484  1.00 8.22  ? 108 ALA A O   1 
ATOM   795  C  CB  . ALA A 1 108 ? 4.788   0.388   13.546  1.00 8.22  ? 108 ALA A CB  1 
ATOM   796  N  N   . GLY A 1 109 ? 4.148   -2.956  12.999  1.00 19.43 ? 109 GLY A N   1 
ATOM   797  C  CA  . GLY A 1 109 ? 3.241   -3.866  12.336  1.00 19.43 ? 109 GLY A CA  1 
ATOM   798  C  C   . GLY A 1 109 ? 3.246   -3.719  10.837  1.00 19.43 ? 109 GLY A C   1 
ATOM   799  O  O   . GLY A 1 109 ? 3.512   -2.638  10.312  1.00 19.43 ? 109 GLY A O   1 
ATOM   800  N  N   . ASP A 1 110 ? 2.947   -4.811  10.144  1.00 23.28 ? 110 ASP A N   1 
ATOM   801  C  CA  . ASP A 1 110 ? 2.921   -4.803  8.695   1.00 23.28 ? 110 ASP A CA  1 
ATOM   802  C  C   . ASP A 1 110 ? 2.093   -3.671  8.154   1.00 23.28 ? 110 ASP A C   1 
ATOM   803  O  O   . ASP A 1 110 ? 1.079   -3.302  8.732   1.00 23.28 ? 110 ASP A O   1 
ATOM   804  C  CB  . ASP A 1 110 ? 2.320   -6.091  8.164   1.00 23.28 ? 110 ASP A CB  1 
ATOM   805  C  CG  . ASP A 1 110 ? 3.131   -7.294  8.530   1.00 23.28 ? 110 ASP A CG  1 
ATOM   806  O  OD1 . ASP A 1 110 ? 4.364   -7.265  8.311   1.00 23.28 ? 110 ASP A OD1 1 
ATOM   807  O  OD2 . ASP A 1 110 ? 2.532   -8.267  9.037   1.00 23.28 ? 110 ASP A OD2 1 
ATOM   808  N  N   . THR A 1 111 ? 2.545   -3.114  7.042   1.00 20.57 ? 111 THR A N   1 
ATOM   809  C  CA  . THR A 1 111 ? 1.803   -2.067  6.372   1.00 20.57 ? 111 THR A CA  1 
ATOM   810  C  C   . THR A 1 111 ? 1.014   -2.885  5.351   1.00 20.57 ? 111 THR A C   1 
ATOM   811  O  O   . THR A 1 111 ? 1.595   -3.682  4.594   1.00 20.57 ? 111 THR A O   1 
ATOM   812  C  CB  . THR A 1 111 ? 2.730   -1.082  5.652   1.00 20.57 ? 111 THR A CB  1 
ATOM   813  O  OG1 . THR A 1 111 ? 3.550   -0.404  6.614   1.00 20.57 ? 111 THR A OG1 1 
ATOM   814  C  CG2 . THR A 1 111 ? 1.914   -0.062  4.885   1.00 20.57 ? 111 THR A CG2 1 
ATOM   815  N  N   . LEU A 1 112 ? -0.307  -2.719  5.351   1.00 14.37 ? 112 LEU A N   1 
ATOM   816  C  CA  . LEU A 1 112 ? -1.152  -3.477  4.441   1.00 14.37 ? 112 LEU A CA  1 
ATOM   817  C  C   . LEU A 1 112 ? -1.919  -2.608  3.473   1.00 14.37 ? 112 LEU A C   1 
ATOM   818  O  O   . LEU A 1 112 ? -2.622  -1.685  3.870   1.00 14.37 ? 112 LEU A O   1 
ATOM   819  C  CB  . LEU A 1 112 ? -2.130  -4.337  5.238   1.00 14.37 ? 112 LEU A CB  1 
ATOM   820  C  CG  . LEU A 1 112 ? -1.468  -5.195  6.311   1.00 14.37 ? 112 LEU A CG  1 
ATOM   821  C  CD1 . LEU A 1 112 ? -2.523  -5.864  7.144   1.00 14.37 ? 112 LEU A CD1 1 
ATOM   822  C  CD2 . LEU A 1 112 ? -0.567  -6.228  5.658   1.00 14.37 ? 112 LEU A CD2 1 
ATOM   823  N  N   . ILE A 1 113 ? -1.770  -2.912  2.195   1.00 8.58  ? 113 ILE A N   1 
ATOM   824  C  CA  . ILE A 1 113 ? -2.468  -2.191  1.157   1.00 8.58  ? 113 ILE A CA  1 
ATOM   825  C  C   . ILE A 1 113 ? -3.450  -3.177  0.543   1.00 8.58  ? 113 ILE A C   1 
ATOM   826  O  O   . ILE A 1 113 ? -3.055  -4.152  -0.093  1.00 8.58  ? 113 ILE A O   1 
ATOM   827  C  CB  . ILE A 1 113 ? -1.483  -1.687  0.091   1.00 8.58  ? 113 ILE A CB  1 
ATOM   828  C  CG1 . ILE A 1 113 ? -0.493  -0.717  0.729   1.00 8.58  ? 113 ILE A CG1 1 
ATOM   829  C  CG2 . ILE A 1 113 ? -2.235  -0.973  -1.014  1.00 8.58  ? 113 ILE A CG2 1 
ATOM   830  C  CD1 . ILE A 1 113 ? -1.173  0.374   1.527   1.00 8.58  ? 113 ILE A CD1 1 
ATOM   831  N  N   . GLY A 1 114 ? -4.736  -2.931  0.747   1.00 8.94  ? 114 GLY A N   1 
ATOM   832  C  CA  . GLY A 1 114 ? -5.751  -3.824  0.212   1.00 8.94  ? 114 GLY A CA  1 
ATOM   833  C  C   . GLY A 1 114 ? -5.746  -4.013  -1.296  1.00 8.94  ? 114 GLY A C   1 
ATOM   834  O  O   . GLY A 1 114 ? -4.833  -3.569  -2.000  1.00 8.94  ? 114 GLY A O   1 
ATOM   835  N  N   . HIS A 1 115 ? -6.782  -4.680  -1.797  1.00 10.06 ? 115 HIS A N   1 
ATOM   836  C  CA  . HIS A 1 115 ? -6.913  -4.933  -3.222  1.00 10.06 ? 115 HIS A CA  1 
ATOM   837  C  C   . HIS A 1 115 ? -7.446  -3.714  -3.935  1.00 10.06 ? 115 HIS A C   1 
ATOM   838  O  O   . HIS A 1 115 ? -8.120  -2.881  -3.339  1.00 10.06 ? 115 HIS A O   1 
ATOM   839  C  CB  . HIS A 1 115 ? -7.877  -6.086  -3.474  1.00 10.06 ? 115 HIS A CB  1 
ATOM   840  C  CG  . HIS A 1 115 ? -7.351  -7.418  -3.052  1.00 10.06 ? 115 HIS A CG  1 
ATOM   841  N  ND1 . HIS A 1 115 ? -7.644  -7.977  -1.828  1.00 10.06 ? 115 HIS A ND1 1 
ATOM   842  C  CD2 . HIS A 1 115 ? -6.563  -8.311  -3.697  1.00 10.06 ? 115 HIS A CD2 1 
ATOM   843  C  CE1 . HIS A 1 115 ? -7.059  -9.159  -1.735  1.00 10.06 ? 115 HIS A CE1 1 
ATOM   844  N  NE2 . HIS A 1 115 ? -6.397  -9.383  -2.857  1.00 10.06 ? 115 HIS A NE2 1 
ATOM   845  N  N   . GLU A 1 116 ? -7.142  -3.612  -5.219  1.00 16.95 ? 116 GLU A N   1 
ATOM   846  C  CA  . GLU A 1 116 ? -7.642  -2.515  -6.019  1.00 16.95 ? 116 GLU A CA  1 
ATOM   847  C  C   . GLU A 1 116 ? -7.474  -1.150  -5.373  1.00 16.95 ? 116 GLU A C   1 
ATOM   848  O  O   . GLU A 1 116 ? -8.431  -0.382  -5.286  1.00 16.95 ? 116 GLU A O   1 
ATOM   849  C  CB  . GLU A 1 116 ? -9.122  -2.753  -6.313  1.00 16.95 ? 116 GLU A CB  1 
ATOM   850  C  CG  . GLU A 1 116 ? -9.654  -2.028  -7.529  1.00 16.95 ? 116 GLU A CG  1 
ATOM   851  C  CD  . GLU A 1 116 ? -11.041 -1.460  -7.303  1.00 16.95 ? 116 GLU A CD  1 
ATOM   852  O  OE1 . GLU A 1 116 ? -11.811 -2.058  -6.524  1.00 16.95 ? 116 GLU A OE1 1 
ATOM   853  O  OE2 . GLU A 1 116 ? -11.368 -0.415  -7.904  1.00 16.95 ? 116 GLU A OE2 1 
ATOM   854  N  N   . VAL A 1 117 ? -6.268  -0.847  -4.905  1.00 8.32  ? 117 VAL A N   1 
ATOM   855  C  CA  . VAL A 1 117 ? -5.999  0.458   -4.307  1.00 8.32  ? 117 VAL A CA  1 
ATOM   856  C  C   . VAL A 1 117 ? -5.261  1.322   -5.312  1.00 8.32  ? 117 VAL A C   1 
ATOM   857  O  O   . VAL A 1 117 ? -4.270  0.897   -5.893  1.00 8.32  ? 117 VAL A O   1 
ATOM   858  C  CB  . VAL A 1 117 ? -5.130  0.345   -3.074  1.00 8.32  ? 117 VAL A CB  1 
ATOM   859  C  CG1 . VAL A 1 117 ? -5.040  1.689   -2.394  1.00 8.32  ? 117 VAL A CG1 1 
ATOM   860  C  CG2 . VAL A 1 117 ? -5.701  -0.695  -2.146  1.00 8.32  ? 117 VAL A CG2 1 
ATOM   861  N  N   . TRP A 1 118 ? -5.755  2.532   -5.523  1.00 14.60 ? 118 TRP A N   1 
ATOM   862  C  CA  . TRP A 1 118 ? -5.144  3.457   -6.473  1.00 14.60 ? 118 TRP A CA  1 
ATOM   863  C  C   . TRP A 1 118 ? -4.387  4.548   -5.713  1.00 14.60 ? 118 TRP A C   1 
ATOM   864  O  O   . TRP A 1 118 ? -4.991  5.451   -5.126  1.00 14.60 ? 118 TRP A O   1 
ATOM   865  C  CB  . TRP A 1 118 ? -6.237  4.069   -7.350  1.00 14.60 ? 118 TRP A CB  1 
ATOM   866  C  CG  . TRP A 1 118 ? -5.771  5.056   -8.357  1.00 14.60 ? 118 TRP A CG  1 
ATOM   867  C  CD1 . TRP A 1 118 ? -4.522  5.171   -8.883  1.00 14.60 ? 118 TRP A CD1 1 
ATOM   868  C  CD2 . TRP A 1 118 ? -6.570  6.057   -8.992  1.00 14.60 ? 118 TRP A CD2 1 
ATOM   869  N  NE1 . TRP A 1 118 ? -4.483  6.195   -9.801  1.00 14.60 ? 118 TRP A NE1 1 
ATOM   870  C  CE2 . TRP A 1 118 ? -5.731  6.757   -9.889  1.00 14.60 ? 118 TRP A CE2 1 
ATOM   871  C  CE3 . TRP A 1 118 ? -7.913  6.445   -8.876  1.00 14.60 ? 118 TRP A CE3 1 
ATOM   872  C  CZ2 . TRP A 1 118 ? -6.185  7.816   -10.670 1.00 14.60 ? 118 TRP A CZ2 1 
ATOM   873  C  CZ3 . TRP A 1 118 ? -8.370  7.494   -9.657  1.00 14.60 ? 118 TRP A CZ3 1 
ATOM   874  C  CH2 . TRP A 1 118 ? -7.505  8.168   -10.545 1.00 14.60 ? 118 TRP A CH2 1 
ATOM   875  N  N   . ILE A 1 119 ? -3.062  4.457   -5.725  1.00 8.13  ? 119 ILE A N   1 
ATOM   876  C  CA  . ILE A 1 119 ? -2.242  5.421   -5.024  1.00 8.13  ? 119 ILE A CA  1 
ATOM   877  C  C   . ILE A 1 119 ? -1.704  6.481   -5.971  1.00 8.13  ? 119 ILE A C   1 
ATOM   878  O  O   . ILE A 1 119 ? -1.125  6.181   -7.016  1.00 8.13  ? 119 ILE A O   1 
ATOM   879  C  CB  . ILE A 1 119 ? -1.102  4.701   -4.313  1.00 8.13  ? 119 ILE A CB  1 
ATOM   880  C  CG1 . ILE A 1 119 ? -1.671  3.498   -3.568  1.00 8.13  ? 119 ILE A CG1 1 
ATOM   881  C  CG2 . ILE A 1 119 ? -0.421  5.625   -3.325  1.00 8.13  ? 119 ILE A CG2 1 
ATOM   882  C  CD1 . ILE A 1 119 ? -0.652  2.466   -3.204  1.00 8.13  ? 119 ILE A CD1 1 
ATOM   883  N  N   . GLY A 1 120 ? -1.919  7.736   -5.599  1.00 8.31  ? 120 GLY A N   1 
ATOM   884  C  CA  . GLY A 1 120 ? -1.468  8.838   -6.428  1.00 8.31  ? 120 GLY A CA  1 
ATOM   885  C  C   . GLY A 1 120 ? 0.023   9.098   -6.382  1.00 8.31  ? 120 GLY A C   1 
ATOM   886  O  O   . GLY A 1 120 ? 0.679   8.842   -5.377  1.00 8.31  ? 120 GLY A O   1 
ATOM   887  N  N   . THR A 1 121 ? 0.561   9.616   -7.480  1.00 8.16  ? 121 THR A N   1 
ATOM   888  C  CA  . THR A 1 121 ? 1.978   9.915   -7.541  1.00 8.16  ? 121 THR A CA  1 
ATOM   889  C  C   . THR A 1 121 ? 2.375   10.627  -6.256  1.00 8.16  ? 121 THR A C   1 
ATOM   890  O  O   . THR A 1 121 ? 1.633   11.441  -5.721  1.00 8.16  ? 121 THR A O   1 
ATOM   891  C  CB  . THR A 1 121 ? 2.311   10.823  -8.753  1.00 8.16  ? 121 THR A CB  1 
ATOM   892  O  OG1 . THR A 1 121 ? 3.731   10.968  -8.888  1.00 8.16  ? 121 THR A OG1 1 
ATOM   893  C  CG2 . THR A 1 121 ? 1.701   12.189  -8.565  1.00 8.16  ? 121 THR A CG2 1 
ATOM   894  N  N   . GLU A 1 122 ? 3.542   10.275  -5.753  1.00 8.46  ? 122 GLU A N   1 
ATOM   895  C  CA  . GLU A 1 122 ? 4.105   10.870  -4.549  1.00 8.46  ? 122 GLU A CA  1 
ATOM   896  C  C   . GLU A 1 122 ? 3.355   10.819  -3.209  1.00 8.46  ? 122 GLU A C   1 
ATOM   897  O  O   . GLU A 1 122 ? 3.613   11.628  -2.318  1.00 8.46  ? 122 GLU A O   1 
ATOM   898  C  CB  . GLU A 1 122 ? 4.529   12.306  -4.862  1.00 8.46  ? 122 GLU A CB  1 
ATOM   899  C  CG  . GLU A 1 122 ? 5.836   12.341  -5.649  1.00 8.46  ? 122 GLU A CG  1 
ATOM   900  C  CD  . GLU A 1 122 ? 6.311   13.736  -5.966  1.00 8.46  ? 122 GLU A CD  1 
ATOM   901  O  OE1 . GLU A 1 122 ? 6.207   14.622  -5.088  1.00 8.46  ? 122 GLU A OE1 1 
ATOM   902  O  OE2 . GLU A 1 122 ? 6.793   13.936  -7.101  1.00 8.46  ? 122 GLU A OE2 1 
ATOM   903  N  N   . ALA A 1 123 ? 2.451   9.858   -3.050  1.00 15.21 ? 123 ALA A N   1 
ATOM   904  C  CA  . ALA A 1 123 ? 1.751   9.717   -1.781  1.00 15.21 ? 123 ALA A CA  1 
ATOM   905  C  C   . ALA A 1 123 ? 2.747   9.058   -0.835  1.00 15.21 ? 123 ALA A C   1 
ATOM   906  O  O   . ALA A 1 123 ? 3.626   8.320   -1.285  1.00 15.21 ? 123 ALA A O   1 
ATOM   907  C  CB  . ALA A 1 123 ? 0.552   8.833   -1.952  1.00 15.21 ? 123 ALA A CB  1 
ATOM   908  N  N   . MET A 1 124 ? 2.624   9.305   0.464   1.00 8.54  ? 124 MET A N   1 
ATOM   909  C  CA  . MET A 1 124 ? 3.549   8.712   1.423   1.00 8.54  ? 124 MET A CA  1 
ATOM   910  C  C   . MET A 1 124 ? 2.796   8.113   2.591   1.00 8.54  ? 124 MET A C   1 
ATOM   911  O  O   . MET A 1 124 ? 2.039   8.808   3.263   1.00 8.54  ? 124 MET A O   1 
ATOM   912  C  CB  . MET A 1 124 ? 4.522   9.775   1.937   1.00 8.54  ? 124 MET A CB  1 
ATOM   913  C  CG  . MET A 1 124 ? 5.430   9.299   3.057   1.00 8.54  ? 124 MET A CG  1 
ATOM   914  S  SD  . MET A 1 124 ? 6.620   10.556  3.568   1.00 8.54  ? 124 MET A SD  1 
ATOM   915  C  CE  . MET A 1 124 ? 7.992   10.179  2.501   1.00 8.54  ? 124 MET A CE  1 
ATOM   916  N  N   . PHE A 1 125 ? 3.008   6.825   2.837   1.00 10.26 ? 125 PHE A N   1 
ATOM   917  C  CA  . PHE A 1 125 ? 2.329   6.127   3.937   1.00 10.26 ? 125 PHE A CA  1 
ATOM   918  C  C   . PHE A 1 125 ? 3.225   5.960   5.149   1.00 10.26 ? 125 PHE A C   1 
ATOM   919  O  O   . PHE A 1 125 ? 4.367   5.529   5.021   1.00 10.26 ? 125 PHE A O   1 
ATOM   920  C  CB  . PHE A 1 125 ? 1.873   4.737   3.484   1.00 10.26 ? 125 PHE A CB  1 
ATOM   921  C  CG  . PHE A 1 125 ? 0.998   4.754   2.272   1.00 10.26 ? 125 PHE A CG  1 
ATOM   922  C  CD1 . PHE A 1 125 ? 1.553   4.839   0.999   1.00 10.26 ? 125 PHE A CD1 1 
ATOM   923  C  CD2 . PHE A 1 125 ? -0.386  4.694   2.402   1.00 10.26 ? 125 PHE A CD2 1 
ATOM   924  C  CE1 . PHE A 1 125 ? 0.736   4.865   -0.140  1.00 10.26 ? 125 PHE A CE1 1 
ATOM   925  C  CE2 . PHE A 1 125 ? -1.212  4.720   1.276   1.00 10.26 ? 125 PHE A CE2 1 
ATOM   926  C  CZ  . PHE A 1 125 ? -0.650  4.805   -0.002  1.00 10.26 ? 125 PHE A CZ  1 
ATOM   927  N  N   . MET A 1 126 ? 2.704   6.288   6.325   1.00 12.39 ? 126 MET A N   1 
ATOM   928  C  CA  . MET A 1 126 ? 3.470   6.152   7.557   1.00 12.39 ? 126 MET A CA  1 
ATOM   929  C  C   . MET A 1 126 ? 3.578   4.665   7.952   1.00 12.39 ? 126 MET A C   1 
ATOM   930  O  O   . MET A 1 126 ? 2.920   3.802   7.371   1.00 12.39 ? 126 MET A O   1 
ATOM   931  C  CB  . MET A 1 126 ? 2.810   6.967   8.671   1.00 12.39 ? 126 MET A CB  1 
ATOM   932  C  CG  . MET A 1 126 ? 3.026   8.467   8.559   1.00 12.39 ? 126 MET A CG  1 
ATOM   933  S  SD  . MET A 1 126 ? 4.769   8.929   8.642   1.00 12.39 ? 126 MET A SD  1 
ATOM   934  C  CE  . MET A 1 126 ? 5.255   8.770   6.930   1.00 12.39 ? 126 MET A CE  1 
ATOM   935  N  N   . PRO A 1 127 ? 4.417   4.344   8.944   1.00 14.66 ? 127 PRO A N   1 
ATOM   936  C  CA  . PRO A 1 127 ? 4.518   2.936   9.310   1.00 14.66 ? 127 PRO A CA  1 
ATOM   937  C  C   . PRO A 1 127 ? 3.240   2.416   9.938   1.00 14.66 ? 127 PRO A C   1 
ATOM   938  O  O   . PRO A 1 127 ? 2.522   3.159   10.609  1.00 14.66 ? 127 PRO A O   1 
ATOM   939  C  CB  . PRO A 1 127 ? 5.681   2.896   10.302  1.00 14.66 ? 127 PRO A CB  1 
ATOM   940  C  CG  . PRO A 1 127 ? 6.311   4.242   10.256  1.00 14.66 ? 127 PRO A CG  1 
ATOM   941  C  CD  . PRO A 1 127 ? 5.276   5.190   9.781   1.00 14.66 ? 127 PRO A CD  1 
ATOM   942  N  N   . GLY A 1 128 ? 2.959   1.138   9.698   1.00 19.25 ? 128 GLY A N   1 
ATOM   943  C  CA  . GLY A 1 128 ? 1.794   0.499   10.280  1.00 19.25 ? 128 GLY A CA  1 
ATOM   944  C  C   . GLY A 1 128 ? 0.389   0.795   9.790   1.00 19.25 ? 128 GLY A C   1 
ATOM   945  O  O   . GLY A 1 128 ? -0.549  0.182   10.285  1.00 19.25 ? 128 GLY A O   1 
ATOM   946  N  N   . VAL A 1 129 ? 0.206   1.712   8.845   1.00 8.06  ? 129 VAL A N   1 
ATOM   947  C  CA  . VAL A 1 129 ? -1.150  1.981   8.377   1.00 8.06  ? 129 VAL A CA  1 
ATOM   948  C  C   . VAL A 1 129 ? -1.656  0.830   7.520   1.00 8.06  ? 129 VAL A C   1 
ATOM   949  O  O   . VAL A 1 129 ? -0.877  0.074   6.930   1.00 8.06  ? 129 VAL A O   1 
ATOM   950  C  CB  . VAL A 1 129 ? -1.242  3.262   7.541   1.00 8.06  ? 129 VAL A CB  1 
ATOM   951  C  CG1 . VAL A 1 129 ? -0.796  4.459   8.358   1.00 8.06  ? 129 VAL A CG1 1 
ATOM   952  C  CG2 . VAL A 1 129 ? -0.411  3.109   6.298   1.00 8.06  ? 129 VAL A CG2 1 
ATOM   953  N  N   . ARG A 1 130 ? -2.976  0.712   7.456   1.00 10.11 ? 130 ARG A N   1 
ATOM   954  C  CA  . ARG A 1 130 ? -3.630  -0.329  6.685   1.00 10.11 ? 130 ARG A CA  1 
ATOM   955  C  C   . ARG A 1 130 ? -4.660  0.335   5.779   1.00 10.11 ? 130 ARG A C   1 
ATOM   956  O  O   . ARG A 1 130 ? -5.615  0.937   6.250   1.00 10.11 ? 130 ARG A O   1 
ATOM   957  C  CB  . ARG A 1 130 ? -4.296  -1.309  7.631   1.00 10.11 ? 130 ARG A CB  1 
ATOM   958  N  N   . VAL A 1 131 ? -4.446  0.241   4.477   1.00 9.27  ? 131 VAL A N   1 
ATOM   959  C  CA  . VAL A 1 131 ? -5.352  0.838   3.502   1.00 9.27  ? 131 VAL A CA  1 
ATOM   960  C  C   . VAL A 1 131 ? -6.352  -0.209  3.027   1.00 9.27  ? 131 VAL A C   1 
ATOM   961  O  O   . VAL A 1 131 ? -5.964  -1.265  2.531   1.00 9.27  ? 131 VAL A O   1 
ATOM   962  C  CB  . VAL A 1 131 ? -4.563  1.378   2.279   1.00 9.27  ? 131 VAL A CB  1 
ATOM   963  C  CG1 . VAL A 1 131 ? -5.518  1.915   1.236   1.00 9.27  ? 131 VAL A CG1 1 
ATOM   964  C  CG2 . VAL A 1 131 ? -3.599  2.463   2.720   1.00 9.27  ? 131 VAL A CG2 1 
ATOM   965  N  N   . GLY A 1 132 ? -7.638  0.091   3.178   1.00 8.44  ? 132 GLY A N   1 
ATOM   966  C  CA  . GLY A 1 132 ? -8.676  -0.843  2.769   1.00 8.44  ? 132 GLY A CA  1 
ATOM   967  C  C   . GLY A 1 132 ? -8.844  -0.989  1.268   1.00 8.44  ? 132 GLY A C   1 
ATOM   968  O  O   . GLY A 1 132 ? -8.373  -0.153  0.487   1.00 8.44  ? 132 GLY A O   1 
ATOM   969  N  N   . HIS A 1 133 ? -9.530  -2.055  0.866   1.00 8.00  ? 133 HIS A N   1 
ATOM   970  C  CA  . HIS A 1 133 ? -9.772  -2.332  -0.543  1.00 8.00  ? 133 HIS A CA  1 
ATOM   971  C  C   . HIS A 1 133 ? -10.443 -1.196  -1.255  1.00 8.00  ? 133 HIS A C   1 
ATOM   972  O  O   . HIS A 1 133 ? -11.247 -0.474  -0.681  1.00 8.00  ? 133 HIS A O   1 
ATOM   973  C  CB  . HIS A 1 133 ? -10.648 -3.559  -0.703  1.00 8.00  ? 133 HIS A CB  1 
ATOM   974  C  CG  . HIS A 1 133 ? -10.057 -4.793  -0.110  1.00 8.00  ? 133 HIS A CG  1 
ATOM   975  N  ND1 . HIS A 1 133 ? -10.395 -5.250  1.146   1.00 8.00  ? 133 HIS A ND1 1 
ATOM   976  C  CD2 . HIS A 1 133 ? -9.137  -5.656  -0.593  1.00 8.00  ? 133 HIS A CD2 1 
ATOM   977  C  CE1 . HIS A 1 133 ? -9.707  -6.345  1.410   1.00 8.00  ? 133 HIS A CE1 1 
ATOM   978  N  NE2 . HIS A 1 133 ? -8.936  -6.614  0.371   1.00 8.00  ? 133 HIS A NE2 1 
ATOM   979  N  N   . GLY A 1 134 ? -10.099 -1.053  -2.523  1.00 16.69 ? 134 GLY A N   1 
ATOM   980  C  CA  . GLY A 1 134 ? -10.696 -0.019  -3.343  1.00 16.69 ? 134 GLY A CA  1 
ATOM   981  C  C   . GLY A 1 134 ? -10.402 1.422   -2.993  1.00 16.69 ? 134 GLY A C   1 
ATOM   982  O  O   . GLY A 1 134 ? -10.677 2.306   -3.804  1.00 16.69 ? 134 GLY A O   1 
ATOM   983  N  N   . ALA A 1 135 ? -9.848  1.673   -1.811  1.00 8.23  ? 135 ALA A N   1 
ATOM   984  C  CA  . ALA A 1 135 ? -9.539  3.042   -1.406  1.00 8.23  ? 135 ALA A CA  1 
ATOM   985  C  C   . ALA A 1 135 ? -8.786  3.787   -2.506  1.00 8.23  ? 135 ALA A C   1 
ATOM   986  O  O   . ALA A 1 135 ? -8.186  3.174   -3.381  1.00 8.23  ? 135 ALA A O   1 
ATOM   987  C  CB  . ALA A 1 135 ? -8.715  3.030   -0.147  1.00 8.23  ? 135 ALA A CB  1 
ATOM   988  N  N   . ILE A 1 136 ? -8.841  5.109   -2.489  1.00 9.30  ? 136 ILE A N   1 
ATOM   989  C  CA  . ILE A 1 136 ? -8.104  5.871   -3.480  1.00 9.30  ? 136 ILE A CA  1 
ATOM   990  C  C   . ILE A 1 136 ? -7.267  6.800   -2.642  1.00 9.30  ? 136 ILE A C   1 
ATOM   991  O  O   . ILE A 1 136 ? -7.791  7.480   -1.765  1.00 9.30  ? 136 ILE A O   1 
ATOM   992  C  CB  . ILE A 1 136 ? -9.013  6.723   -4.373  1.00 9.30  ? 136 ILE A CB  1 
ATOM   993  C  CG1 . ILE A 1 136 ? -9.738  5.843   -5.384  1.00 9.30  ? 136 ILE A CG1 1 
ATOM   994  C  CG2 . ILE A 1 136 ? -8.178  7.750   -5.124  1.00 9.30  ? 136 ILE A CG2 1 
ATOM   995  C  CD1 . ILE A 1 136 ? -10.403 6.630   -6.505  1.00 9.30  ? 136 ILE A CD1 1 
ATOM   996  N  N   . ILE A 1 137 ? -5.965  6.820   -2.878  1.00 9.16  ? 137 ILE A N   1 
ATOM   997  C  CA  . ILE A 1 137 ? -5.104  7.703   -2.115  1.00 9.16  ? 137 ILE A CA  1 
ATOM   998  C  C   . ILE A 1 137 ? -4.697  8.873   -3.005  1.00 9.16  ? 137 ILE A C   1 
ATOM   999  O  O   . ILE A 1 137 ? -4.003  8.694   -4.006  1.00 9.16  ? 137 ILE A O   1 
ATOM   1000 C  CB  . ILE A 1 137 ? -3.859  6.955   -1.613  1.00 9.16  ? 137 ILE A CB  1 
ATOM   1001 C  CG1 . ILE A 1 137 ? -4.273  5.629   -0.975  1.00 9.16  ? 137 ILE A CG1 1 
ATOM   1002 C  CG2 . ILE A 1 137 ? -3.126  7.805   -0.590  1.00 9.16  ? 137 ILE A CG2 1 
ATOM   1003 C  CD1 . ILE A 1 137 ? -5.112  5.780   0.262   1.00 9.16  ? 137 ILE A CD1 1 
ATOM   1004 N  N   . GLY A 1 138 ? -5.150  10.069  -2.646  1.00 8.00  ? 138 GLY A N   1 
ATOM   1005 C  CA  . GLY A 1 138 ? -4.836  11.247  -3.432  1.00 8.00  ? 138 GLY A CA  1 
ATOM   1006 C  C   . GLY A 1 138 ? -3.354  11.494  -3.594  1.00 8.00  ? 138 GLY A C   1 
ATOM   1007 O  O   . GLY A 1 138 ? -2.565  11.053  -2.764  1.00 8.00  ? 138 GLY A O   1 
ATOM   1008 N  N   . SER A 1 139 ? -2.966  12.197  -4.654  1.00 10.75 ? 139 SER A N   1 
ATOM   1009 C  CA  . SER A 1 139 ? -1.553  12.476  -4.876  1.00 10.75 ? 139 SER A CA  1 
ATOM   1010 C  C   . SER A 1 139 ? -1.015  13.328  -3.741  1.00 10.75 ? 139 SER A C   1 
ATOM   1011 O  O   . SER A 1 139 ? -1.692  14.223  -3.231  1.00 10.75 ? 139 SER A O   1 
ATOM   1012 C  CB  . SER A 1 139 ? -1.321  13.210  -6.200  1.00 10.75 ? 139 SER A CB  1 
ATOM   1013 O  OG  . SER A 1 139 ? -2.333  12.920  -7.144  1.00 10.75 ? 139 SER A OG  1 
ATOM   1014 N  N   . ARG A 1 140 ? 0.211   13.030  -3.339  1.00 9.72  ? 140 ARG A N   1 
ATOM   1015 C  CA  . ARG A 1 140 ? 0.871   13.764  -2.273  1.00 9.72  ? 140 ARG A CA  1 
ATOM   1016 C  C   . ARG A 1 140 ? 0.211   13.590  -0.900  1.00 9.72  ? 140 ARG A C   1 
ATOM   1017 O  O   . ARG A 1 140 ? 0.659   14.159  0.099   1.00 9.72  ? 140 ARG A O   1 
ATOM   1018 C  CB  . ARG A 1 140 ? 0.954   15.244  -2.654  1.00 9.72  ? 140 ARG A CB  1 
ATOM   1019 C  CG  . ARG A 1 140 ? 2.077   15.556  -3.641  1.00 9.72  ? 140 ARG A CG  1 
ATOM   1020 C  CD  . ARG A 1 140 ? 3.456   15.569  -2.965  1.00 9.72  ? 140 ARG A CD  1 
ATOM   1021 N  NE  . ARG A 1 140 ? 4.478   16.143  -3.830  1.00 9.72  ? 140 ARG A NE  1 
ATOM   1022 C  CZ  . ARG A 1 140 ? 4.640   17.446  -3.987  1.00 9.72  ? 140 ARG A CZ  1 
ATOM   1023 N  NH1 . ARG A 1 140 ? 3.848   18.276  -3.316  1.00 9.72  ? 140 ARG A NH1 1 
ATOM   1024 N  NH2 . ARG A 1 140 ? 5.561   17.908  -4.826  1.00 9.72  ? 140 ARG A NH2 1 
ATOM   1025 N  N   . ALA A 1 141 ? -0.842  12.786  -0.840  1.00 10.48 ? 141 ALA A N   1 
ATOM   1026 C  CA  . ALA A 1 141 ? -1.517  12.550  0.428   1.00 10.48 ? 141 ALA A CA  1 
ATOM   1027 C  C   . ALA A 1 141 ? -0.562  11.880  1.414   1.00 10.48 ? 141 ALA A C   1 
ATOM   1028 O  O   . ALA A 1 141 ? 0.145   10.953  1.047   1.00 10.48 ? 141 ALA A O   1 
ATOM   1029 C  CB  . ALA A 1 141 ? -2.721  11.663  0.210   1.00 10.48 ? 141 ALA A CB  1 
ATOM   1030 N  N   . LEU A 1 142 ? -0.527  12.358  2.655   1.00 8.00  ? 142 LEU A N   1 
ATOM   1031 C  CA  . LEU A 1 142 ? 0.313   11.745  3.679   1.00 8.00  ? 142 LEU A CA  1 
ATOM   1032 C  C   . LEU A 1 142 ? -0.594  10.951  4.620   1.00 8.00  ? 142 LEU A C   1 
ATOM   1033 O  O   . LEU A 1 142 ? -1.267  11.516  5.475   1.00 8.00  ? 142 LEU A O   1 
ATOM   1034 C  CB  . LEU A 1 142 ? 1.072   12.801  4.472   1.00 8.00  ? 142 LEU A CB  1 
ATOM   1035 C  CG  . LEU A 1 142 ? 2.031   12.172  5.489   1.00 8.00  ? 142 LEU A CG  1 
ATOM   1036 C  CD1 . LEU A 1 142 ? 3.386   11.958  4.824   1.00 8.00  ? 142 LEU A CD1 1 
ATOM   1037 C  CD2 . LEU A 1 142 ? 2.163   13.046  6.733   1.00 8.00  ? 142 LEU A CD2 1 
ATOM   1038 N  N   . VAL A 1 143 ? -0.596  9.636   4.450   1.00 10.18 ? 143 VAL A N   1 
ATOM   1039 C  CA  . VAL A 1 143 ? -1.432  8.747   5.238   1.00 10.18 ? 143 VAL A CA  1 
ATOM   1040 C  C   . VAL A 1 143 ? -0.886  8.434   6.628   1.00 10.18 ? 143 VAL A C   1 
ATOM   1041 O  O   . VAL A 1 143 ? 0.080   7.695   6.758   1.00 10.18 ? 143 VAL A O   1 
ATOM   1042 C  CB  . VAL A 1 143 ? -1.646  7.426   4.479   1.00 10.18 ? 143 VAL A CB  1 
ATOM   1043 C  CG1 . VAL A 1 143 ? -2.675  6.563   5.184   1.00 10.18 ? 143 VAL A CG1 1 
ATOM   1044 C  CG2 . VAL A 1 143 ? -2.099  7.722   3.077   1.00 10.18 ? 143 VAL A CG2 1 
ATOM   1045 N  N   . THR A 1 144 ? -1.524  8.978   7.662   1.00 20.14 ? 144 THR A N   1 
ATOM   1046 C  CA  . THR A 1 144 ? -1.103  8.756   9.046   1.00 20.14 ? 144 THR A CA  1 
ATOM   1047 C  C   . THR A 1 144 ? -1.876  7.661   9.761   1.00 20.14 ? 144 THR A C   1 
ATOM   1048 O  O   . THR A 1 144 ? -1.634  7.414   10.937  1.00 20.14 ? 144 THR A O   1 
ATOM   1049 C  CB  . THR A 1 144 ? -1.293  9.998   9.901   1.00 20.14 ? 144 THR A CB  1 
ATOM   1050 O  OG1 . THR A 1 144 ? -2.559  10.592  9.583   1.00 20.14 ? 144 THR A OG1 1 
ATOM   1051 C  CG2 . THR A 1 144 ? -0.181  10.985  9.663   1.00 20.14 ? 144 THR A CG2 1 
ATOM   1052 N  N   . GLY A 1 145 ? -2.814  7.017   9.076   1.00 28.94 ? 145 GLY A N   1 
ATOM   1053 C  CA  . GLY A 1 145 ? -3.590  5.978   9.725   1.00 28.94 ? 145 GLY A CA  1 
ATOM   1054 C  C   . GLY A 1 145 ? -4.344  5.083   8.773   1.00 28.94 ? 145 GLY A C   1 
ATOM   1055 O  O   . GLY A 1 145 ? -4.146  5.131   7.563   1.00 28.94 ? 145 GLY A O   1 
ATOM   1056 N  N   . ASP A 1 146 ? -5.219  4.259   9.326   1.00 25.12 ? 146 ASP A N   1 
ATOM   1057 C  CA  . ASP A 1 146 ? -6.001  3.345   8.523   1.00 25.12 ? 146 ASP A CA  1 
ATOM   1058 C  C   . ASP A 1 146 ? -6.979  4.083   7.645   1.00 25.12 ? 146 ASP A C   1 
ATOM   1059 O  O   . ASP A 1 146 ? -7.451  5.158   7.998   1.00 25.12 ? 146 ASP A O   1 
ATOM   1060 C  CB  . ASP A 1 146 ? -6.767  2.394   9.420   1.00 25.12 ? 146 ASP A CB  1 
ATOM   1061 C  CG  . ASP A 1 146 ? -5.866  1.418   10.111  1.00 25.12 ? 146 ASP A CG  1 
ATOM   1062 O  OD1 . ASP A 1 146 ? -4.716  1.268   9.649   1.00 25.12 ? 146 ASP A OD1 1 
ATOM   1063 O  OD2 . ASP A 1 146 ? -6.302  0.804   11.111  1.00 25.12 ? 146 ASP A OD2 1 
ATOM   1064 N  N   . VAL A 1 147 ? -7.279  3.486   6.497   1.00 8.50  ? 147 VAL A N   1 
ATOM   1065 C  CA  . VAL A 1 147 ? -8.221  4.048   5.540   1.00 8.50  ? 147 VAL A CA  1 
ATOM   1066 C  C   . VAL A 1 147 ? -9.346  3.046   5.341   1.00 8.50  ? 147 VAL A C   1 
ATOM   1067 O  O   . VAL A 1 147 ? -9.116  1.840   5.362   1.00 8.50  ? 147 VAL A O   1 
ATOM   1068 C  CB  . VAL A 1 147 ? -7.562  4.298   4.167   1.00 8.50  ? 147 VAL A CB  1 
ATOM   1069 C  CG1 . VAL A 1 147 ? -8.538  5.021   3.251   1.00 8.50  ? 147 VAL A CG1 1 
ATOM   1070 C  CG2 . VAL A 1 147 ? -6.285  5.109   4.331   1.00 8.50  ? 147 VAL A CG2 1 
ATOM   1071 N  N   . GLU A 1 148 ? -10.560 3.533   5.138   1.00 32.52 ? 148 GLU A N   1 
ATOM   1072 C  CA  . GLU A 1 148 ? -11.685 2.629   4.951   1.00 32.52 ? 148 GLU A CA  1 
ATOM   1073 C  C   . GLU A 1 148 ? -11.839 2.139   3.524   1.00 32.52 ? 148 GLU A C   1 
ATOM   1074 O  O   . GLU A 1 148 ? -11.513 2.841   2.566   1.00 32.52 ? 148 GLU A O   1 
ATOM   1075 C  CB  . GLU A 1 148 ? -12.974 3.313   5.350   1.00 32.52 ? 148 GLU A CB  1 
ATOM   1076 C  CG  . GLU A 1 148 ? -13.190 3.408   6.824   1.00 32.52 ? 148 GLU A CG  1 
ATOM   1077 C  CD  . GLU A 1 148 ? -14.621 3.785   7.155   1.00 32.52 ? 148 GLU A CD  1 
ATOM   1078 O  OE1 . GLU A 1 148 ? -15.006 4.963   6.933   1.00 32.52 ? 148 GLU A OE1 1 
ATOM   1079 O  OE2 . GLU A 1 148 ? -15.357 2.891   7.632   1.00 32.52 ? 148 GLU A OE2 1 
ATOM   1080 N  N   . PRO A 1 149 ? -12.366 0.916   3.362   1.00 8.28  ? 149 PRO A N   1 
ATOM   1081 C  CA  . PRO A 1 149 ? -12.544 0.391   2.005   1.00 8.28  ? 149 PRO A CA  1 
ATOM   1082 C  C   . PRO A 1 149 ? -13.359 1.365   1.185   1.00 8.28  ? 149 PRO A C   1 
ATOM   1083 O  O   . PRO A 1 149 ? -14.366 1.903   1.639   1.00 8.28  ? 149 PRO A O   1 
ATOM   1084 C  CB  . PRO A 1 149 ? -13.308 -0.919  2.207   1.00 8.28  ? 149 PRO A CB  1 
ATOM   1085 C  CG  . PRO A 1 149 ? -13.136 -1.274  3.616   1.00 8.28  ? 149 PRO A CG  1 
ATOM   1086 C  CD  . PRO A 1 149 ? -12.812 -0.024  4.397   1.00 8.28  ? 149 PRO A CD  1 
ATOM   1087 N  N   . TYR A 1 150 ? -12.903 1.608   -0.026  1.00 11.55 ? 150 TYR A N   1 
ATOM   1088 C  CA  . TYR A 1 150 ? -13.619 2.497   -0.914  1.00 11.55 ? 150 TYR A CA  1 
ATOM   1089 C  C   . TYR A 1 150 ? -13.623 3.959   -0.505  1.00 11.55 ? 150 TYR A C   1 
ATOM   1090 O  O   . TYR A 1 150 ? -14.355 4.767   -1.080  1.00 11.55 ? 150 TYR A O   1 
ATOM   1091 C  CB  . TYR A 1 150 ? -15.034 1.965   -1.081  1.00 11.55 ? 150 TYR A CB  1 
ATOM   1092 C  CG  . TYR A 1 150 ? -15.011 0.666   -1.828  1.00 11.55 ? 150 TYR A CG  1 
ATOM   1093 C  CD1 . TYR A 1 150 ? -14.866 0.660   -3.219  1.00 11.55 ? 150 TYR A CD1 1 
ATOM   1094 C  CD2 . TYR A 1 150 ? -15.049 -0.555  -1.156  1.00 11.55 ? 150 TYR A CD2 1 
ATOM   1095 C  CE1 . TYR A 1 150 ? -14.754 -0.527  -3.929  1.00 11.55 ? 150 TYR A CE1 1 
ATOM   1096 C  CE2 . TYR A 1 150 ? -14.936 -1.758  -1.857  1.00 11.55 ? 150 TYR A CE2 1 
ATOM   1097 C  CZ  . TYR A 1 150 ? -14.788 -1.731  -3.247  1.00 11.55 ? 150 TYR A CZ  1 
ATOM   1098 O  OH  . TYR A 1 150 ? -14.673 -2.888  -3.982  1.00 11.55 ? 150 TYR A OH  1 
ATOM   1099 N  N   . ALA A 1 151 ? -12.791 4.299   0.475   1.00 9.24  ? 151 ALA A N   1 
ATOM   1100 C  CA  . ALA A 1 151 ? -12.678 5.681   0.922   1.00 9.24  ? 151 ALA A CA  1 
ATOM   1101 C  C   . ALA A 1 151 ? -11.705 6.441   0.016   1.00 9.24  ? 151 ALA A C   1 
ATOM   1102 O  O   . ALA A 1 151 ? -10.779 5.861   -0.561  1.00 9.24  ? 151 ALA A O   1 
ATOM   1103 C  CB  . ALA A 1 151 ? -12.191 5.727   2.356   1.00 9.24  ? 151 ALA A CB  1 
ATOM   1104 N  N   . ILE A 1 152 ? -11.923 7.742   -0.116  1.00 10.74 ? 152 ILE A N   1 
ATOM   1105 C  CA  . ILE A 1 152 ? -11.057 8.579   -0.937  1.00 10.74 ? 152 ILE A CA  1 
ATOM   1106 C  C   . ILE A 1 152 ? -10.357 9.537   0.011   1.00 10.74 ? 152 ILE A C   1 
ATOM   1107 O  O   . ILE A 1 152 ? -11.000 10.396  0.607   1.00 10.74 ? 152 ILE A O   1 
ATOM   1108 C  CB  . ILE A 1 152 ? -11.865 9.399   -1.955  1.00 10.74 ? 152 ILE A CB  1 
ATOM   1109 C  CG1 . ILE A 1 152 ? -12.388 8.484   -3.056  1.00 10.74 ? 152 ILE A CG1 1 
ATOM   1110 C  CG2 . ILE A 1 152 ? -11.001 10.502  -2.539  1.00 10.74 ? 152 ILE A CG2 1 
ATOM   1111 C  CD1 . ILE A 1 152 ? -13.078 9.219   -4.167  1.00 10.74 ? 152 ILE A CD1 1 
ATOM   1112 N  N   . VAL A 1 153 ? -9.047  9.394   0.156   1.00 9.36  ? 153 VAL A N   1 
ATOM   1113 C  CA  . VAL A 1 153 ? -8.321  10.263  1.060   1.00 9.36  ? 153 VAL A CA  1 
ATOM   1114 C  C   . VAL A 1 153 ? -7.326  11.166  0.368   1.00 9.36  ? 153 VAL A C   1 
ATOM   1115 O  O   . VAL A 1 153 ? -6.905  10.921  -0.757  1.00 9.36  ? 153 VAL A O   1 
ATOM   1116 C  CB  . VAL A 1 153 ? -7.609  9.437   2.161   1.00 9.36  ? 153 VAL A CB  1 
ATOM   1117 C  CG1 . VAL A 1 153 ? -8.556  8.381   2.677   1.00 9.36  ? 153 VAL A CG1 1 
ATOM   1118 C  CG2 . VAL A 1 153 ? -6.361  8.794   1.622   1.00 9.36  ? 153 VAL A CG2 1 
ATOM   1119 N  N   . GLY A 1 154 ? -6.979  12.244  1.048   1.00 9.33  ? 154 GLY A N   1 
ATOM   1120 C  CA  . GLY A 1 154 ? -6.011  13.156  0.488   1.00 9.33  ? 154 GLY A CA  1 
ATOM   1121 C  C   . GLY A 1 154 ? -5.654  14.251  1.449   1.00 9.33  ? 154 GLY A C   1 
ATOM   1122 O  O   . GLY A 1 154 ? -6.461  14.613  2.317   1.00 9.33  ? 154 GLY A O   1 
ATOM   1123 N  N   . GLY A 1 155 ? -4.459  14.804  1.306   1.00 14.66 ? 155 GLY A N   1 
ATOM   1124 C  CA  . GLY A 1 155 ? -4.055  15.871  2.182   1.00 14.66 ? 155 GLY A CA  1 
ATOM   1125 C  C   . GLY A 1 155 ? -2.965  15.490  3.139   1.00 14.66 ? 155 GLY A C   1 
ATOM   1126 O  O   . GLY A 1 155 ? -2.683  14.321  3.362   1.00 14.66 ? 155 GLY A O   1 
ATOM   1127 N  N   . ASN A 1 156 ? -2.358  16.511  3.711   1.00 15.22 ? 156 ASN A N   1 
ATOM   1128 C  CA  . ASN A 1 156 ? -1.285  16.339  4.653   1.00 15.22 ? 156 ASN A CA  1 
ATOM   1129 C  C   . ASN A 1 156 ? -1.738  16.980  5.937   1.00 15.22 ? 156 ASN A C   1 
ATOM   1130 O  O   . ASN A 1 156 ? -1.656  18.189  6.073   1.00 15.22 ? 156 ASN A O   1 
ATOM   1131 C  CB  . ASN A 1 156 ? -0.059  17.064  4.141   1.00 15.22 ? 156 ASN A CB  1 
ATOM   1132 C  CG  . ASN A 1 156 ? 1.182   16.637  4.833   1.00 15.22 ? 156 ASN A CG  1 
ATOM   1133 O  OD1 . ASN A 1 156 ? 1.126   16.122  5.944   1.00 15.22 ? 156 ASN A OD1 1 
ATOM   1134 N  ND2 . ASN A 1 156 ? 2.328   16.844  4.185   1.00 15.22 ? 156 ASN A ND2 1 
ATOM   1135 N  N   . PRO A 1 157 ? -2.258  16.199  6.888   1.00 15.09 ? 157 PRO A N   1 
ATOM   1136 C  CA  . PRO A 1 157 ? -2.450  14.751  6.896   1.00 15.09 ? 157 PRO A CA  1 
ATOM   1137 C  C   . PRO A 1 157 ? -3.650  14.339  6.035   1.00 15.09 ? 157 PRO A C   1 
ATOM   1138 O  O   . PRO A 1 157 ? -4.589  15.097  5.864   1.00 15.09 ? 157 PRO A O   1 
ATOM   1139 C  CB  . PRO A 1 157 ? -2.692  14.432  8.371   1.00 15.09 ? 157 PRO A CB  1 
ATOM   1140 C  CG  . PRO A 1 157 ? -2.450  15.714  9.106   1.00 15.09 ? 157 PRO A CG  1 
ATOM   1141 C  CD  . PRO A 1 157 ? -2.744  16.787  8.138   1.00 15.09 ? 157 PRO A CD  1 
ATOM   1142 N  N   . ALA A 1 158 ? -3.585  13.110  5.522   1.00 15.21 ? 158 ALA A N   1 
ATOM   1143 C  CA  . ALA A 1 158 ? -4.658  12.597  4.680   1.00 15.21 ? 158 ALA A CA  1 
ATOM   1144 C  C   . ALA A 1 158 ? -5.975  12.459  5.406   1.00 15.21 ? 158 ALA A C   1 
ATOM   1145 O  O   . ALA A 1 158 ? -6.047  11.966  6.536   1.00 15.21 ? 158 ALA A O   1 
ATOM   1146 C  CB  . ALA A 1 158 ? -4.221  11.258  4.088   1.00 15.21 ? 158 ALA A CB  1 
ATOM   1147 N  N   . ARG A 1 159 ? -7.041  12.913  4.703   1.00 40.62 ? 159 ARG A N   1 
ATOM   1148 C  CA  . ARG A 1 159 ? -8.446  12.907  5.116   1.00 40.62 ? 159 ARG A CA  1 
ATOM   1149 C  C   . ARG A 1 159 ? -9.377  12.155  4.149   1.00 40.62 ? 159 ARG A C   1 
ATOM   1150 O  O   . ARG A 1 159 ? -9.086  12.058  2.966   1.00 40.62 ? 159 ARG A O   1 
ATOM   1151 C  CB  . ARG A 1 159 ? -8.974  14.343  5.080   1.00 40.62 ? 159 ARG A CB  1 
ATOM   1152 C  CG  . ARG A 1 159 ? -8.800  15.117  6.321   1.00 40.62 ? 159 ARG A CG  1 
ATOM   1153 C  CD  . ARG A 1 159 ? -8.597  14.179  7.473   1.00 40.62 ? 159 ARG A CD  1 
ATOM   1154 N  NE  . ARG A 1 159 ? -8.062  14.899  8.613   1.00 40.62 ? 159 ARG A NE  1 
ATOM   1155 C  CZ  . ARG A 1 159 ? -7.450  14.332  9.651   1.00 40.62 ? 159 ARG A CZ  1 
ATOM   1156 N  NH1 . ARG A 1 159 ? -7.274  13.013  9.703   1.00 40.62 ? 159 ARG A NH1 1 
ATOM   1157 N  NH2 . ARG A 1 159 ? -6.987  15.097  10.631  1.00 40.62 ? 159 ARG A NH2 1 
ATOM   1158 N  N   . THR A 1 160 ? -10.518 11.684  4.632   1.00 17.41 ? 160 THR A N   1 
ATOM   1159 C  CA  . THR A 1 160 ? -11.454 11.001  3.739   1.00 17.41 ? 160 THR A CA  1 
ATOM   1160 C  C   . THR A 1 160 ? -12.249 12.115  3.093   1.00 17.41 ? 160 THR A C   1 
ATOM   1161 O  O   . THR A 1 160 ? -12.801 12.956  3.786   1.00 17.41 ? 160 THR A O   1 
ATOM   1162 C  CB  . THR A 1 160 ? -12.444 10.123  4.489   1.00 17.41 ? 160 THR A CB  1 
ATOM   1163 O  OG1 . THR A 1 160 ? -11.798 8.905   4.889   1.00 17.41 ? 160 THR A OG1 1 
ATOM   1164 C  CG2 . THR A 1 160 ? -13.635 9.806   3.598   1.00 17.41 ? 160 THR A CG2 1 
ATOM   1165 N  N   . ILE A 1 161 ? -12.291 12.137  1.774   1.00 16.20 ? 161 ILE A N   1 
ATOM   1166 C  CA  . ILE A 1 161 ? -13.020 13.171  1.078   1.00 16.20 ? 161 ILE A CA  1 
ATOM   1167 C  C   . ILE A 1 161 ? -14.420 12.657  0.876   1.00 16.20 ? 161 ILE A C   1 
ATOM   1168 O  O   . ILE A 1 161 ? -15.374 13.424  0.866   1.00 16.20 ? 161 ILE A O   1 
ATOM   1169 C  CB  . ILE A 1 161 ? -12.397 13.458  -0.279  1.00 16.20 ? 161 ILE A CB  1 
ATOM   1170 C  CG1 . ILE A 1 161 ? -10.936 13.852  -0.093  1.00 16.20 ? 161 ILE A CG1 1 
ATOM   1171 C  CG2 . ILE A 1 161 ? -13.165 14.554  -0.981  1.00 16.20 ? 161 ILE A CG2 1 
ATOM   1172 C  CD1 . ILE A 1 161 ? -10.183 14.058  -1.391  1.00 16.20 ? 161 ILE A CD1 1 
ATOM   1173 N  N   . ARG A 1 162 ? -14.528 11.342  0.728   1.00 22.18 ? 162 ARG A N   1 
ATOM   1174 C  CA  . ARG A 1 162 ? -15.804 10.677  0.520   1.00 22.18 ? 162 ARG A CA  1 
ATOM   1175 C  C   . ARG A 1 162 ? -15.529 9.241   0.150   1.00 22.18 ? 162 ARG A C   1 
ATOM   1176 O  O   . ARG A 1 162 ? -14.384 8.862   -0.058  1.00 22.18 ? 162 ARG A O   1 
ATOM   1177 C  CB  . ARG A 1 162 ? -16.549 11.325  -0.622  1.00 22.18 ? 162 ARG A CB  1 
ATOM   1178 C  CG  . ARG A 1 162 ? -15.665 11.566  -1.790  1.00 22.18 ? 162 ARG A CG  1 
ATOM   1179 C  CD  . ARG A 1 162 ? -16.427 12.250  -2.873  1.00 22.18 ? 162 ARG A CD  1 
ATOM   1180 N  NE  . ARG A 1 162 ? -16.779 11.320  -3.937  1.00 22.18 ? 162 ARG A NE  1 
ATOM   1181 C  CZ  . ARG A 1 162 ? -16.179 11.298  -5.125  1.00 22.18 ? 162 ARG A CZ  1 
ATOM   1182 N  NH1 . ARG A 1 162 ? -15.201 12.169  -5.383  1.00 22.18 ? 162 ARG A NH1 1 
ATOM   1183 N  NH2 . ARG A 1 162 ? -16.563 10.417  -6.053  1.00 22.18 ? 162 ARG A NH2 1 
ATOM   1184 N  N   . LYS A 1 163 ? -16.580 8.441   0.063   1.00 9.35  ? 163 LYS A N   1 
ATOM   1185 C  CA  . LYS A 1 163 ? -16.410 7.053   -0.304  1.00 9.35  ? 163 LYS A CA  1 
ATOM   1186 C  C   . LYS A 1 163 ? -16.871 6.888   -1.750  1.00 9.35  ? 163 LYS A C   1 
ATOM   1187 O  O   . LYS A 1 163 ? -17.738 7.618   -2.226  1.00 9.35  ? 163 LYS A O   1 
ATOM   1188 C  CB  . LYS A 1 163 ? -17.205 6.153   0.642   1.00 9.35  ? 163 LYS A CB  1 
ATOM   1189 C  CG  . LYS A 1 163 ? -16.412 5.684   1.861   1.00 9.35  ? 163 LYS A CG  1 
ATOM   1190 C  CD  . LYS A 1 163 ? -17.314 5.534   3.098   1.00 9.35  ? 163 LYS A CD  1 
ATOM   1191 C  CE  . LYS A 1 163 ? -16.640 4.725   4.219   1.00 9.35  ? 163 LYS A CE  1 
ATOM   1192 N  NZ  . LYS A 1 163 ? -16.446 3.261   3.871   1.00 9.35  ? 163 LYS A NZ  1 
ATOM   1193 N  N   . ARG A 1 164 ? -16.265 5.937   -2.449  1.00 8.29  ? 164 ARG A N   1 
ATOM   1194 C  CA  . ARG A 1 164 ? -16.583 5.694   -3.841  1.00 8.29  ? 164 ARG A CA  1 
ATOM   1195 C  C   . ARG A 1 164 ? -18.024 5.281   -4.103  1.00 8.29  ? 164 ARG A C   1 
ATOM   1196 O  O   . ARG A 1 164 ? -18.628 5.758   -5.060  1.00 8.29  ? 164 ARG A O   1 
ATOM   1197 C  CB  . ARG A 1 164 ? -15.651 4.630   -4.412  1.00 8.29  ? 164 ARG A CB  1 
ATOM   1198 C  CG  . ARG A 1 164 ? -14.300 5.151   -4.820  1.00 8.29  ? 164 ARG A CG  1 
ATOM   1199 C  CD  . ARG A 1 164 ? -13.368 4.005   -5.123  1.00 8.29  ? 164 ARG A CD  1 
ATOM   1200 N  NE  . ARG A 1 164 ? -13.770 3.264   -6.311  1.00 8.29  ? 164 ARG A NE  1 
ATOM   1201 C  CZ  . ARG A 1 164 ? -13.401 2.015   -6.563  1.00 8.29  ? 164 ARG A CZ  1 
ATOM   1202 N  NH1 . ARG A 1 164 ? -12.615 1.364   -5.717  1.00 8.29  ? 164 ARG A NH1 1 
ATOM   1203 N  NH2 . ARG A 1 164 ? -13.797 1.421   -7.677  1.00 8.29  ? 164 ARG A NH2 1 
ATOM   1204 N  N   . PHE A 1 165 ? -18.572 4.388   -3.281  1.00 12.02 ? 165 PHE A N   1 
ATOM   1205 C  CA  . PHE A 1 165 ? -19.943 3.927   -3.484  1.00 12.02 ? 165 PHE A CA  1 
ATOM   1206 C  C   . PHE A 1 165 ? -20.770 4.011   -2.231  1.00 12.02 ? 165 PHE A C   1 
ATOM   1207 O  O   . PHE A 1 165 ? -20.295 4.469   -1.191  1.00 12.02 ? 165 PHE A O   1 
ATOM   1208 C  CB  . PHE A 1 165 ? -19.969 2.484   -3.966  1.00 12.02 ? 165 PHE A CB  1 
ATOM   1209 C  CG  . PHE A 1 165 ? -19.208 2.259   -5.215  1.00 12.02 ? 165 PHE A CG  1 
ATOM   1210 C  CD1 . PHE A 1 165 ? -19.740 2.620   -6.431  1.00 12.02 ? 165 PHE A CD1 1 
ATOM   1211 C  CD2 . PHE A 1 165 ? -17.957 1.673   -5.175  1.00 12.02 ? 165 PHE A CD2 1 
ATOM   1212 C  CE1 . PHE A 1 165 ? -19.038 2.401   -7.600  1.00 12.02 ? 165 PHE A CE1 1 
ATOM   1213 C  CE2 . PHE A 1 165 ? -17.244 1.448   -6.330  1.00 12.02 ? 165 PHE A CE2 1 
ATOM   1214 C  CZ  . PHE A 1 165 ? -17.785 1.812   -7.551  1.00 12.02 ? 165 PHE A CZ  1 
ATOM   1215 N  N   . SER A 1 166 ? -22.013 3.554   -2.342  1.00 28.69 ? 166 SER A N   1 
ATOM   1216 C  CA  . SER A 1 166 ? -22.944 3.562   -1.230  1.00 28.69 ? 166 SER A CA  1 
ATOM   1217 C  C   . SER A 1 166 ? -22.539 2.507   -0.214  1.00 28.69 ? 166 SER A C   1 
ATOM   1218 O  O   . SER A 1 166 ? -21.936 1.501   -0.581  1.00 28.69 ? 166 SER A O   1 
ATOM   1219 C  CB  . SER A 1 166 ? -24.340 3.259   -1.744  1.00 28.69 ? 166 SER A CB  1 
ATOM   1220 O  OG  . SER A 1 166 ? -24.840 2.086   -1.127  1.00 28.69 ? 166 SER A OG  1 
ATOM   1221 N  N   . ASP A 1 167 ? -22.873 2.726   1.058   1.00 37.13 ? 167 ASP A N   1 
ATOM   1222 C  CA  . ASP A 1 167 ? -22.525 1.759   2.094   1.00 37.13 ? 167 ASP A CA  1 
ATOM   1223 C  C   . ASP A 1 167 ? -22.975 0.385   1.643   1.00 37.13 ? 167 ASP A C   1 
ATOM   1224 O  O   . ASP A 1 167 ? -22.234 -0.593  1.755   1.00 37.13 ? 167 ASP A O   1 
ATOM   1225 C  CB  . ASP A 1 167 ? -23.206 2.104   3.413   1.00 37.13 ? 167 ASP A CB  1 
ATOM   1226 C  CG  . ASP A 1 167 ? -22.440 3.137   4.213   1.00 37.13 ? 167 ASP A CG  1 
ATOM   1227 O  OD1 . ASP A 1 167 ? -21.189 3.176   4.129   1.00 37.13 ? 167 ASP A OD1 1 
ATOM   1228 O  OD2 . ASP A 1 167 ? -23.097 3.918   4.933   1.00 37.13 ? 167 ASP A OD2 1 
ATOM   1229 N  N   . GLY A 1 168 ? -24.194 0.327   1.121   1.00 26.72 ? 168 GLY A N   1 
ATOM   1230 C  CA  . GLY A 1 168 ? -24.738 -0.932  0.647   1.00 26.72 ? 168 GLY A CA  1 
ATOM   1231 C  C   . GLY A 1 168 ? -23.946 -1.489  -0.518  1.00 26.72 ? 168 GLY A C   1 
ATOM   1232 O  O   . GLY A 1 168 ? -23.609 -2.674  -0.536  1.00 26.72 ? 168 GLY A O   1 
ATOM   1233 N  N   . ASP A 1 169 ? -23.655 -0.636  -1.493  1.00 23.22 ? 169 ASP A N   1 
ATOM   1234 C  CA  . ASP A 1 169 ? -22.895 -1.038  -2.664  1.00 23.22 ? 169 ASP A CA  1 
ATOM   1235 C  C   . ASP A 1 169 ? -21.581 -1.619  -2.197  1.00 23.22 ? 169 ASP A C   1 
ATOM   1236 O  O   . ASP A 1 169 ? -21.160 -2.684  -2.647  1.00 23.22 ? 169 ASP A O   1 
ATOM   1237 C  CB  . ASP A 1 169 ? -22.621 0.168   -3.544  1.00 23.22 ? 169 ASP A CB  1 
ATOM   1238 C  CG  . ASP A 1 169 ? -23.751 0.460   -4.483  1.00 23.22 ? 169 ASP A CG  1 
ATOM   1239 O  OD1 . ASP A 1 169 ? -24.625 -0.417  -4.636  1.00 23.22 ? 169 ASP A OD1 1 
ATOM   1240 O  OD2 . ASP A 1 169 ? -23.768 1.566   -5.067  1.00 23.22 ? 169 ASP A OD2 1 
ATOM   1241 N  N   . ILE A 1 170 ? -20.936 -0.897  -1.286  1.00 10.07 ? 170 ILE A N   1 
ATOM   1242 C  CA  . ILE A 1 170 ? -19.662 -1.316  -0.727  1.00 10.07 ? 170 ILE A CA  1 
ATOM   1243 C  C   . ILE A 1 170 ? -19.817 -2.727  -0.184  1.00 10.07 ? 170 ILE A C   1 
ATOM   1244 O  O   . ILE A 1 170 ? -19.095 -3.647  -0.586  1.00 10.07 ? 170 ILE A O   1 
ATOM   1245 C  CB  . ILE A 1 170 ? -19.212 -0.380  0.416   1.00 10.07 ? 170 ILE A CB  1 
ATOM   1246 C  CG1 . ILE A 1 170 ? -18.889 1.007   -0.146  1.00 10.07 ? 170 ILE A CG1 1 
ATOM   1247 C  CG2 . ILE A 1 170 ? -17.992 -0.957  1.112   1.00 10.07 ? 170 ILE A CG2 1 
ATOM   1248 C  CD1 . ILE A 1 170 ? -18.352 1.972   0.886   1.00 10.07 ? 170 ILE A CD1 1 
ATOM   1249 N  N   . GLN A 1 171 ? -20.771 -2.900  0.720   1.00 25.00 ? 171 GLN A N   1 
ATOM   1250 C  CA  . GLN A 1 171 ? -21.013 -4.206  1.307   1.00 25.00 ? 171 GLN A CA  1 
ATOM   1251 C  C   . GLN A 1 171 ? -21.115 -5.301  0.233   1.00 25.00 ? 171 GLN A C   1 
ATOM   1252 O  O   . GLN A 1 171 ? -20.610 -6.402  0.421   1.00 25.00 ? 171 GLN A O   1 
ATOM   1253 C  CB  . GLN A 1 171 ? -22.278 -4.168  2.162   1.00 25.00 ? 171 GLN A CB  1 
ATOM   1254 N  N   . ASN A 1 172 ? -21.748 -5.002  -0.895  1.00 30.59 ? 172 ASN A N   1 
ATOM   1255 C  CA  . ASN A 1 172 ? -21.879 -5.987  -1.962  1.00 30.59 ? 172 ASN A CA  1 
ATOM   1256 C  C   . ASN A 1 172 ? -20.533 -6.261  -2.586  1.00 30.59 ? 172 ASN A C   1 
ATOM   1257 O  O   . ASN A 1 172 ? -20.176 -7.407  -2.853  1.00 30.59 ? 172 ASN A O   1 
ATOM   1258 C  CB  . ASN A 1 172 ? -22.816 -5.476  -3.043  1.00 30.59 ? 172 ASN A CB  1 
ATOM   1259 C  CG  . ASN A 1 172 ? -24.258 -5.586  -2.643  1.00 30.59 ? 172 ASN A CG  1 
ATOM   1260 O  OD1 . ASN A 1 172 ? -24.618 -6.441  -1.837  1.00 30.59 ? 172 ASN A OD1 1 
ATOM   1261 N  ND2 . ASN A 1 172 ? -25.098 -4.719  -3.198  1.00 30.59 ? 172 ASN A ND2 1 
ATOM   1262 N  N   . LEU A 1 173 ? -19.797 -5.184  -2.831  1.00 12.51 ? 173 LEU A N   1 
ATOM   1263 C  CA  . LEU A 1 173 ? -18.481 -5.281  -3.436  1.00 12.51 ? 173 LEU A CA  1 
ATOM   1264 C  C   . LEU A 1 173 ? -17.558 -6.131  -2.578  1.00 12.51 ? 173 LEU A C   1 
ATOM   1265 O  O   . LEU A 1 173 ? -16.763 -6.920  -3.092  1.00 12.51 ? 173 LEU A O   1 
ATOM   1266 C  CB  . LEU A 1 173 ? -17.890 -3.890  -3.620  1.00 12.51 ? 173 LEU A CB  1 
ATOM   1267 C  CG  . LEU A 1 173 ? -18.399 -3.189  -4.872  1.00 12.51 ? 173 LEU A CG  1 
ATOM   1268 C  CD1 . LEU A 1 173 ? -18.362 -1.691  -4.660  1.00 12.51 ? 173 LEU A CD1 1 
ATOM   1269 C  CD2 . LEU A 1 173 ? -17.555 -3.584  -6.062  1.00 12.51 ? 173 LEU A CD2 1 
ATOM   1270 N  N   . LEU A 1 174 ? -17.664 -5.979  -1.268  1.00 8.84  ? 174 LEU A N   1 
ATOM   1271 C  CA  . LEU A 1 174 ? -16.818 -6.755  -0.389  1.00 8.84  ? 174 LEU A CA  1 
ATOM   1272 C  C   . LEU A 1 174 ? -17.223 -8.227  -0.381  1.00 8.84  ? 174 LEU A C   1 
ATOM   1273 O  O   . LEU A 1 174 ? -16.381 -9.116  -0.219  1.00 8.84  ? 174 LEU A O   1 
ATOM   1274 C  CB  . LEU A 1 174 ? -16.872 -6.179  1.020   1.00 8.84  ? 174 LEU A CB  1 
ATOM   1275 C  CG  . LEU A 1 174 ? -16.053 -4.898  1.086   1.00 8.84  ? 174 LEU A CG  1 
ATOM   1276 C  CD1 . LEU A 1 174 ? -16.583 -3.988  2.151   1.00 8.84  ? 174 LEU A CD1 1 
ATOM   1277 C  CD2 . LEU A 1 174 ? -14.619 -5.259  1.352   1.00 8.84  ? 174 LEU A CD2 1 
ATOM   1278 N  N   . GLU A 1 175 ? -18.512 -8.484  -0.575  1.00 21.99 ? 175 GLU A N   1 
ATOM   1279 C  CA  . GLU A 1 175 ? -19.011 -9.851  -0.571  1.00 21.99 ? 175 GLU A CA  1 
ATOM   1280 C  C   . GLU A 1 175 ? -18.542 -10.669 -1.756  1.00 21.99 ? 175 GLU A C   1 
ATOM   1281 O  O   . GLU A 1 175 ? -18.195 -11.830 -1.593  1.00 21.99 ? 175 GLU A O   1 
ATOM   1282 C  CB  . GLU A 1 175 ? -20.538 -9.865  -0.514  1.00 21.99 ? 175 GLU A CB  1 
ATOM   1283 N  N   . MET A 1 176 ? -18.519 -10.084 -2.946  1.00 21.76 ? 176 MET A N   1 
ATOM   1284 C  CA  . MET A 1 176 ? -18.110 -10.856 -4.108  1.00 21.76 ? 176 MET A CA  1 
ATOM   1285 C  C   . MET A 1 176 ? -16.621 -10.798 -4.441  1.00 21.76 ? 176 MET A C   1 
ATOM   1286 O  O   . MET A 1 176 ? -16.159 -11.470 -5.364  1.00 21.76 ? 176 MET A O   1 
ATOM   1287 C  CB  . MET A 1 176 ? -18.938 -10.437 -5.320  1.00 21.76 ? 176 MET A CB  1 
ATOM   1288 C  CG  . MET A 1 176 ? -18.586 -9.086  -5.858  1.00 21.76 ? 176 MET A CG  1 
ATOM   1289 S  SD  . MET A 1 176 ? -20.022 -8.178  -6.418  1.00 21.76 ? 176 MET A SD  1 
ATOM   1290 C  CE  . MET A 1 176 ? -19.701 -8.036  -8.135  1.00 21.76 ? 176 MET A CE  1 
ATOM   1291 N  N   . ALA A 1 177 ? -15.872 -10.011 -3.678  1.00 10.86 ? 177 ALA A N   1 
ATOM   1292 C  CA  . ALA A 1 177 ? -14.435 -9.862  -3.885  1.00 10.86 ? 177 ALA A CA  1 
ATOM   1293 C  C   . ALA A 1 177 ? -13.977 -10.269 -5.280  1.00 10.86 ? 177 ALA A C   1 
ATOM   1294 O  O   . ALA A 1 177 ? -13.266 -11.247 -5.442  1.00 10.86 ? 177 ALA A O   1 
ATOM   1295 C  CB  . ALA A 1 177 ? -13.677 -10.665 -2.841  1.00 10.86 ? 177 ALA A CB  1 
ATOM   1296 N  N   . TRP A 1 178 ? -14.362 -9.506  -6.290  1.00 16.14 ? 178 TRP A N   1 
ATOM   1297 C  CA  . TRP A 1 178 ? -13.975 -9.853  -7.642  1.00 16.14 ? 178 TRP A CA  1 
ATOM   1298 C  C   . TRP A 1 178 ? -12.478 -9.945  -7.857  1.00 16.14 ? 178 TRP A C   1 
ATOM   1299 O  O   . TRP A 1 178 ? -12.040 -10.435 -8.897  1.00 16.14 ? 178 TRP A O   1 
ATOM   1300 C  CB  . TRP A 1 178 ? -14.550 -8.842  -8.629  1.00 16.14 ? 178 TRP A CB  1 
ATOM   1301 C  CG  . TRP A 1 178 ? -13.981 -7.481  -8.496  1.00 16.14 ? 178 TRP A CG  1 
ATOM   1302 C  CD1 . TRP A 1 178 ? -14.480 -6.458  -7.752  1.00 16.14 ? 178 TRP A CD1 1 
ATOM   1303 C  CD2 . TRP A 1 178 ? -12.810 -6.978  -9.137  1.00 16.14 ? 178 TRP A CD2 1 
ATOM   1304 N  NE1 . TRP A 1 178 ? -13.694 -5.340  -7.891  1.00 16.14 ? 178 TRP A NE1 1 
ATOM   1305 C  CE2 . TRP A 1 178 ? -12.659 -5.636  -8.736  1.00 16.14 ? 178 TRP A CE2 1 
ATOM   1306 C  CE3 . TRP A 1 178 ? -11.869 -7.532  -10.012 1.00 16.14 ? 178 TRP A CE3 1 
ATOM   1307 C  CZ2 . TRP A 1 178 ? -11.605 -4.837  -9.180  1.00 16.14 ? 178 TRP A CZ2 1 
ATOM   1308 C  CZ3 . TRP A 1 178 ? -10.821 -6.735  -10.458 1.00 16.14 ? 178 TRP A CZ3 1 
ATOM   1309 C  CH2 . TRP A 1 178 ? -10.700 -5.402  -10.040 1.00 16.14 ? 178 TRP A CH2 1 
ATOM   1310 N  N   . TRP A 1 179 ? -11.685 -9.478  -6.898  1.00 17.65 ? 179 TRP A N   1 
ATOM   1311 C  CA  . TRP A 1 179 ? -10.238 -9.513  -7.073  1.00 17.65 ? 179 TRP A CA  1 
ATOM   1312 C  C   . TRP A 1 179 ? -9.681  -10.896 -6.787  1.00 17.65 ? 179 TRP A C   1 
ATOM   1313 O  O   . TRP A 1 179 ? -8.488  -11.168 -6.982  1.00 17.65 ? 179 TRP A O   1 
ATOM   1314 C  CB  . TRP A 1 179 ? -9.559  -8.464  -6.191  1.00 17.65 ? 179 TRP A CB  1 
ATOM   1315 C  CG  . TRP A 1 179 ? -10.117 -8.401  -4.858  1.00 17.65 ? 179 TRP A CG  1 
ATOM   1316 C  CD1 . TRP A 1 179 ? -9.962  -9.317  -3.866  1.00 17.65 ? 179 TRP A CD1 1 
ATOM   1317 C  CD2 . TRP A 1 179 ? -10.971 -7.385  -4.342  1.00 17.65 ? 179 TRP A CD2 1 
ATOM   1318 N  NE1 . TRP A 1 179 ? -10.671 -8.936  -2.751  1.00 17.65 ? 179 TRP A NE1 1 
ATOM   1319 C  CE2 . TRP A 1 179 ? -11.302 -7.750  -3.018  1.00 17.65 ? 179 TRP A CE2 1 
ATOM   1320 C  CE3 . TRP A 1 179 ? -11.491 -6.200  -4.869  1.00 17.65 ? 179 TRP A CE3 1 
ATOM   1321 C  CZ2 . TRP A 1 179 ? -12.133 -6.972  -2.209  1.00 17.65 ? 179 TRP A CZ2 1 
ATOM   1322 C  CZ3 . TRP A 1 179 ? -12.318 -5.429  -4.068  1.00 17.65 ? 179 TRP A CZ3 1 
ATOM   1323 C  CH2 . TRP A 1 179 ? -12.631 -5.818  -2.750  1.00 17.65 ? 179 TRP A CH2 1 
ATOM   1324 N  N   . ASP A 1 180 ? -10.557 -11.783 -6.339  1.00 32.03 ? 180 ASP A N   1 
ATOM   1325 C  CA  . ASP A 1 180 ? -10.154 -13.149 -6.061  1.00 32.03 ? 180 ASP A CA  1 
ATOM   1326 C  C   . ASP A 1 180 ? -10.790 -14.074 -7.091  1.00 32.03 ? 180 ASP A C   1 
ATOM   1327 O  O   . ASP A 1 180 ? -10.594 -15.283 -7.069  1.00 32.03 ? 180 ASP A O   1 
ATOM   1328 C  CB  . ASP A 1 180 ? -10.591 -13.546 -4.654  1.00 32.03 ? 180 ASP A CB  1 
ATOM   1329 C  CG  . ASP A 1 180 ? -9.643  -13.036 -3.594  1.00 32.03 ? 180 ASP A CG  1 
ATOM   1330 O  OD1 . ASP A 1 180 ? -8.476  -12.749 -3.946  1.00 32.03 ? 180 ASP A OD1 1 
ATOM   1331 O  OD2 . ASP A 1 180 ? -10.057 -12.919 -2.416  1.00 32.03 ? 180 ASP A OD2 1 
ATOM   1332 N  N   . TRP A 1 181 ? -11.556 -13.487 -8.001  1.00 13.02 ? 181 TRP A N   1 
ATOM   1333 C  CA  . TRP A 1 181 ? -12.235 -14.252 -9.034  1.00 13.02 ? 181 TRP A CA  1 
ATOM   1334 C  C   . TRP A 1 181 ? -11.264 -14.858 -10.018 1.00 13.02 ? 181 TRP A C   1 
ATOM   1335 O  O   . TRP A 1 181 ? -10.207 -14.299 -10.298 1.00 13.02 ? 181 TRP A O   1 
ATOM   1336 C  CB  . TRP A 1 181 ? -13.190 -13.365 -9.841  1.00 13.02 ? 181 TRP A CB  1 
ATOM   1337 C  CG  . TRP A 1 181 ? -14.459 -13.036 -9.168  1.00 13.02 ? 181 TRP A CG  1 
ATOM   1338 C  CD1 . TRP A 1 181 ? -14.916 -13.530 -7.984  1.00 13.02 ? 181 TRP A CD1 1 
ATOM   1339 C  CD2 . TRP A 1 181 ? -15.445 -12.113 -9.629  1.00 13.02 ? 181 TRP A CD2 1 
ATOM   1340 N  NE1 . TRP A 1 181 ? -16.129 -12.968 -7.677  1.00 13.02 ? 181 TRP A NE1 1 
ATOM   1341 C  CE2 . TRP A 1 181 ? -16.477 -12.093 -8.672  1.00 13.02 ? 181 TRP A CE2 1 
ATOM   1342 C  CE3 . TRP A 1 181 ? -15.556 -11.297 -10.760 1.00 13.02 ? 181 TRP A CE3 1 
ATOM   1343 C  CZ2 . TRP A 1 181 ? -17.609 -11.287 -8.811  1.00 13.02 ? 181 TRP A CZ2 1 
ATOM   1344 C  CZ3 . TRP A 1 181 ? -16.681 -10.498 -10.898 1.00 13.02 ? 181 TRP A CZ3 1 
ATOM   1345 C  CH2 . TRP A 1 181 ? -17.690 -10.498 -9.930  1.00 13.02 ? 181 TRP A CH2 1 
ATOM   1346 N  N   . PRO A 1 182 ? -11.611 -16.031 -10.549 1.00 13.50 ? 182 PRO A N   1 
ATOM   1347 C  CA  . PRO A 1 182 ? -10.758 -16.701 -11.529 1.00 13.50 ? 182 PRO A CA  1 
ATOM   1348 C  C   . PRO A 1 182 ? -10.713 -15.773 -12.715 1.00 13.50 ? 182 PRO A C   1 
ATOM   1349 O  O   . PRO A 1 182 ? -11.728 -15.196 -13.080 1.00 13.50 ? 182 PRO A O   1 
ATOM   1350 C  CB  . PRO A 1 182 ? -11.515 -17.979 -11.856 1.00 13.50 ? 182 PRO A CB  1 
ATOM   1351 C  CG  . PRO A 1 182 ? -12.436 -18.188 -10.682 1.00 13.50 ? 182 PRO A CG  1 
ATOM   1352 C  CD  . PRO A 1 182 ? -12.808 -16.820 -10.219 1.00 13.50 ? 182 PRO A CD  1 
ATOM   1353 N  N   . LEU A 1 183 ? -9.548  -15.619 -13.316 1.00 22.19 ? 183 LEU A N   1 
ATOM   1354 C  CA  . LEU A 1 183 ? -9.439  -14.724 -14.447 1.00 22.19 ? 183 LEU A CA  1 
ATOM   1355 C  C   . LEU A 1 183 ? -10.578 -14.879 -15.443 1.00 22.19 ? 183 LEU A C   1 
ATOM   1356 O  O   . LEU A 1 183 ? -11.065 -13.893 -15.985 1.00 22.19 ? 183 LEU A O   1 
ATOM   1357 C  CB  . LEU A 1 183 ? -8.118  -14.933 -15.159 1.00 22.19 ? 183 LEU A CB  1 
ATOM   1358 C  CG  . LEU A 1 183 ? -7.854  -13.769 -16.097 1.00 22.19 ? 183 LEU A CG  1 
ATOM   1359 C  CD1 . LEU A 1 183 ? -7.753  -12.483 -15.300 1.00 22.19 ? 183 LEU A CD1 1 
ATOM   1360 C  CD2 . LEU A 1 183 ? -6.585  -14.020 -16.850 1.00 22.19 ? 183 LEU A CD2 1 
ATOM   1361 N  N   . ALA A 1 184 ? -11.003 -16.119 -15.676 1.00 34.16 ? 184 ALA A N   1 
ATOM   1362 C  CA  . ALA A 1 184 ? -12.090 -16.406 -16.617 1.00 34.16 ? 184 ALA A CA  1 
ATOM   1363 C  C   . ALA A 1 184 ? -13.385 -15.664 -16.278 1.00 34.16 ? 184 ALA A C   1 
ATOM   1364 O  O   . ALA A 1 184 ? -14.058 -15.137 -17.162 1.00 34.16 ? 184 ALA A O   1 
ATOM   1365 C  CB  . ALA A 1 184 ? -12.349 -17.904 -16.666 1.00 34.16 ? 184 ALA A CB  1 
ATOM   1366 N  N   . ASP A 1 185 ? -13.737 -15.640 -14.998 1.00 30.98 ? 185 ASP A N   1 
ATOM   1367 C  CA  . ASP A 1 185 ? -14.932 -14.946 -14.551 1.00 30.98 ? 185 ASP A CA  1 
ATOM   1368 C  C   . ASP A 1 185 ? -14.717 -13.430 -14.654 1.00 30.98 ? 185 ASP A C   1 
ATOM   1369 O  O   . ASP A 1 185 ? -15.664 -12.674 -14.896 1.00 30.98 ? 185 ASP A O   1 
ATOM   1370 C  CB  . ASP A 1 185 ? -15.244 -15.326 -13.106 1.00 30.98 ? 185 ASP A CB  1 
ATOM   1371 C  CG  . ASP A 1 185 ? -15.630 -16.778 -12.961 1.00 30.98 ? 185 ASP A CG  1 
ATOM   1372 O  OD1 . ASP A 1 185 ? -15.277 -17.573 -13.853 1.00 30.98 ? 185 ASP A OD1 1 
ATOM   1373 O  OD2 . ASP A 1 185 ? -16.287 -17.124 -11.955 1.00 30.98 ? 185 ASP A OD2 1 
ATOM   1374 N  N   . ILE A 1 186 ? -13.476 -12.986 -14.459 1.00 20.31 ? 186 ILE A N   1 
ATOM   1375 C  CA  . ILE A 1 186 ? -13.164 -11.563 -14.554 1.00 20.31 ? 186 ILE A CA  1 
ATOM   1376 C  C   . ILE A 1 186 ? -13.443 -11.127 -15.985 1.00 20.31 ? 186 ILE A C   1 
ATOM   1377 O  O   . ILE A 1 186 ? -14.106 -10.130 -16.207 1.00 20.31 ? 186 ILE A O   1 
ATOM   1378 C  CB  . ILE A 1 186 ? -11.680 -11.252 -14.209 1.00 20.31 ? 186 ILE A CB  1 
ATOM   1379 C  CG1 . ILE A 1 186 ? -11.434 -11.419 -12.704 1.00 20.31 ? 186 ILE A CG1 1 
ATOM   1380 C  CG2 . ILE A 1 186 ? -11.350 -9.827  -14.618 1.00 20.31 ? 186 ILE A CG2 1 
ATOM   1381 C  CD1 . ILE A 1 186 ? -10.011 -11.135 -12.275 1.00 20.31 ? 186 ILE A CD1 1 
ATOM   1382 N  N   . GLU A 1 187 ? -12.955 -11.883 -16.957 1.00 27.56 ? 187 GLU A N   1 
ATOM   1383 C  CA  . GLU A 1 187 ? -13.190 -11.524 -18.342 1.00 27.56 ? 187 GLU A CA  1 
ATOM   1384 C  C   . GLU A 1 187 ? -14.675 -11.568 -18.663 1.00 27.56 ? 187 GLU A C   1 
ATOM   1385 O  O   . GLU A 1 187 ? -15.160 -10.802 -19.492 1.00 27.56 ? 187 GLU A O   1 
ATOM   1386 C  CB  . GLU A 1 187 ? -12.449 -12.472 -19.283 1.00 27.56 ? 187 GLU A CB  1 
ATOM   1387 C  CG  . GLU A 1 187 ? -12.682 -12.140 -20.754 1.00 27.56 ? 187 GLU A CG  1 
ATOM   1388 C  CD  . GLU A 1 187 ? -12.025 -13.123 -21.722 1.00 27.56 ? 187 GLU A CD  1 
ATOM   1389 O  OE1 . GLU A 1 187 ? -11.787 -14.293 -21.339 1.00 27.56 ? 187 GLU A OE1 1 
ATOM   1390 O  OE2 . GLU A 1 187 ? -11.750 -12.721 -22.877 1.00 27.56 ? 187 GLU A OE2 1 
ATOM   1391 N  N   . ALA A 1 188 ? -15.393 -12.472 -18.003 1.00 16.14 ? 188 ALA A N   1 
ATOM   1392 C  CA  . ALA A 1 188 ? -16.832 -12.638 -18.219 1.00 16.14 ? 188 ALA A CA  1 
ATOM   1393 C  C   . ALA A 1 188 ? -17.641 -11.422 -17.790 1.00 16.14 ? 188 ALA A C   1 
ATOM   1394 O  O   . ALA A 1 188 ? -18.456 -10.904 -18.560 1.00 16.14 ? 188 ALA A O   1 
ATOM   1395 C  CB  . ALA A 1 188 ? -17.325 -13.862 -17.473 1.00 16.14 ? 188 ALA A CB  1 
ATOM   1396 N  N   . ALA A 1 189 ? -17.405 -10.988 -16.551 1.00 11.12 ? 189 ALA A N   1 
ATOM   1397 C  CA  . ALA A 1 189 ? -18.085 -9.841  -15.945 1.00 11.12 ? 189 ALA A CA  1 
ATOM   1398 C  C   . ALA A 1 189 ? -17.483 -8.523  -16.387 1.00 11.12 ? 189 ALA A C   1 
ATOM   1399 O  O   . ALA A 1 189 ? -17.953 -7.452  -16.011 1.00 11.12 ? 189 ALA A O   1 
ATOM   1400 C  CB  . ALA A 1 189 ? -18.010 -9.939  -14.442 1.00 11.12 ? 189 ALA A CB  1 
ATOM   1401 N  N   . MET A 1 190 ? -16.439 -8.616  -17.191 1.00 13.79 ? 190 MET A N   1 
ATOM   1402 C  CA  . MET A 1 190 ? -15.747 -7.444  -17.683 1.00 13.79 ? 190 MET A CA  1 
ATOM   1403 C  C   . MET A 1 190 ? -16.634 -6.276  -18.091 1.00 13.79 ? 190 MET A C   1 
ATOM   1404 O  O   . MET A 1 190 ? -16.435 -5.152  -17.631 1.00 13.79 ? 190 MET A O   1 
ATOM   1405 C  CB  . MET A 1 190 ? -14.870 -7.828  -18.867 1.00 13.79 ? 190 MET A CB  1 
ATOM   1406 C  CG  . MET A 1 190 ? -13.791 -6.822  -19.157 1.00 13.79 ? 190 MET A CG  1 
ATOM   1407 S  SD  . MET A 1 190 ? -13.021 -6.296  -17.636 1.00 13.79 ? 190 MET A SD  1 
ATOM   1408 C  CE  . MET A 1 190 ? -12.346 -4.789  -18.173 1.00 13.79 ? 190 MET A CE  1 
ATOM   1409 N  N   . PRO A 1 191 ? -17.634 -6.525  -18.951 1.00 17.39 ? 191 PRO A N   1 
ATOM   1410 C  CA  . PRO A 1 191 ? -18.501 -5.430  -19.380 1.00 17.39 ? 191 PRO A CA  1 
ATOM   1411 C  C   . PRO A 1 191 ? -19.115 -4.689  -18.229 1.00 17.39 ? 191 PRO A C   1 
ATOM   1412 O  O   . PRO A 1 191 ? -19.334 -3.484  -18.308 1.00 17.39 ? 191 PRO A O   1 
ATOM   1413 C  CB  . PRO A 1 191 ? -19.562 -6.115  -20.232 1.00 17.39 ? 191 PRO A CB  1 
ATOM   1414 C  CG  . PRO A 1 191 ? -18.911 -7.334  -20.713 1.00 17.39 ? 191 PRO A CG  1 
ATOM   1415 C  CD  . PRO A 1 191 ? -18.054 -7.795  -19.559 1.00 17.39 ? 191 PRO A CD  1 
ATOM   1416 N  N   . LEU A 1 192 ? -19.387 -5.409  -17.153 1.00 11.17 ? 192 LEU A N   1 
ATOM   1417 C  CA  . LEU A 1 192 ? -20.007 -4.796  -15.997 1.00 11.17 ? 192 LEU A CA  1 
ATOM   1418 C  C   . LEU A 1 192 ? -19.008 -4.171  -15.036 1.00 11.17 ? 192 LEU A C   1 
ATOM   1419 O  O   . LEU A 1 192 ? -19.389 -3.375  -14.170 1.00 11.17 ? 192 LEU A O   1 
ATOM   1420 C  CB  . LEU A 1 192 ? -20.859 -5.828  -15.272 1.00 11.17 ? 192 LEU A CB  1 
ATOM   1421 C  CG  . LEU A 1 192 ? -22.314 -5.877  -15.711 1.00 11.17 ? 192 LEU A CG  1 
ATOM   1422 C  CD1 . LEU A 1 192 ? -23.097 -6.611  -14.647 1.00 11.17 ? 192 LEU A CD1 1 
ATOM   1423 C  CD2 . LEU A 1 192 ? -22.856 -4.471  -15.918 1.00 11.17 ? 192 LEU A CD2 1 
ATOM   1424 N  N   . LEU A 1 193 ? -17.736 -4.528  -15.179 1.00 14.84 ? 193 LEU A N   1 
ATOM   1425 C  CA  . LEU A 1 193 ? -16.705 -3.968  -14.315 1.00 14.84 ? 193 LEU A CA  1 
ATOM   1426 C  C   . LEU A 1 193 ? -16.399 -2.561  -14.813 1.00 14.84 ? 193 LEU A C   1 
ATOM   1427 O  O   . LEU A 1 193 ? -15.791 -1.756  -14.110 1.00 14.84 ? 193 LEU A O   1 
ATOM   1428 C  CB  . LEU A 1 193 ? -15.442 -4.819  -14.365 1.00 14.84 ? 193 LEU A CB  1 
ATOM   1429 C  CG  . LEU A 1 193 ? -15.489 -6.104  -13.550 1.00 14.84 ? 193 LEU A CG  1 
ATOM   1430 C  CD1 . LEU A 1 193 ? -14.359 -6.995  -14.006 1.00 14.84 ? 193 LEU A CD1 1 
ATOM   1431 C  CD2 . LEU A 1 193 ? -15.382 -5.806  -12.061 1.00 14.84 ? 193 LEU A CD2 1 
ATOM   1432 N  N   . CYS A 1 194 ? -16.832 -2.268  -16.030 1.00 17.92 ? 194 CYS A N   1 
ATOM   1433 C  CA  . CYS A 1 194 ? -16.594 -0.955  -16.600 1.00 17.92 ? 194 CYS A CA  1 
ATOM   1434 C  C   . CYS A 1 194 ? -17.819 -0.049  -16.494 1.00 17.92 ? 194 CYS A C   1 
ATOM   1435 O  O   . CYS A 1 194 ? -18.108 0.748   -17.394 1.00 17.92 ? 194 CYS A O   1 
ATOM   1436 C  CB  . CYS A 1 194 ? -16.154 -1.090  -18.055 1.00 17.92 ? 194 CYS A CB  1 
ATOM   1437 S  SG  . CYS A 1 194 ? -14.530 -1.840  -18.237 1.00 17.92 ? 194 CYS A SG  1 
ATOM   1438 N  N   . THR A 1 195 ? -18.542 -0.186  -15.390 1.00 12.73 ? 195 THR A N   1 
ATOM   1439 C  CA  . THR A 1 195 ? -19.714 0.638   -15.138 1.00 12.73 ? 195 THR A CA  1 
ATOM   1440 C  C   . THR A 1 195 ? -19.749 0.851   -13.642 1.00 12.73 ? 195 THR A C   1 
ATOM   1441 O  O   . THR A 1 195 ? -18.896 0.322   -12.928 1.00 12.73 ? 195 THR A O   1 
ATOM   1442 C  CB  . THR A 1 195 ? -21.012 -0.058  -15.537 1.00 12.73 ? 195 THR A CB  1 
ATOM   1443 O  OG1 . THR A 1 195 ? -21.121 -1.290  -14.815 1.00 12.73 ? 195 THR A OG1 1 
ATOM   1444 C  CG2 . THR A 1 195 ? -21.037 -0.327  -17.023 1.00 12.73 ? 195 THR A CG2 1 
ATOM   1445 N  N   . GLY A 1 196 ? -20.722 1.621   -13.169 1.00 23.95 ? 196 GLY A N   1 
ATOM   1446 C  CA  . GLY A 1 196 ? -20.840 1.861   -11.744 1.00 23.95 ? 196 GLY A CA  1 
ATOM   1447 C  C   . GLY A 1 196 ? -22.085 1.178   -11.219 1.00 23.95 ? 196 GLY A C   1 
ATOM   1448 O  O   . GLY A 1 196 ? -22.657 1.589   -10.211 1.00 23.95 ? 196 GLY A O   1 
ATOM   1449 N  N   . ASP A 1 197 ? -22.501 0.123   -11.910 1.00 16.87 ? 197 ASP A N   1 
ATOM   1450 C  CA  . ASP A 1 197 ? -23.696 -0.610  -11.534 1.00 16.87 ? 197 ASP A CA  1 
ATOM   1451 C  C   . ASP A 1 197 ? -23.414 -1.784  -10.613 1.00 16.87 ? 197 ASP A C   1 
ATOM   1452 O  O   . ASP A 1 197 ? -23.670 -2.934  -10.969 1.00 16.87 ? 197 ASP A O   1 
ATOM   1453 C  CB  . ASP A 1 197 ? -24.401 -1.107  -12.785 1.00 16.87 ? 197 ASP A CB  1 
ATOM   1454 C  CG  . ASP A 1 197 ? -25.894 -1.241  -12.595 1.00 16.87 ? 197 ASP A CG  1 
ATOM   1455 O  OD1 . ASP A 1 197 ? -26.332 -1.693  -11.508 1.00 16.87 ? 197 ASP A OD1 1 
ATOM   1456 O  OD2 . ASP A 1 197 ? -26.628 -0.891  -13.545 1.00 16.87 ? 197 ASP A OD2 1 
ATOM   1457 N  N   . ILE A 1 198 ? -22.895 -1.497  -9.425  1.00 14.10 ? 198 ILE A N   1 
ATOM   1458 C  CA  . ILE A 1 198 ? -22.595 -2.551  -8.470  1.00 14.10 ? 198 ILE A CA  1 
ATOM   1459 C  C   . ILE A 1 198 ? -23.751 -3.558  -8.362  1.00 14.10 ? 198 ILE A C   1 
ATOM   1460 O  O   . ILE A 1 198 ? -23.528 -4.762  -8.432  1.00 14.10 ? 198 ILE A O   1 
ATOM   1461 C  CB  . ILE A 1 198 ? -22.257 -1.953  -7.084  1.00 14.10 ? 198 ILE A CB  1 
ATOM   1462 C  CG1 . ILE A 1 198 ? -21.135 -0.930  -7.220  1.00 14.10 ? 198 ILE A CG1 1 
ATOM   1463 C  CG2 . ILE A 1 198 ? -21.785 -3.030  -6.143  1.00 14.10 ? 198 ILE A CG2 1 
ATOM   1464 C  CD1 . ILE A 1 198 ? -19.994 -1.371  -8.124  1.00 14.10 ? 198 ILE A CD1 1 
ATOM   1465 N  N   . PRO A 1 199 ? -25.003 -3.083  -8.214  1.00 19.83 ? 199 PRO A N   1 
ATOM   1466 C  CA  . PRO A 1 199 ? -26.152 -3.997  -8.107  1.00 19.83 ? 199 PRO A CA  1 
ATOM   1467 C  C   . PRO A 1 199 ? -26.284 -4.906  -9.320  1.00 19.83 ? 199 PRO A C   1 
ATOM   1468 O  O   . PRO A 1 199 ? -26.715 -6.049  -9.201  1.00 19.83 ? 199 PRO A O   1 
ATOM   1469 C  CB  . PRO A 1 199 ? -27.353 -3.070  -7.994  1.00 19.83 ? 199 PRO A CB  1 
ATOM   1470 C  CG  . PRO A 1 199 ? -26.800 -1.765  -7.581  1.00 19.83 ? 199 PRO A CG  1 
ATOM   1471 C  CD  . PRO A 1 199 ? -25.420 -1.677  -8.146  1.00 19.83 ? 199 PRO A CD  1 
ATOM   1472 N  N   . ALA A 1 200 ? -25.946 -4.385  -10.494 1.00 8.55  ? 200 ALA A N   1 
ATOM   1473 C  CA  . ALA A 1 200 ? -26.014 -5.192  -11.699 1.00 8.55  ? 200 ALA A CA  1 
ATOM   1474 C  C   . ALA A 1 200 ? -24.940 -6.245  -11.527 1.00 8.55  ? 200 ALA A C   1 
ATOM   1475 O  O   . ALA A 1 200 ? -25.220 -7.436  -11.592 1.00 8.55  ? 200 ALA A O   1 
ATOM   1476 C  CB  . ALA A 1 200 ? -25.731 -4.352  -12.926 1.00 8.55  ? 200 ALA A CB  1 
ATOM   1477 N  N   . LEU A 1 201 ? -23.710 -5.793  -11.283 1.00 16.51 ? 201 LEU A N   1 
ATOM   1478 C  CA  . LEU A 1 201 ? -22.572 -6.686  -11.099 1.00 16.51 ? 201 LEU A CA  1 
ATOM   1479 C  C   . LEU A 1 201 ? -22.851 -7.762  -10.055 1.00 16.51 ? 201 LEU A C   1 
ATOM   1480 O  O   . LEU A 1 201 ? -22.481 -8.917  -10.243 1.00 16.51 ? 201 LEU A O   1 
ATOM   1481 C  CB  . LEU A 1 201 ? -21.336 -5.874  -10.700 1.00 16.51 ? 201 LEU A CB  1 
ATOM   1482 C  CG  . LEU A 1 201 ? -19.976 -6.564  -10.815 1.00 16.51 ? 201 LEU A CG  1 
ATOM   1483 C  CD1 . LEU A 1 201 ? -19.633 -6.824  -12.269 1.00 16.51 ? 201 LEU A CD1 1 
ATOM   1484 C  CD2 . LEU A 1 201 ? -18.923 -5.685  -10.168 1.00 16.51 ? 201 LEU A CD2 1 
ATOM   1485 N  N   . TYR A 1 202 ? -23.513 -7.384  -8.966  1.00 19.32 ? 202 TYR A N   1 
ATOM   1486 C  CA  . TYR A 1 202 ? -23.840 -8.319  -7.894  1.00 19.32 ? 202 TYR A CA  1 
ATOM   1487 C  C   . TYR A 1 202 ? -24.706 -9.457  -8.396  1.00 19.32 ? 202 TYR A C   1 
ATOM   1488 O  O   . TYR A 1 202 ? -24.492 -10.618 -8.063  1.00 19.32 ? 202 TYR A O   1 
ATOM   1489 C  CB  . TYR A 1 202 ? -24.586 -7.602  -6.780  1.00 19.32 ? 202 TYR A CB  1 
ATOM   1490 C  CG  . TYR A 1 202 ? -24.672 -8.391  -5.498  1.00 19.32 ? 202 TYR A CG  1 
ATOM   1491 C  CD1 . TYR A 1 202 ? -23.518 -8.733  -4.797  1.00 19.32 ? 202 TYR A CD1 1 
ATOM   1492 C  CD2 . TYR A 1 202 ? -25.904 -8.766  -4.966  1.00 19.32 ? 202 TYR A CD2 1 
ATOM   1493 C  CE1 . TYR A 1 202 ? -23.580 -9.421  -3.597  1.00 19.32 ? 202 TYR A CE1 1 
ATOM   1494 C  CE2 . TYR A 1 202 ? -25.983 -9.461  -3.756  1.00 19.32 ? 202 TYR A CE2 1 
ATOM   1495 C  CZ  . TYR A 1 202 ? -24.814 -9.783  -3.076  1.00 19.32 ? 202 TYR A CZ  1 
ATOM   1496 O  OH  . TYR A 1 202 ? -24.860 -10.438 -1.859  1.00 19.32 ? 202 TYR A OH  1 
ATOM   1497 N  N   . GLN A 1 203 ? -25.708 -9.107  -9.184  1.00 27.85 ? 203 GLN A N   1 
ATOM   1498 C  CA  . GLN A 1 203 ? -26.610 -10.095 -9.732  1.00 27.85 ? 203 GLN A CA  1 
ATOM   1499 C  C   . GLN A 1 203 ? -25.845 -11.035 -10.643 1.00 27.85 ? 203 GLN A C   1 
ATOM   1500 O  O   . GLN A 1 203 ? -25.873 -12.246 -10.449 1.00 27.85 ? 203 GLN A O   1 
ATOM   1501 C  CB  . GLN A 1 203 ? -27.719 -9.396  -10.504 1.00 27.85 ? 203 GLN A CB  1 
ATOM   1502 C  CG  . GLN A 1 203 ? -28.847 -8.922  -9.619  1.00 27.85 ? 203 GLN A CG  1 
ATOM   1503 C  CD  . GLN A 1 203 ? -29.272 -9.985  -8.632  1.00 27.85 ? 203 GLN A CD  1 
ATOM   1504 O  OE1 . GLN A 1 203 ? -29.614 -9.686  -7.487  1.00 27.85 ? 203 GLN A OE1 1 
ATOM   1505 N  NE2 . GLN A 1 203 ? -29.252 -11.240 -9.070  1.00 27.85 ? 203 GLN A NE2 1 
ATOM   1506 N  N   . HIS A 1 204 ? -25.160 -10.470 -11.634 1.00 19.47 ? 204 HIS A N   1 
ATOM   1507 C  CA  . HIS A 1 204 ? -24.371 -11.248 -12.583 1.00 19.47 ? 204 HIS A CA  1 
ATOM   1508 C  C   . HIS A 1 204 ? -23.525 -12.240 -11.799 1.00 19.47 ? 204 HIS A C   1 
ATOM   1509 O  O   . HIS A 1 204 ? -23.349 -13.389 -12.203 1.00 19.47 ? 204 HIS A O   1 
ATOM   1510 C  CB  . HIS A 1 204 ? -23.468 -10.320 -13.398 1.00 19.47 ? 204 HIS A CB  1 
ATOM   1511 C  CG  . HIS A 1 204 ? -22.385 -11.028 -14.148 1.00 19.47 ? 204 HIS A CG  1 
ATOM   1512 N  ND1 . HIS A 1 204 ? -22.468 -11.300 -15.496 1.00 19.47 ? 204 HIS A ND1 1 
ATOM   1513 C  CD2 . HIS A 1 204 ? -21.177 -11.491 -13.747 1.00 19.47 ? 204 HIS A CD2 1 
ATOM   1514 C  CE1 . HIS A 1 204 ? -21.359 -11.895 -15.895 1.00 19.47 ? 204 HIS A CE1 1 
ATOM   1515 N  NE2 . HIS A 1 204 ? -20.558 -12.025 -14.854 1.00 19.47 ? 204 HIS A NE2 1 
ATOM   1516 N  N   . TRP A 1 205 ? -22.998 -11.781 -10.673 1.00 11.85 ? 205 TRP A N   1 
ATOM   1517 C  CA  . TRP A 1 205 ? -22.187 -12.635 -9.821  1.00 11.85 ? 205 TRP A CA  1 
ATOM   1518 C  C   . TRP A 1 205 ? -23.070 -13.770 -9.288  1.00 11.85 ? 205 TRP A C   1 
ATOM   1519 O  O   . TRP A 1 205 ? -22.924 -14.919 -9.713  1.00 11.85 ? 205 TRP A O   1 
ATOM   1520 C  CB  . TRP A 1 205 ? -21.601 -11.816 -8.658  1.00 11.85 ? 205 TRP A CB  1 
ATOM   1521 C  CG  . TRP A 1 205 ? -20.880 -12.653 -7.658  1.00 11.85 ? 205 TRP A CG  1 
ATOM   1522 C  CD1 . TRP A 1 205 ? -19.868 -13.534 -7.908  1.00 11.85 ? 205 TRP A CD1 1 
ATOM   1523 C  CD2 . TRP A 1 205 ? -21.149 -12.740 -6.255  1.00 11.85 ? 205 TRP A CD2 1 
ATOM   1524 N  NE1 . TRP A 1 205 ? -19.495 -14.168 -6.751  1.00 11.85 ? 205 TRP A NE1 1 
ATOM   1525 C  CE2 . TRP A 1 205 ? -20.265 -13.701 -5.720  1.00 11.85 ? 205 TRP A CE2 1 
ATOM   1526 C  CE3 . TRP A 1 205 ? -22.053 -12.103 -5.400  1.00 11.85 ? 205 TRP A CE3 1 
ATOM   1527 C  CZ2 . TRP A 1 205 ? -20.257 -14.042 -4.374  1.00 11.85 ? 205 TRP A CZ2 1 
ATOM   1528 C  CZ3 . TRP A 1 205 ? -22.044 -12.443 -4.057  1.00 11.85 ? 205 TRP A CZ3 1 
ATOM   1529 C  CH2 . TRP A 1 205 ? -21.150 -13.407 -3.558  1.00 11.85 ? 205 TRP A CH2 1 
ATOM   1530 N  N   . LYS A 1 206 ? -23.990 -13.436 -8.378  1.00 16.52 ? 206 LYS A N   1 
ATOM   1531 C  CA  . LYS A 1 206 ? -24.897 -14.410 -7.779  1.00 16.52 ? 206 LYS A CA  1 
ATOM   1532 C  C   . LYS A 1 206 ? -25.356 -15.430 -8.822  1.00 16.52 ? 206 LYS A C   1 
ATOM   1533 O  O   . LYS A 1 206 ? -25.365 -16.636 -8.561  1.00 16.52 ? 206 LYS A O   1 
ATOM   1534 C  CB  . LYS A 1 206 ? -26.098 -13.696 -7.149  1.00 16.52 ? 206 LYS A CB  1 
ATOM   1535 N  N   . GLN A 1 207 ? -25.714 -14.954 -10.011 1.00 27.61 ? 207 GLN A N   1 
ATOM   1536 C  CA  . GLN A 1 207 ? -26.155 -15.853 -11.074 1.00 27.61 ? 207 GLN A CA  1 
ATOM   1537 C  C   . GLN A 1 207 ? -25.126 -16.928 -11.365 1.00 27.61 ? 207 GLN A C   1 
ATOM   1538 O  O   . GLN A 1 207 ? -25.370 -18.107 -11.151 1.00 27.61 ? 207 GLN A O   1 
ATOM   1539 C  CB  . GLN A 1 207 ? -26.404 -15.090 -12.372 1.00 27.61 ? 207 GLN A CB  1 
ATOM   1540 C  CG  . GLN A 1 207 ? -26.484 -15.997 -13.608 1.00 27.61 ? 207 GLN A CG  1 
ATOM   1541 C  CD  . GLN A 1 207 ? -27.840 -16.680 -13.751 1.00 27.61 ? 207 GLN A CD  1 
ATOM   1542 O  OE1 . GLN A 1 207 ? -28.769 -16.419 -12.974 1.00 27.61 ? 207 GLN A OE1 1 
ATOM   1543 N  NE2 . GLN A 1 207 ? -27.962 -17.556 -14.745 1.00 27.61 ? 207 GLN A NE2 1 
ATOM   1544 N  N   . ARG A 1 208 ? -23.981 -16.499 -11.878 1.00 30.83 ? 208 ARG A N   1 
ATOM   1545 C  CA  . ARG A 1 208 ? -22.894 -17.399 -12.225 1.00 30.83 ? 208 ARG A CA  1 
ATOM   1546 C  C   . ARG A 1 208 ? -22.510 -18.333 -11.081 1.00 30.83 ? 208 ARG A C   1 
ATOM   1547 O  O   . ARG A 1 208 ? -22.165 -19.491 -11.318 1.00 30.83 ? 208 ARG A O   1 
ATOM   1548 C  CB  . ARG A 1 208 ? -21.669 -16.594 -12.652 1.00 30.83 ? 208 ARG A CB  1 
ATOM   1549 C  CG  . ARG A 1 208 ? -20.684 -17.377 -13.489 1.00 30.83 ? 208 ARG A CG  1 
ATOM   1550 C  CD  . ARG A 1 208 ? -19.538 -16.488 -13.942 1.00 30.83 ? 208 ARG A CD  1 
ATOM   1551 N  NE  . ARG A 1 208 ? -19.306 -16.540 -15.388 1.00 30.83 ? 208 ARG A NE  1 
ATOM   1552 C  CZ  . ARG A 1 208 ? -18.269 -17.150 -15.954 1.00 30.83 ? 208 ARG A CZ  1 
ATOM   1553 N  NH1 . ARG A 1 208 ? -17.372 -17.762 -15.189 1.00 30.83 ? 208 ARG A NH1 1 
ATOM   1554 N  NH2 . ARG A 1 208 ? -18.120 -17.141 -17.277 1.00 30.83 ? 208 ARG A NH2 1 
ATOM   1555 N  N   . GLN A 1 209 ? -22.567 -17.836 -9.847  1.00 32.74 ? 209 GLN A N   1 
ATOM   1556 C  CA  . GLN A 1 209 ? -22.211 -18.662 -8.706  1.00 32.74 ? 209 GLN A CA  1 
ATOM   1557 C  C   . GLN A 1 209 ? -23.065 -19.930 -8.701  1.00 32.74 ? 209 GLN A C   1 
ATOM   1558 O  O   . GLN A 1 209 ? -22.773 -20.883 -7.975  1.00 32.74 ? 209 GLN A O   1 
ATOM   1559 C  CB  . GLN A 1 209 ? -22.384 -17.875 -7.408  1.00 32.74 ? 209 GLN A CB  1 
ATOM   1560 N  N   . ALA A 1 210 ? -24.107 -19.934 -9.527  1.00 50.00 ? 210 ALA A N   1 
ATOM   1561 C  CA  . ALA A 1 210 ? -25.009 -21.071 -9.621  1.00 50.00 ? 210 ALA A CA  1 
ATOM   1562 C  C   . ALA A 1 210 ? -24.769 -21.917 -10.901 1.00 50.00 ? 210 ALA A C   1 
ATOM   1563 O  O   . ALA A 1 210 ? -23.818 -22.750 -10.850 1.00 50.00 ? 210 ALA A O   1 
ATOM   1564 C  CB  . ALA A 1 210 ? -26.474 -20.606 -9.587  1.00 50.00 ? 210 ALA A CB  1 
HETATM 1565 C  C1  . CLM B 2 .   ? -1.024  1.256   -17.814 1.00 25.58 ? 301 CLM A C1  1 
HETATM 1566 CL CL1 . CLM B 2 .   ? -0.384  1.001   -19.378 1.00 25.58 ? 301 CLM A CL1 1 
HETATM 1567 CL CL2 . CLM B 2 .   ? -0.898  -0.287  -16.961 1.00 25.58 ? 301 CLM A CL2 1 
HETATM 1568 C  C2  . CLM B 2 .   ? 0.004   2.206   -17.050 1.00 25.58 ? 301 CLM A C2  1 
HETATM 1569 O  O2  . CLM B 2 .   ? 1.140   1.833   -16.861 1.00 25.58 ? 301 CLM A O2  1 
HETATM 1570 N  N2  . CLM B 2 .   ? -0.575  3.360   -16.710 1.00 25.58 ? 301 CLM A N2  1 
HETATM 1571 C  C3  . CLM B 2 .   ? 0.074   4.478   -16.008 1.00 25.58 ? 301 CLM A C3  1 
HETATM 1572 C  C4  . CLM B 2 .   ? -0.893  5.173   -15.043 1.00 25.58 ? 301 CLM A C4  1 
HETATM 1573 O  O4  . CLM B 2 .   ? -1.450  4.146   -14.141 1.00 25.58 ? 301 CLM A O4  1 
HETATM 1574 C  C5  . CLM B 2 .   ? 0.834   5.390   -16.995 1.00 25.58 ? 301 CLM A C5  1 
HETATM 1575 O  O5  . CLM B 2 .   ? 1.622   6.307   -16.246 1.00 25.58 ? 301 CLM A O5  1 
HETATM 1576 C  C6  . CLM B 2 .   ? -0.166  6.161   -17.860 1.00 25.58 ? 301 CLM A C6  1 
HETATM 1577 C  C7  . CLM B 2 .   ? -0.862  5.362   -18.895 1.00 25.58 ? 301 CLM A C7  1 
HETATM 1578 C  C8  . CLM B 2 .   ? -1.792  5.949   -19.742 1.00 25.58 ? 301 CLM A C8  1 
HETATM 1579 C  C9  . CLM B 2 .   ? -2.042  7.266   -19.598 1.00 25.58 ? 301 CLM A C9  1 
HETATM 1580 N  N9  . CLM B 2 .   ? -3.015  8.004   -20.439 1.00 25.58 ? 301 CLM A N9  1 
HETATM 1581 O  O9A . CLM B 2 .   ? -3.017  7.803   -21.618 1.00 25.58 ? 301 CLM A O9A 1 
HETATM 1582 O  O9B . CLM B 2 .   ? -3.780  8.777   -19.853 1.00 25.58 ? 301 CLM A O9B 1 
HETATM 1583 C  C10 . CLM B 2 .   ? -1.400  8.112   -18.610 1.00 25.58 ? 301 CLM A C10 1 
HETATM 1584 C  C11 . CLM B 2 .   ? -0.458  7.536   -17.744 1.00 25.58 ? 301 CLM A C11 1 
HETATM 1585 N  N1A . DCA C 3 .   ? -5.400  15.673  -1.635  1.00 38.04 ? 302 DCA A N1A 1 
HETATM 1586 C  C2A . DCA C 3 .   ? -6.351  16.274  -0.865  1.00 38.04 ? 302 DCA A C2A 1 
HETATM 1587 N  N3A . DCA C 3 .   ? -7.582  16.691  -1.241  1.00 38.04 ? 302 DCA A N3A 1 
HETATM 1588 C  C4A . DCA C 3 .   ? -7.803  16.445  -2.550  1.00 38.04 ? 302 DCA A C4A 1 
HETATM 1589 C  C5A . DCA C 3 .   ? -6.929  15.842  -3.470  1.00 38.04 ? 302 DCA A C5A 1 
HETATM 1590 C  C6A . DCA C 3 .   ? -5.655  15.437  -2.963  1.00 38.04 ? 302 DCA A C6A 1 
HETATM 1591 N  N6A . DCA C 3 .   ? -4.715  14.846  -3.697  1.00 38.04 ? 302 DCA A N6A 1 
HETATM 1592 N  N7A . DCA C 3 .   ? -7.518  15.769  -4.715  1.00 38.04 ? 302 DCA A N7A 1 
HETATM 1593 C  C8A . DCA C 3 .   ? -8.708  16.312  -4.534  1.00 38.04 ? 302 DCA A C8A 1 
HETATM 1594 N  N9A . DCA C 3 .   ? -8.935  16.736  -3.261  1.00 38.04 ? 302 DCA A N9A 1 
HETATM 1595 C  C1B . DCA C 3 .   ? -10.156 17.383  -2.713  1.00 38.04 ? 302 DCA A C1B 1 
HETATM 1596 C  C2B . DCA C 3 .   ? -10.528 18.837  -3.250  1.00 38.04 ? 302 DCA A C2B 1 
HETATM 1597 O  O2B . DCA C 3 .   ? -9.794  19.805  -2.520  1.00 38.04 ? 302 DCA A O2B 1 
HETATM 1598 C  C3B . DCA C 3 .   ? -12.026 18.931  -3.120  1.00 38.04 ? 302 DCA A C3B 1 
HETATM 1599 O  O3B . DCA C 3 .   ? -12.740 19.696  -2.093  1.00 38.04 ? 302 DCA A O3B 1 
HETATM 1600 P  P3B . DCA C 3 .   ? -12.761 21.356  -1.652  1.00 38.04 ? 302 DCA A P3B 1 
HETATM 1601 O  O7A . DCA C 3 .   ? -13.783 21.420  -0.551  1.00 38.04 ? 302 DCA A O7A 1 
HETATM 1602 O  O8A . DCA C 3 .   ? -13.195 22.172  -2.870  1.00 38.04 ? 302 DCA A O8A 1 
HETATM 1603 O  O9A . DCA C 3 .   ? -11.377 21.731  -1.148  1.00 38.04 ? 302 DCA A O9A 1 
HETATM 1604 C  C4B . DCA C 3 .   ? -12.432 17.459  -3.091  1.00 38.04 ? 302 DCA A C4B 1 
HETATM 1605 O  O4B . DCA C 3 .   ? -11.239 16.615  -3.053  1.00 38.04 ? 302 DCA A O4B 1 
HETATM 1606 C  C5B . DCA C 3 .   ? -13.234 17.137  -4.264  1.00 38.04 ? 302 DCA A C5B 1 
HETATM 1607 O  O5B . DCA C 3 .   ? -12.641 17.638  -5.352  1.00 38.04 ? 302 DCA A O5B 1 
HETATM 1608 P  P1A . DCA C 3 .   ? -12.773 16.748  -6.597  1.00 38.04 ? 302 DCA A P1A 1 
HETATM 1609 O  O1A . DCA C 3 .   ? -11.967 17.413  -7.717  1.00 38.04 ? 302 DCA A O1A 1 
HETATM 1610 O  O2A . DCA C 3 .   ? -14.305 16.529  -6.707  1.00 38.04 ? 302 DCA A O2A 1 
HETATM 1611 O  O3A . DCA C 3 .   ? -11.995 15.378  -6.236  1.00 38.04 ? 302 DCA A O3A 1 
HETATM 1612 P  P2A . DCA C 3 .   ? -12.276 14.295  -7.369  1.00 38.04 ? 302 DCA A P2A 1 
HETATM 1613 O  O4A . DCA C 3 .   ? -12.281 15.017  -8.730  1.00 38.04 ? 302 DCA A O4A 1 
HETATM 1614 O  O5A . DCA C 3 .   ? -13.510 13.463  -7.009  1.00 38.04 ? 302 DCA A O5A 1 
HETATM 1615 O  O6A . DCA C 3 .   ? -10.983 13.321  -7.296  1.00 38.04 ? 302 DCA A O6A 1 
HETATM 1616 C  CBP . DCA C 3 .   ? -8.675  12.664  -6.754  1.00 38.04 ? 302 DCA A CBP 1 
HETATM 1617 C  CCP . DCA C 3 .   ? -9.661  13.758  -7.155  1.00 38.04 ? 302 DCA A CCP 1 
HETATM 1618 C  CDP . DCA C 3 .   ? -8.662  12.593  -5.212  1.00 38.04 ? 302 DCA A CDP 1 
HETATM 1619 C  CEP . DCA C 3 .   ? -9.134  11.333  -7.341  1.00 38.04 ? 302 DCA A CEP 1 
HETATM 1620 C  CAP . DCA C 3 .   ? -7.304  13.112  -7.336  1.00 38.04 ? 302 DCA A CAP 1 
HETATM 1621 O  OAP . DCA C 3 .   ? -7.026  14.437  -6.981  1.00 38.04 ? 302 DCA A OAP 1 
HETATM 1622 C  C9P . DCA C 3 .   ? -6.084  12.194  -7.229  1.00 38.04 ? 302 DCA A C9P 1 
HETATM 1623 O  O9P . DCA C 3 .   ? -5.461  12.066  -6.191  1.00 38.04 ? 302 DCA A O9P 1 
HETATM 1624 N  N8P . DCA C 3 .   ? -5.776  11.582  -8.398  1.00 38.04 ? 302 DCA A N8P 1 
HETATM 1625 C  C7P . DCA C 3 .   ? -4.643  10.684  -8.594  1.00 38.04 ? 302 DCA A C7P 1 
HETATM 1626 C  C6P . DCA C 3 .   ? -3.789  11.140  -9.804  1.00 38.04 ? 302 DCA A C6P 1 
HETATM 1627 C  C5P . DCA C 3 .   ? -2.327  10.694  -9.749  1.00 38.04 ? 302 DCA A C5P 1 
HETATM 1628 O  O5P . DCA C 3 .   ? -1.579  11.000  -8.799  1.00 38.04 ? 302 DCA A O5P 1 
HETATM 1629 N  N4P . DCA C 3 .   ? -1.918  9.946   -10.812 1.00 38.04 ? 302 DCA A N4P 1 
HETATM 1630 C  C3P . DCA C 3 .   ? -0.567  9.419   -10.956 1.00 38.04 ? 302 DCA A C3P 1 
HETATM 1631 C  C2P . DCA C 3 .   ? -0.585  7.906   -11.242 1.00 38.04 ? 302 DCA A C2P 1 
# 
